data_7SG8
# 
_entry.id   7SG8 
# 
_audit_conform.dict_name       mmcif_pdbx.dic 
_audit_conform.dict_version    5.380 
_audit_conform.dict_location   http://mmcif.pdb.org/dictionaries/ascii/mmcif_pdbx.dic 
# 
loop_
_database_2.database_id 
_database_2.database_code 
_database_2.pdbx_database_accession 
_database_2.pdbx_DOI 
PDB   7SG8         pdb_00007sg8 10.2210/pdb7sg8/pdb 
WWPDB D_1000260093 ?            ?                   
# 
_pdbx_database_related.db_name        PDB 
_pdbx_database_related.details        'Contains a different base pair in the same motif.' 
_pdbx_database_related.db_id          7SD6 
_pdbx_database_related.content_type   unspecified 
# 
_pdbx_database_status.status_code                     REL 
_pdbx_database_status.status_code_sf                  REL 
_pdbx_database_status.status_code_mr                  ? 
_pdbx_database_status.entry_id                        7SG8 
_pdbx_database_status.recvd_initial_deposition_date   2021-10-05 
_pdbx_database_status.SG_entry                        N 
_pdbx_database_status.deposit_site                    RCSB 
_pdbx_database_status.process_site                    RCSB 
_pdbx_database_status.status_code_cs                  ? 
_pdbx_database_status.status_code_nmr_data            ? 
_pdbx_database_status.methods_development_category    ? 
_pdbx_database_status.pdb_format_compatible           Y 
# 
loop_
_audit_author.name 
_audit_author.pdbx_ordinal 
_audit_author.identifier_ORCID 
'Vecchioni, S.' 1 0000-0001-8243-650X 
'Lu, B.'        2 0000-0001-6424-2197 
'Bernfeld, W.'  3 0000-0001-8816-076X 
'Seeman, N.C.'  4 0000-0002-9680-4649 
'Sha, R.'       5 0000-0002-0807-734X 
'Ohayon, Y.P.'  6 0000-0001-7500-4282 
# 
_citation.abstract                  ? 
_citation.abstract_id_CAS           ? 
_citation.book_id_ISBN              ? 
_citation.book_publisher            ? 
_citation.book_publisher_city       ? 
_citation.book_title                ? 
_citation.coordinate_linkage        ? 
_citation.country                   ? 
_citation.database_id_Medline       ? 
_citation.details                   ? 
_citation.id                        primary 
_citation.journal_abbrev            'Adv Mater' 
_citation.journal_id_ASTM           ? 
_citation.journal_id_CSD            ? 
_citation.journal_id_ISSN           1521-4095 
_citation.journal_full              ? 
_citation.journal_issue             ? 
_citation.journal_volume            ? 
_citation.language                  ? 
_citation.page_first                e2201938 
_citation.page_last                 e2201938 
_citation.title                     'Metal-Mediated DNA Nanotechnology in 3D: Structural Library by Templated Diffraction.' 
_citation.year                      2023 
_citation.database_id_CSD           ? 
_citation.pdbx_database_id_DOI      10.1002/adma.202201938 
_citation.pdbx_database_id_PubMed   36939292 
_citation.pdbx_database_id_patent   ? 
_citation.unpublished_flag          ? 
# 
loop_
_citation_author.citation_id 
_citation_author.name 
_citation_author.ordinal 
_citation_author.identifier_ORCID 
primary 'Vecchioni, S.'     1  ? 
primary 'Lu, B.'            2  ? 
primary 'Livernois, W.'     3  ? 
primary 'Ohayon, Y.P.'      4  ? 
primary 'Yoder, J.B.'       5  ? 
primary 'Yang, C.F.'        6  ? 
primary 'Woloszyn, K.'      7  ? 
primary 'Bernfeld, W.'      8  ? 
primary 'Anantram, M.P.'    9  ? 
primary 'Canary, J.W.'      10 ? 
primary 'Hendrickson, W.A.' 11 ? 
primary 'Rothschild, L.J.'  12 ? 
primary 'Mao, C.'           13 ? 
primary 'Wind, S.J.'        14 ? 
primary 'Seeman, N.C.'      15 ? 
primary 'Sha, R.'           16 ? 
# 
_cell.angle_alpha                  90.000 
_cell.angle_alpha_esd              ? 
_cell.angle_beta                   90.000 
_cell.angle_beta_esd               ? 
_cell.angle_gamma                  120.000 
_cell.angle_gamma_esd              ? 
_cell.entry_id                     7SG8 
_cell.details                      ? 
_cell.formula_units_Z              ? 
_cell.length_a                     106.887 
_cell.length_a_esd                 ? 
_cell.length_b                     106.887 
_cell.length_b_esd                 ? 
_cell.length_c                     94.594 
_cell.length_c_esd                 ? 
_cell.volume                       935931.357 
_cell.volume_esd                   ? 
_cell.Z_PDB                        9 
_cell.reciprocal_angle_alpha       ? 
_cell.reciprocal_angle_beta        ? 
_cell.reciprocal_angle_gamma       ? 
_cell.reciprocal_angle_alpha_esd   ? 
_cell.reciprocal_angle_beta_esd    ? 
_cell.reciprocal_angle_gamma_esd   ? 
_cell.reciprocal_length_a          ? 
_cell.reciprocal_length_b          ? 
_cell.reciprocal_length_c          ? 
_cell.reciprocal_length_a_esd      ? 
_cell.reciprocal_length_b_esd      ? 
_cell.reciprocal_length_c_esd      ? 
_cell.pdbx_unique_axis             ? 
# 
_symmetry.entry_id                         7SG8 
_symmetry.cell_setting                     ? 
_symmetry.Int_Tables_number                146 
_symmetry.space_group_name_Hall            'R 3' 
_symmetry.space_group_name_H-M             'H 3' 
_symmetry.pdbx_full_space_group_name_H-M   ? 
# 
loop_
_entity.id 
_entity.type 
_entity.src_method 
_entity.pdbx_description 
_entity.formula_weight 
_entity.pdbx_number_of_molecules 
_entity.pdbx_ec 
_entity.pdbx_mutation 
_entity.pdbx_fragment 
_entity.details 
1 polymer syn 
;DNA (5'-D(*GP*AP*GP*CP*AP*GP*CP*CP*TP*GP*TP*TP*TP*GP*GP*AP*CP*AP*TP*CP*A)-3')
;
6463.185 1 ? ? ? ? 
2 polymer syn 
;DNA (5'-D(P*CP*CP*AP*TP*AP*CP*A)-3')
;
2066.401 1 ? ? ? ? 
3 polymer syn 
;DNA (5'-D(P*GP*GP*CP*TP*GP*CP*T)-3')
;
2129.409 1 ? ? ? ? 
4 polymer syn 
;DNA (5'-D(P*CP*TP*GP*AP*TP*GP*T)-3')
;
2128.421 1 ? ? ? ? 
# 
loop_
_entity_poly.entity_id 
_entity_poly.type 
_entity_poly.nstd_linkage 
_entity_poly.nstd_monomer 
_entity_poly.pdbx_seq_one_letter_code 
_entity_poly.pdbx_seq_one_letter_code_can 
_entity_poly.pdbx_strand_id 
_entity_poly.pdbx_target_identifier 
1 polydeoxyribonucleotide no no 
;(DG)(DA)(DG)(DC)(DA)(DG)(DC)(DC)(DT)(DG)(DT)(DT)(DT)(DG)(DG)(DA)(DC)(DA)(DT)(DC)
(DA)
;
GAGCAGCCTGTTTGGACATCA A ? 
2 polydeoxyribonucleotide no no '(DC)(DC)(DA)(DT)(DA)(DC)(DA)'                                                          CCATACA B 
? 
3 polydeoxyribonucleotide no no '(DG)(DG)(DC)(DT)(DG)(DC)(DT)'                                                          GGCTGCT C 
? 
4 polydeoxyribonucleotide no no '(DC)(DT)(DG)(DA)(DT)(DG)(DT)'                                                          CTGATGT D 
? 
# 
loop_
_entity_poly_seq.entity_id 
_entity_poly_seq.num 
_entity_poly_seq.mon_id 
_entity_poly_seq.hetero 
1 1  DG n 
1 2  DA n 
1 3  DG n 
1 4  DC n 
1 5  DA n 
1 6  DG n 
1 7  DC n 
1 8  DC n 
1 9  DT n 
1 10 DG n 
1 11 DT n 
1 12 DT n 
1 13 DT n 
1 14 DG n 
1 15 DG n 
1 16 DA n 
1 17 DC n 
1 18 DA n 
1 19 DT n 
1 20 DC n 
1 21 DA n 
2 1  DC n 
2 2  DC n 
2 3  DA n 
2 4  DT n 
2 5  DA n 
2 6  DC n 
2 7  DA n 
3 1  DG n 
3 2  DG n 
3 3  DC n 
3 4  DT n 
3 5  DG n 
3 6  DC n 
3 7  DT n 
4 1  DC n 
4 2  DT n 
4 3  DG n 
4 4  DA n 
4 5  DT n 
4 6  DG n 
4 7  DT n 
# 
loop_
_pdbx_entity_src_syn.entity_id 
_pdbx_entity_src_syn.pdbx_src_id 
_pdbx_entity_src_syn.pdbx_alt_source_flag 
_pdbx_entity_src_syn.pdbx_beg_seq_num 
_pdbx_entity_src_syn.pdbx_end_seq_num 
_pdbx_entity_src_syn.organism_scientific 
_pdbx_entity_src_syn.organism_common_name 
_pdbx_entity_src_syn.ncbi_taxonomy_id 
_pdbx_entity_src_syn.details 
1 1 sample 1 21 'synthetic construct' ? 32630 ? 
2 1 sample 1 7  'synthetic construct' ? 32630 ? 
3 1 sample 1 7  'synthetic construct' ? 32630 ? 
4 1 sample 1 7  'synthetic construct' ? 32630 ? 
# 
loop_
_struct_ref.id 
_struct_ref.db_name 
_struct_ref.db_code 
_struct_ref.pdbx_db_accession 
_struct_ref.pdbx_db_isoform 
_struct_ref.entity_id 
_struct_ref.pdbx_seq_one_letter_code 
_struct_ref.pdbx_align_begin 
1 PDB 7SG8 7SG8 ? 1 ? 1 
2 PDB 7SG8 7SG8 ? 2 ? 1 
3 PDB 7SG8 7SG8 ? 3 ? 1 
4 PDB 7SG8 7SG8 ? 4 ? 1 
# 
loop_
_struct_ref_seq.align_id 
_struct_ref_seq.ref_id 
_struct_ref_seq.pdbx_PDB_id_code 
_struct_ref_seq.pdbx_strand_id 
_struct_ref_seq.seq_align_beg 
_struct_ref_seq.pdbx_seq_align_beg_ins_code 
_struct_ref_seq.seq_align_end 
_struct_ref_seq.pdbx_seq_align_end_ins_code 
_struct_ref_seq.pdbx_db_accession 
_struct_ref_seq.db_align_beg 
_struct_ref_seq.pdbx_db_align_beg_ins_code 
_struct_ref_seq.db_align_end 
_struct_ref_seq.pdbx_db_align_end_ins_code 
_struct_ref_seq.pdbx_auth_seq_align_beg 
_struct_ref_seq.pdbx_auth_seq_align_end 
1 1 7SG8 A 1 ? 21 ? 7SG8 1 ? 21 ? 1 21 
2 2 7SG8 B 1 ? 7  ? 7SG8 1 ? 7  ? 1 7  
3 3 7SG8 C 1 ? 7  ? 7SG8 8 ? 14 ? 8 14 
4 4 7SG8 D 1 ? 7  ? 7SG8 1 ? 7  ? 1 7  
# 
loop_
_chem_comp.id 
_chem_comp.type 
_chem_comp.mon_nstd_flag 
_chem_comp.name 
_chem_comp.pdbx_synonyms 
_chem_comp.formula 
_chem_comp.formula_weight 
DA 'DNA linking' y "2'-DEOXYADENOSINE-5'-MONOPHOSPHATE" ? 'C10 H14 N5 O6 P' 331.222 
DC 'DNA linking' y "2'-DEOXYCYTIDINE-5'-MONOPHOSPHATE"  ? 'C9 H14 N3 O7 P'  307.197 
DG 'DNA linking' y "2'-DEOXYGUANOSINE-5'-MONOPHOSPHATE" ? 'C10 H14 N5 O7 P' 347.221 
DT 'DNA linking' y "THYMIDINE-5'-MONOPHOSPHATE"         ? 'C10 H15 N2 O8 P' 322.208 
# 
_exptl.absorpt_coefficient_mu     ? 
_exptl.absorpt_correction_T_max   ? 
_exptl.absorpt_correction_T_min   ? 
_exptl.absorpt_correction_type    ? 
_exptl.absorpt_process_details    ? 
_exptl.entry_id                   7SG8 
_exptl.crystals_number            1 
_exptl.details                    ? 
_exptl.method                     'X-RAY DIFFRACTION' 
_exptl.method_details             ? 
# 
_exptl_crystal.colour                      ? 
_exptl_crystal.density_diffrn              ? 
_exptl_crystal.density_Matthews            8.41 
_exptl_crystal.density_method              ? 
_exptl_crystal.density_percent_sol         ? 
_exptl_crystal.description                 Rhombohedral 
_exptl_crystal.F_000                       ? 
_exptl_crystal.id                          1 
_exptl_crystal.preparation                 ? 
_exptl_crystal.size_max                    ? 
_exptl_crystal.size_mid                    ? 
_exptl_crystal.size_min                    ? 
_exptl_crystal.size_rad                    ? 
_exptl_crystal.colour_lustre               ? 
_exptl_crystal.colour_modifier             ? 
_exptl_crystal.colour_primary              ? 
_exptl_crystal.density_meas                ? 
_exptl_crystal.density_meas_esd            ? 
_exptl_crystal.density_meas_gt             ? 
_exptl_crystal.density_meas_lt             ? 
_exptl_crystal.density_meas_temp           ? 
_exptl_crystal.density_meas_temp_esd       ? 
_exptl_crystal.density_meas_temp_gt        ? 
_exptl_crystal.density_meas_temp_lt        ? 
_exptl_crystal.pdbx_crystal_image_url      ? 
_exptl_crystal.pdbx_crystal_image_format   ? 
_exptl_crystal.pdbx_mosaicity              ? 
_exptl_crystal.pdbx_mosaicity_esd          ? 
# 
_exptl_crystal_grow.apparatus       ? 
_exptl_crystal_grow.atmosphere      ? 
_exptl_crystal_grow.crystal_id      1 
_exptl_crystal_grow.details         ? 
_exptl_crystal_grow.method          'VAPOR DIFFUSION, HANGING DROP' 
_exptl_crystal_grow.method_ref      ? 
_exptl_crystal_grow.pH              7.8 
_exptl_crystal_grow.pressure        ? 
_exptl_crystal_grow.pressure_esd    ? 
_exptl_crystal_grow.seeding         ? 
_exptl_crystal_grow.seeding_ref     ? 
_exptl_crystal_grow.temp            293 
_exptl_crystal_grow.temp_details    '338-293 at 0.4/hr' 
_exptl_crystal_grow.temp_esd        ? 
_exptl_crystal_grow.time            ? 
_exptl_crystal_grow.pdbx_details    'MOPS, Magnesium sulfate' 
_exptl_crystal_grow.pdbx_pH_range   ? 
# 
_diffrn.ambient_environment              ? 
_diffrn.ambient_temp                     100 
_diffrn.ambient_temp_details             ? 
_diffrn.ambient_temp_esd                 ? 
_diffrn.crystal_id                       1 
_diffrn.crystal_support                  ? 
_diffrn.crystal_treatment                ? 
_diffrn.details                          ? 
_diffrn.id                               1 
_diffrn.ambient_pressure                 ? 
_diffrn.ambient_pressure_esd             ? 
_diffrn.ambient_pressure_gt              ? 
_diffrn.ambient_pressure_lt              ? 
_diffrn.ambient_temp_gt                  ? 
_diffrn.ambient_temp_lt                  ? 
_diffrn.pdbx_serial_crystal_experiment   N 
# 
_diffrn_detector.details                      ? 
_diffrn_detector.detector                     PIXEL 
_diffrn_detector.diffrn_id                    1 
_diffrn_detector.type                         'DECTRIS EIGER2 X 9M' 
_diffrn_detector.area_resol_mean              ? 
_diffrn_detector.dtime                        ? 
_diffrn_detector.pdbx_frames_total            ? 
_diffrn_detector.pdbx_collection_time_total   ? 
_diffrn_detector.pdbx_collection_date         2020-10-24 
_diffrn_detector.pdbx_frequency               ? 
# 
_diffrn_radiation.collimation                      ? 
_diffrn_radiation.diffrn_id                        1 
_diffrn_radiation.filter_edge                      ? 
_diffrn_radiation.inhomogeneity                    ? 
_diffrn_radiation.monochromator                    ? 
_diffrn_radiation.polarisn_norm                    ? 
_diffrn_radiation.polarisn_ratio                   ? 
_diffrn_radiation.probe                            ? 
_diffrn_radiation.type                             ? 
_diffrn_radiation.xray_symbol                      ? 
_diffrn_radiation.wavelength_id                    1 
_diffrn_radiation.pdbx_monochromatic_or_laue_m_l   M 
_diffrn_radiation.pdbx_wavelength_list             ? 
_diffrn_radiation.pdbx_wavelength                  ? 
_diffrn_radiation.pdbx_diffrn_protocol             'SINGLE WAVELENGTH' 
_diffrn_radiation.pdbx_analyzer                    ? 
_diffrn_radiation.pdbx_scattering_type             x-ray 
# 
_diffrn_radiation_wavelength.id           1 
_diffrn_radiation_wavelength.wavelength   1.00743 
_diffrn_radiation_wavelength.wt           1.0 
# 
_diffrn_source.current                     ? 
_diffrn_source.details                     ? 
_diffrn_source.diffrn_id                   1 
_diffrn_source.power                       ? 
_diffrn_source.size                        ? 
_diffrn_source.source                      SYNCHROTRON 
_diffrn_source.target                      ? 
_diffrn_source.type                        'APS BEAMLINE 17-ID' 
_diffrn_source.voltage                     ? 
_diffrn_source.take-off_angle              ? 
_diffrn_source.pdbx_wavelength_list        1.00743 
_diffrn_source.pdbx_wavelength             ? 
_diffrn_source.pdbx_synchrotron_beamline   17-ID 
_diffrn_source.pdbx_synchrotron_site       APS 
# 
_reflns.B_iso_Wilson_estimate                          227.38 
_reflns.entry_id                                       7SG8 
_reflns.data_reduction_details                         ? 
_reflns.data_reduction_method                          ? 
_reflns.d_resolution_high                              3.71 
_reflns.d_resolution_low                               66.160 
_reflns.details                                        ? 
_reflns.limit_h_max                                    ? 
_reflns.limit_h_min                                    ? 
_reflns.limit_k_max                                    ? 
_reflns.limit_k_min                                    ? 
_reflns.limit_l_max                                    ? 
_reflns.limit_l_min                                    ? 
_reflns.number_all                                     ? 
_reflns.number_obs                                     3226 
_reflns.observed_criterion                             ? 
_reflns.observed_criterion_F_max                       ? 
_reflns.observed_criterion_F_min                       ? 
_reflns.observed_criterion_I_max                       ? 
_reflns.observed_criterion_I_min                       ? 
_reflns.observed_criterion_sigma_F                     ? 
_reflns.observed_criterion_sigma_I                     ? 
_reflns.percent_possible_obs                           89.4 
_reflns.R_free_details                                 ? 
_reflns.Rmerge_F_all                                   ? 
_reflns.Rmerge_F_obs                                   ? 
_reflns.Friedel_coverage                               ? 
_reflns.number_gt                                      ? 
_reflns.threshold_expression                           ? 
_reflns.pdbx_redundancy                                11.4 
_reflns.pdbx_Rmerge_I_obs                              ? 
_reflns.pdbx_Rmerge_I_all                              ? 
_reflns.pdbx_Rsym_value                                ? 
_reflns.pdbx_netI_over_av_sigmaI                       ? 
_reflns.pdbx_netI_over_sigmaI                          10.6 
_reflns.pdbx_res_netI_over_av_sigmaI_2                 ? 
_reflns.pdbx_res_netI_over_sigmaI_2                    ? 
_reflns.pdbx_chi_squared                               ? 
_reflns.pdbx_scaling_rejects                           ? 
_reflns.pdbx_d_res_high_opt                            ? 
_reflns.pdbx_d_res_low_opt                             ? 
_reflns.pdbx_d_res_opt_method                          ? 
_reflns.phase_calculation_details                      ? 
_reflns.pdbx_Rrim_I_all                                ? 
_reflns.pdbx_Rpim_I_all                                ? 
_reflns.pdbx_d_opt                                     ? 
_reflns.pdbx_number_measured_all                       ? 
_reflns.pdbx_diffrn_id                                 1 
_reflns.pdbx_ordinal                                   1 
_reflns.pdbx_CC_half                                   0.999 
_reflns.pdbx_CC_star                                   ? 
_reflns.pdbx_R_split                                   ? 
_reflns.pdbx_aniso_diffraction_limit_axis_1_ortho[1]   ? 
_reflns.pdbx_aniso_diffraction_limit_axis_1_ortho[2]   ? 
_reflns.pdbx_aniso_diffraction_limit_axis_1_ortho[3]   ? 
_reflns.pdbx_aniso_diffraction_limit_axis_2_ortho[1]   ? 
_reflns.pdbx_aniso_diffraction_limit_axis_2_ortho[2]   ? 
_reflns.pdbx_aniso_diffraction_limit_axis_2_ortho[3]   ? 
_reflns.pdbx_aniso_diffraction_limit_axis_3_ortho[1]   ? 
_reflns.pdbx_aniso_diffraction_limit_axis_3_ortho[2]   ? 
_reflns.pdbx_aniso_diffraction_limit_axis_3_ortho[3]   ? 
_reflns.pdbx_aniso_diffraction_limit_1                 ? 
_reflns.pdbx_aniso_diffraction_limit_2                 ? 
_reflns.pdbx_aniso_diffraction_limit_3                 ? 
_reflns.pdbx_aniso_B_tensor_eigenvector_1_ortho[1]     ? 
_reflns.pdbx_aniso_B_tensor_eigenvector_1_ortho[2]     ? 
_reflns.pdbx_aniso_B_tensor_eigenvector_1_ortho[3]     ? 
_reflns.pdbx_aniso_B_tensor_eigenvector_2_ortho[1]     ? 
_reflns.pdbx_aniso_B_tensor_eigenvector_2_ortho[2]     ? 
_reflns.pdbx_aniso_B_tensor_eigenvector_2_ortho[3]     ? 
_reflns.pdbx_aniso_B_tensor_eigenvector_3_ortho[1]     ? 
_reflns.pdbx_aniso_B_tensor_eigenvector_3_ortho[2]     ? 
_reflns.pdbx_aniso_B_tensor_eigenvector_3_ortho[3]     ? 
_reflns.pdbx_aniso_B_tensor_eigenvalue_1               ? 
_reflns.pdbx_aniso_B_tensor_eigenvalue_2               ? 
_reflns.pdbx_aniso_B_tensor_eigenvalue_3               ? 
_reflns.pdbx_orthogonalization_convention              ? 
_reflns.pdbx_percent_possible_ellipsoidal              ? 
_reflns.pdbx_percent_possible_spherical                ? 
_reflns.pdbx_percent_possible_ellipsoidal_anomalous    ? 
_reflns.pdbx_percent_possible_spherical_anomalous      ? 
_reflns.pdbx_redundancy_anomalous                      ? 
_reflns.pdbx_CC_half_anomalous                         ? 
_reflns.pdbx_absDiff_over_sigma_anomalous              ? 
_reflns.pdbx_percent_possible_anomalous                ? 
_reflns.pdbx_observed_signal_threshold                 ? 
_reflns.pdbx_signal_type                               ? 
_reflns.pdbx_signal_details                            ? 
_reflns.pdbx_signal_software_id                        ? 
# 
loop_
_reflns_shell.d_res_high 
_reflns_shell.d_res_low 
_reflns_shell.meanI_over_sigI_all 
_reflns_shell.meanI_over_sigI_obs 
_reflns_shell.number_measured_all 
_reflns_shell.number_measured_obs 
_reflns_shell.number_possible 
_reflns_shell.number_unique_all 
_reflns_shell.number_unique_obs 
_reflns_shell.percent_possible_all 
_reflns_shell.percent_possible_obs 
_reflns_shell.Rmerge_F_all 
_reflns_shell.Rmerge_F_obs 
_reflns_shell.Rmerge_I_all 
_reflns_shell.Rmerge_I_obs 
_reflns_shell.meanI_over_sigI_gt 
_reflns_shell.meanI_over_uI_all 
_reflns_shell.meanI_over_uI_gt 
_reflns_shell.number_measured_gt 
_reflns_shell.number_unique_gt 
_reflns_shell.percent_possible_gt 
_reflns_shell.Rmerge_F_gt 
_reflns_shell.Rmerge_I_gt 
_reflns_shell.pdbx_redundancy 
_reflns_shell.pdbx_Rsym_value 
_reflns_shell.pdbx_chi_squared 
_reflns_shell.pdbx_netI_over_sigmaI_all 
_reflns_shell.pdbx_netI_over_sigmaI_obs 
_reflns_shell.pdbx_Rrim_I_all 
_reflns_shell.pdbx_Rpim_I_all 
_reflns_shell.pdbx_rejects 
_reflns_shell.pdbx_ordinal 
_reflns_shell.pdbx_diffrn_id 
_reflns_shell.pdbx_CC_half 
_reflns_shell.pdbx_CC_star 
_reflns_shell.pdbx_R_split 
_reflns_shell.pdbx_percent_possible_ellipsoidal 
_reflns_shell.pdbx_percent_possible_spherical 
_reflns_shell.pdbx_percent_possible_ellipsoidal_anomalous 
_reflns_shell.pdbx_percent_possible_spherical_anomalous 
_reflns_shell.pdbx_redundancy_anomalous 
_reflns_shell.pdbx_CC_half_anomalous 
_reflns_shell.pdbx_absDiff_over_sigma_anomalous 
_reflns_shell.pdbx_percent_possible_anomalous 
3.71   3.978  ? 0.9  ? ? ? ? 207 ?    ? ? ? ? ? ? ? ? ? ? ? ? ? ? ? ? ? ? ? ? ? 1 1 0.115 ? ? ? ? ? ? ? ? ? ? 
10.313 66.160 ? 29.4 ? ? ? ? 203 99.5 ? ? ? ? ? ? ? ? ? ? ? ? ? ? ? ? ? ? ? ? ? 2 1 0.999 ? ? ? ? ? ? ? ? ? ? 
# 
_refine.aniso_B[1][1]                            ? 
_refine.aniso_B[1][2]                            ? 
_refine.aniso_B[1][3]                            ? 
_refine.aniso_B[2][2]                            ? 
_refine.aniso_B[2][3]                            ? 
_refine.aniso_B[3][3]                            ? 
_refine.B_iso_max                                ? 
_refine.B_iso_mean                               234.89 
_refine.B_iso_min                                ? 
_refine.correlation_coeff_Fo_to_Fc               ? 
_refine.correlation_coeff_Fo_to_Fc_free          ? 
_refine.details                                  ? 
_refine.diff_density_max                         ? 
_refine.diff_density_max_esd                     ? 
_refine.diff_density_min                         ? 
_refine.diff_density_min_esd                     ? 
_refine.diff_density_rms                         ? 
_refine.diff_density_rms_esd                     ? 
_refine.entry_id                                 7SG8 
_refine.pdbx_refine_id                           'X-RAY DIFFRACTION' 
_refine.ls_abs_structure_details                 ? 
_refine.ls_abs_structure_Flack                   ? 
_refine.ls_abs_structure_Flack_esd               ? 
_refine.ls_abs_structure_Rogers                  ? 
_refine.ls_abs_structure_Rogers_esd              ? 
_refine.ls_d_res_high                            3.71 
_refine.ls_d_res_low                             33.08 
_refine.ls_extinction_coef                       ? 
_refine.ls_extinction_coef_esd                   ? 
_refine.ls_extinction_expression                 ? 
_refine.ls_extinction_method                     ? 
_refine.ls_goodness_of_fit_all                   ? 
_refine.ls_goodness_of_fit_all_esd               ? 
_refine.ls_goodness_of_fit_obs                   ? 
_refine.ls_goodness_of_fit_obs_esd               ? 
_refine.ls_hydrogen_treatment                    ? 
_refine.ls_matrix_type                           ? 
_refine.ls_number_constraints                    ? 
_refine.ls_number_parameters                     ? 
_refine.ls_number_reflns_all                     ? 
_refine.ls_number_reflns_obs                     3190 
_refine.ls_number_reflns_R_free                  145 
_refine.ls_number_reflns_R_work                  3045 
_refine.ls_number_restraints                     ? 
_refine.ls_percent_reflns_obs                    74.74 
_refine.ls_percent_reflns_R_free                 4.55 
_refine.ls_R_factor_all                          ? 
_refine.ls_R_factor_obs                          0.1769 
_refine.ls_R_factor_R_free                       0.1871 
_refine.ls_R_factor_R_free_error                 ? 
_refine.ls_R_factor_R_free_error_details         ? 
_refine.ls_R_factor_R_work                       0.1763 
_refine.ls_R_Fsqd_factor_obs                     ? 
_refine.ls_R_I_factor_obs                        ? 
_refine.ls_redundancy_reflns_all                 ? 
_refine.ls_redundancy_reflns_obs                 ? 
_refine.ls_restrained_S_all                      ? 
_refine.ls_restrained_S_obs                      ? 
_refine.ls_shift_over_esd_max                    ? 
_refine.ls_shift_over_esd_mean                   ? 
_refine.ls_structure_factor_coef                 ? 
_refine.ls_weighting_details                     ? 
_refine.ls_weighting_scheme                      ? 
_refine.ls_wR_factor_all                         ? 
_refine.ls_wR_factor_obs                         ? 
_refine.ls_wR_factor_R_free                      ? 
_refine.ls_wR_factor_R_work                      ? 
_refine.occupancy_max                            ? 
_refine.occupancy_min                            ? 
_refine.solvent_model_details                    'FLAT BULK SOLVENT MODEL' 
_refine.solvent_model_param_bsol                 ? 
_refine.solvent_model_param_ksol                 ? 
_refine.pdbx_R_complete                          ? 
_refine.ls_R_factor_gt                           ? 
_refine.ls_goodness_of_fit_gt                    ? 
_refine.ls_goodness_of_fit_ref                   ? 
_refine.ls_shift_over_su_max                     ? 
_refine.ls_shift_over_su_max_lt                  ? 
_refine.ls_shift_over_su_mean                    ? 
_refine.ls_shift_over_su_mean_lt                 ? 
_refine.pdbx_ls_sigma_I                          ? 
_refine.pdbx_ls_sigma_F                          1.96 
_refine.pdbx_ls_sigma_Fsqd                       ? 
_refine.pdbx_data_cutoff_high_absF               ? 
_refine.pdbx_data_cutoff_high_rms_absF           ? 
_refine.pdbx_data_cutoff_low_absF                ? 
_refine.pdbx_isotropic_thermal_model             ? 
_refine.pdbx_ls_cross_valid_method               'FREE R-VALUE' 
_refine.pdbx_method_to_determine_struct          'MOLECULAR REPLACEMENT' 
_refine.pdbx_starting_model                      5W6W 
_refine.pdbx_stereochemistry_target_values       'GeoStd + Monomer Library + CDL v1.2' 
_refine.pdbx_R_Free_selection_details            ? 
_refine.pdbx_stereochem_target_val_spec_case     ? 
_refine.pdbx_overall_ESU_R                       ? 
_refine.pdbx_overall_ESU_R_Free                  ? 
_refine.pdbx_solvent_vdw_probe_radii             1.1100 
_refine.pdbx_solvent_ion_probe_radii             ? 
_refine.pdbx_solvent_shrinkage_radii             0.9000 
_refine.pdbx_real_space_R                        ? 
_refine.pdbx_density_correlation                 ? 
_refine.pdbx_pd_number_of_powder_patterns        ? 
_refine.pdbx_pd_number_of_points                 ? 
_refine.pdbx_pd_meas_number_of_points            ? 
_refine.pdbx_pd_proc_ls_prof_R_factor            ? 
_refine.pdbx_pd_proc_ls_prof_wR_factor           ? 
_refine.pdbx_pd_Marquardt_correlation_coeff      ? 
_refine.pdbx_pd_Fsqrd_R_factor                   ? 
_refine.pdbx_pd_ls_matrix_band_width             ? 
_refine.pdbx_overall_phase_error                 29.9876 
_refine.pdbx_overall_SU_R_free_Cruickshank_DPI   ? 
_refine.pdbx_overall_SU_R_free_Blow_DPI          ? 
_refine.pdbx_overall_SU_R_Blow_DPI               ? 
_refine.pdbx_TLS_residual_ADP_flag               ? 
_refine.pdbx_diffrn_id                           1 
_refine.overall_SU_B                             ? 
_refine.overall_SU_ML                            0.0000 
_refine.overall_SU_R_Cruickshank_DPI             ? 
_refine.overall_SU_R_free                        ? 
_refine.overall_FOM_free_R_set                   ? 
_refine.overall_FOM_work_R_set                   ? 
_refine.pdbx_average_fsc_overall                 ? 
_refine.pdbx_average_fsc_work                    ? 
_refine.pdbx_average_fsc_free                    ? 
# 
_refine_hist.pdbx_refine_id                   'X-RAY DIFFRACTION' 
_refine_hist.cycle_id                         LAST 
_refine_hist.details                          ? 
_refine_hist.d_res_high                       3.71 
_refine_hist.d_res_low                        33.08 
_refine_hist.number_atoms_solvent             0 
_refine_hist.number_atoms_total               858 
_refine_hist.number_reflns_all                ? 
_refine_hist.number_reflns_obs                ? 
_refine_hist.number_reflns_R_free             ? 
_refine_hist.number_reflns_R_work             ? 
_refine_hist.R_factor_all                     ? 
_refine_hist.R_factor_obs                     ? 
_refine_hist.R_factor_R_free                  ? 
_refine_hist.R_factor_R_work                  ? 
_refine_hist.pdbx_number_residues_total       ? 
_refine_hist.pdbx_B_iso_mean_ligand           ? 
_refine_hist.pdbx_B_iso_mean_solvent          ? 
_refine_hist.pdbx_number_atoms_protein        0 
_refine_hist.pdbx_number_atoms_nucleic_acid   858 
_refine_hist.pdbx_number_atoms_ligand         0 
_refine_hist.pdbx_number_atoms_lipid          ? 
_refine_hist.pdbx_number_atoms_carb           ? 
_refine_hist.pdbx_pseudo_atom_details         ? 
# 
loop_
_refine_ls_restr.pdbx_refine_id 
_refine_ls_restr.criterion 
_refine_ls_restr.dev_ideal 
_refine_ls_restr.dev_ideal_target 
_refine_ls_restr.number 
_refine_ls_restr.rejects 
_refine_ls_restr.type 
_refine_ls_restr.weight 
_refine_ls_restr.pdbx_restraint_function 
'X-RAY DIFFRACTION' ? 0.0079  ? 958  ? f_bond_d           ? ? 
'X-RAY DIFFRACTION' ? 1.0492  ? 1471 ? f_angle_d          ? ? 
'X-RAY DIFFRACTION' ? 0.0539  ? 167  ? f_chiral_restr     ? ? 
'X-RAY DIFFRACTION' ? 0.0050  ? 42   ? f_plane_restr      ? ? 
'X-RAY DIFFRACTION' ? 37.7463 ? 407  ? f_dihedral_angle_d ? ? 
# 
_refine_ls_shell.pdbx_refine_id                   'X-RAY DIFFRACTION' 
_refine_ls_shell.d_res_high                       3.71 
_refine_ls_shell.d_res_low                        33.08 
_refine_ls_shell.number_reflns_all                ? 
_refine_ls_shell.number_reflns_obs                ? 
_refine_ls_shell.number_reflns_R_free             145 
_refine_ls_shell.number_reflns_R_work             3045 
_refine_ls_shell.percent_reflns_obs               74.74 
_refine_ls_shell.percent_reflns_R_free            ? 
_refine_ls_shell.R_factor_all                     ? 
_refine_ls_shell.R_factor_obs                     ? 
_refine_ls_shell.R_factor_R_free                  0.1871 
_refine_ls_shell.R_factor_R_free_error            ? 
_refine_ls_shell.R_factor_R_work                  0.1763 
_refine_ls_shell.redundancy_reflns_all            ? 
_refine_ls_shell.redundancy_reflns_obs            ? 
_refine_ls_shell.wR_factor_all                    ? 
_refine_ls_shell.wR_factor_obs                    ? 
_refine_ls_shell.wR_factor_R_free                 ? 
_refine_ls_shell.wR_factor_R_work                 ? 
_refine_ls_shell.pdbx_R_complete                  ? 
_refine_ls_shell.pdbx_total_number_of_bins_used   ? 
_refine_ls_shell.pdbx_phase_error                 ? 
_refine_ls_shell.pdbx_fsc_work                    ? 
_refine_ls_shell.pdbx_fsc_free                    ? 
# 
_struct.entry_id                     7SG8 
_struct.title                        '[T-T] DNA mismatch in a self-assembling rhombohedral lattice' 
_struct.pdbx_model_details           ? 
_struct.pdbx_formula_weight          ? 
_struct.pdbx_formula_weight_method   ? 
_struct.pdbx_model_type_details      ? 
_struct.pdbx_CASP_flag               N 
# 
_struct_keywords.entry_id        7SG8 
_struct_keywords.text            'Tensegrity triangle, self-assembling crystal, metal-mediated mismatch, DNA' 
_struct_keywords.pdbx_keywords   DNA 
# 
loop_
_struct_asym.id 
_struct_asym.pdbx_blank_PDB_chainid_flag 
_struct_asym.pdbx_modified 
_struct_asym.entity_id 
_struct_asym.details 
A N N 1 ? 
B N N 2 ? 
C N N 3 ? 
D N N 4 ? 
# 
loop_
_struct_conn.id 
_struct_conn.conn_type_id 
_struct_conn.pdbx_leaving_atom_flag 
_struct_conn.pdbx_PDB_id 
_struct_conn.ptnr1_label_asym_id 
_struct_conn.ptnr1_label_comp_id 
_struct_conn.ptnr1_label_seq_id 
_struct_conn.ptnr1_label_atom_id 
_struct_conn.pdbx_ptnr1_label_alt_id 
_struct_conn.pdbx_ptnr1_PDB_ins_code 
_struct_conn.pdbx_ptnr1_standard_comp_id 
_struct_conn.ptnr1_symmetry 
_struct_conn.ptnr2_label_asym_id 
_struct_conn.ptnr2_label_comp_id 
_struct_conn.ptnr2_label_seq_id 
_struct_conn.ptnr2_label_atom_id 
_struct_conn.pdbx_ptnr2_label_alt_id 
_struct_conn.pdbx_ptnr2_PDB_ins_code 
_struct_conn.ptnr1_auth_asym_id 
_struct_conn.ptnr1_auth_comp_id 
_struct_conn.ptnr1_auth_seq_id 
_struct_conn.ptnr2_auth_asym_id 
_struct_conn.ptnr2_auth_comp_id 
_struct_conn.ptnr2_auth_seq_id 
_struct_conn.ptnr2_symmetry 
_struct_conn.pdbx_ptnr3_label_atom_id 
_struct_conn.pdbx_ptnr3_label_seq_id 
_struct_conn.pdbx_ptnr3_label_comp_id 
_struct_conn.pdbx_ptnr3_label_asym_id 
_struct_conn.pdbx_ptnr3_label_alt_id 
_struct_conn.pdbx_ptnr3_PDB_ins_code 
_struct_conn.details 
_struct_conn.pdbx_dist_value 
_struct_conn.pdbx_value_order 
_struct_conn.pdbx_role 
hydrog1  hydrog ? ? A DA 2  N1 ? ? ? 1_555 C DT 7 N3 ? ? A DA 2  C DT 14 1_555 ? ? ? ? ? ? WATSON-CRICK    ? ? ? 
hydrog2  hydrog ? ? A DA 2  N6 ? ? ? 1_555 C DT 7 O4 ? ? A DA 2  C DT 14 1_555 ? ? ? ? ? ? WATSON-CRICK    ? ? ? 
hydrog3  hydrog ? ? A DG 3  N1 ? ? ? 1_555 C DC 6 N3 ? ? A DG 3  C DC 13 1_555 ? ? ? ? ? ? WATSON-CRICK    ? ? ? 
hydrog4  hydrog ? ? A DG 3  N2 ? ? ? 1_555 C DC 6 O2 ? ? A DG 3  C DC 13 1_555 ? ? ? ? ? ? WATSON-CRICK    ? ? ? 
hydrog5  hydrog ? ? A DG 3  O6 ? ? ? 1_555 C DC 6 N4 ? ? A DG 3  C DC 13 1_555 ? ? ? ? ? ? WATSON-CRICK    ? ? ? 
hydrog6  hydrog ? ? A DC 4  N4 ? ? ? 1_555 C DG 5 O6 ? ? A DC 4  C DG 12 1_555 ? ? ? ? ? ? 'DC-DG PAIR'    ? ? ? 
hydrog7  hydrog ? ? A DA 5  N1 ? ? ? 1_555 C DT 4 N3 ? ? A DA 5  C DT 11 1_555 ? ? ? ? ? ? WATSON-CRICK    ? ? ? 
hydrog8  hydrog ? ? A DA 5  N6 ? ? ? 1_555 C DT 4 O4 ? ? A DA 5  C DT 11 1_555 ? ? ? ? ? ? WATSON-CRICK    ? ? ? 
hydrog9  hydrog ? ? A DG 6  N1 ? ? ? 1_555 C DC 3 N3 ? ? A DG 6  C DC 10 1_555 ? ? ? ? ? ? WATSON-CRICK    ? ? ? 
hydrog10 hydrog ? ? A DG 6  N2 ? ? ? 1_555 C DC 3 O2 ? ? A DG 6  C DC 10 1_555 ? ? ? ? ? ? WATSON-CRICK    ? ? ? 
hydrog11 hydrog ? ? A DG 6  O6 ? ? ? 1_555 C DC 3 N4 ? ? A DG 6  C DC 10 1_555 ? ? ? ? ? ? WATSON-CRICK    ? ? ? 
hydrog12 hydrog ? ? A DC 7  N3 ? ? ? 1_555 C DG 2 N1 ? ? A DC 7  C DG 9  1_555 ? ? ? ? ? ? WATSON-CRICK    ? ? ? 
hydrog13 hydrog ? ? A DC 7  N4 ? ? ? 1_555 C DG 2 O6 ? ? A DC 7  C DG 9  1_555 ? ? ? ? ? ? WATSON-CRICK    ? ? ? 
hydrog14 hydrog ? ? A DC 7  O2 ? ? ? 1_555 C DG 2 N2 ? ? A DC 7  C DG 9  1_555 ? ? ? ? ? ? WATSON-CRICK    ? ? ? 
hydrog15 hydrog ? ? A DC 8  N3 ? ? ? 1_555 C DG 1 N1 ? ? A DC 8  C DG 8  1_555 ? ? ? ? ? ? WATSON-CRICK    ? ? ? 
hydrog16 hydrog ? ? A DC 8  N4 ? ? ? 1_555 C DG 1 O6 ? ? A DC 8  C DG 8  1_555 ? ? ? ? ? ? WATSON-CRICK    ? ? ? 
hydrog17 hydrog ? ? A DC 8  O2 ? ? ? 1_555 C DG 1 N2 ? ? A DC 8  C DG 8  1_555 ? ? ? ? ? ? WATSON-CRICK    ? ? ? 
hydrog18 hydrog ? ? A DT 9  N3 ? ? ? 1_555 B DA 7 N1 ? ? A DT 9  B DA 7  1_555 ? ? ? ? ? ? WATSON-CRICK    ? ? ? 
hydrog19 hydrog ? ? A DT 9  O4 ? ? ? 1_555 B DA 7 N6 ? ? A DT 9  B DA 7  1_555 ? ? ? ? ? ? WATSON-CRICK    ? ? ? 
hydrog20 hydrog ? ? A DG 10 N1 ? ? ? 1_555 B DC 6 N3 ? ? A DG 10 B DC 6  1_555 ? ? ? ? ? ? WATSON-CRICK    ? ? ? 
hydrog21 hydrog ? ? A DG 10 N2 ? ? ? 1_555 B DC 6 O2 ? ? A DG 10 B DC 6  1_555 ? ? ? ? ? ? WATSON-CRICK    ? ? ? 
hydrog22 hydrog ? ? A DG 10 O6 ? ? ? 1_555 B DC 6 N4 ? ? A DG 10 B DC 6  1_555 ? ? ? ? ? ? WATSON-CRICK    ? ? ? 
hydrog23 hydrog ? ? A DT 11 N3 ? ? ? 1_555 B DA 5 N1 ? ? A DT 11 B DA 5  1_555 ? ? ? ? ? ? WATSON-CRICK    ? ? ? 
hydrog24 hydrog ? ? A DT 11 O4 ? ? ? 1_555 B DA 5 N6 ? ? A DT 11 B DA 5  1_555 ? ? ? ? ? ? WATSON-CRICK    ? ? ? 
hydrog25 hydrog ? ? A DT 12 O4 ? ? ? 1_555 B DT 4 N3 ? ? A DT 12 B DT 4  1_555 ? ? ? ? ? ? 'DT-DT MISPAIR' ? ? ? 
hydrog26 hydrog ? ? A DT 13 N3 ? ? ? 1_555 B DA 3 N1 ? ? A DT 13 B DA 3  1_555 ? ? ? ? ? ? WATSON-CRICK    ? ? ? 
hydrog27 hydrog ? ? A DT 13 O4 ? ? ? 1_555 B DA 3 N6 ? ? A DT 13 B DA 3  1_555 ? ? ? ? ? ? WATSON-CRICK    ? ? ? 
hydrog28 hydrog ? ? A DG 14 N1 ? ? ? 1_555 B DC 2 N3 ? ? A DG 14 B DC 2  1_555 ? ? ? ? ? ? WATSON-CRICK    ? ? ? 
hydrog29 hydrog ? ? A DG 14 N2 ? ? ? 1_555 B DC 2 O2 ? ? A DG 14 B DC 2  1_555 ? ? ? ? ? ? WATSON-CRICK    ? ? ? 
hydrog30 hydrog ? ? A DG 14 O6 ? ? ? 1_555 B DC 2 N4 ? ? A DG 14 B DC 2  1_555 ? ? ? ? ? ? WATSON-CRICK    ? ? ? 
hydrog31 hydrog ? ? A DG 15 N1 ? ? ? 1_555 B DC 1 N3 ? ? A DG 15 B DC 1  1_555 ? ? ? ? ? ? WATSON-CRICK    ? ? ? 
hydrog32 hydrog ? ? A DG 15 N2 ? ? ? 1_555 B DC 1 O2 ? ? A DG 15 B DC 1  1_555 ? ? ? ? ? ? WATSON-CRICK    ? ? ? 
hydrog33 hydrog ? ? A DG 15 O6 ? ? ? 1_555 B DC 1 N4 ? ? A DG 15 B DC 1  1_555 ? ? ? ? ? ? WATSON-CRICK    ? ? ? 
hydrog34 hydrog ? ? A DA 16 N1 ? ? ? 1_555 D DG 6 N1 ? ? A DA 16 D DG 6  1_555 ? ? ? ? ? ? TYPE_8_PAIR     ? ? ? 
hydrog35 hydrog ? ? A DA 16 N6 ? ? ? 1_555 D DG 6 O6 ? ? A DA 16 D DG 6  1_555 ? ? ? ? ? ? TYPE_8_PAIR     ? ? ? 
hydrog36 hydrog ? ? A DA 16 N1 ? ? ? 1_555 D DT 7 N3 ? ? A DA 16 D DT 7  1_555 ? ? ? ? ? ? WATSON-CRICK    ? ? ? 
hydrog37 hydrog ? ? A DA 16 N6 ? ? ? 1_555 D DT 7 O4 ? ? A DA 16 D DT 7  1_555 ? ? ? ? ? ? WATSON-CRICK    ? ? ? 
hydrog38 hydrog ? ? A DC 17 N3 ? ? ? 1_555 D DG 6 N1 ? ? A DC 17 D DG 6  1_555 ? ? ? ? ? ? WATSON-CRICK    ? ? ? 
hydrog39 hydrog ? ? A DC 17 N4 ? ? ? 1_555 D DG 6 O6 ? ? A DC 17 D DG 6  1_555 ? ? ? ? ? ? WATSON-CRICK    ? ? ? 
hydrog40 hydrog ? ? A DC 17 O2 ? ? ? 1_555 D DG 6 N2 ? ? A DC 17 D DG 6  1_555 ? ? ? ? ? ? WATSON-CRICK    ? ? ? 
hydrog41 hydrog ? ? A DA 18 N1 ? ? ? 1_555 D DT 5 N3 ? ? A DA 18 D DT 5  1_555 ? ? ? ? ? ? WATSON-CRICK    ? ? ? 
hydrog42 hydrog ? ? A DA 18 N6 ? ? ? 1_555 D DT 5 O4 ? ? A DA 18 D DT 5  1_555 ? ? ? ? ? ? WATSON-CRICK    ? ? ? 
hydrog43 hydrog ? ? A DT 19 N3 ? ? ? 1_555 D DA 4 N1 ? ? A DT 19 D DA 4  1_555 ? ? ? ? ? ? WATSON-CRICK    ? ? ? 
hydrog44 hydrog ? ? A DT 19 O4 ? ? ? 1_555 D DA 4 N6 ? ? A DT 19 D DA 4  1_555 ? ? ? ? ? ? WATSON-CRICK    ? ? ? 
hydrog45 hydrog ? ? A DC 20 N3 ? ? ? 1_555 D DG 3 N1 ? ? A DC 20 D DG 3  1_555 ? ? ? ? ? ? WATSON-CRICK    ? ? ? 
hydrog46 hydrog ? ? A DC 20 N4 ? ? ? 1_555 D DG 3 O6 ? ? A DC 20 D DG 3  1_555 ? ? ? ? ? ? WATSON-CRICK    ? ? ? 
hydrog47 hydrog ? ? A DC 20 O2 ? ? ? 1_555 D DG 3 N2 ? ? A DC 20 D DG 3  1_555 ? ? ? ? ? ? WATSON-CRICK    ? ? ? 
hydrog48 hydrog ? ? A DA 21 N1 ? ? ? 1_555 D DT 2 N3 ? ? A DA 21 D DT 2  1_555 ? ? ? ? ? ? WATSON-CRICK    ? ? ? 
hydrog49 hydrog ? ? A DA 21 N6 ? ? ? 1_555 D DT 2 O4 ? ? A DA 21 D DT 2  1_555 ? ? ? ? ? ? WATSON-CRICK    ? ? ? 
# 
_struct_conn_type.id          hydrog 
_struct_conn_type.criteria    ? 
_struct_conn_type.reference   ? 
# 
_atom_sites.entry_id                    7SG8 
_atom_sites.Cartn_transf_matrix[1][1]   ? 
_atom_sites.Cartn_transf_matrix[1][2]   ? 
_atom_sites.Cartn_transf_matrix[1][3]   ? 
_atom_sites.Cartn_transf_matrix[2][1]   ? 
_atom_sites.Cartn_transf_matrix[2][2]   ? 
_atom_sites.Cartn_transf_matrix[2][3]   ? 
_atom_sites.Cartn_transf_matrix[3][1]   ? 
_atom_sites.Cartn_transf_matrix[3][2]   ? 
_atom_sites.Cartn_transf_matrix[3][3]   ? 
_atom_sites.Cartn_transf_vector[1]      ? 
_atom_sites.Cartn_transf_vector[2]      ? 
_atom_sites.Cartn_transf_vector[3]      ? 
_atom_sites.fract_transf_matrix[1][1]   -0.00902077 
_atom_sites.fract_transf_matrix[1][2]   0.00443422 
_atom_sites.fract_transf_matrix[1][3]   0.00395977 
_atom_sites.fract_transf_matrix[2][1]   -0.00963785 
_atom_sites.fract_transf_matrix[2][2]   -0.00302888 
_atom_sites.fract_transf_matrix[2][3]   -0.00382657 
_atom_sites.fract_transf_matrix[3][1]   -0.00052024 
_atom_sites.fract_transf_matrix[3][2]   -0.00760168 
_atom_sites.fract_transf_matrix[3][3]   0.00732734 
_atom_sites.fract_transf_vector[1]      -0.149420 
_atom_sites.fract_transf_vector[2]      -0.016210 
_atom_sites.fract_transf_vector[3]      0.240987 
_atom_sites.solution_primary            ? 
_atom_sites.solution_secondary          ? 
_atom_sites.solution_hydrogens          ? 
_atom_sites.special_details             ? 
# 
loop_
_atom_type.symbol 
_atom_type.scat_dispersion_real 
_atom_type.scat_dispersion_imag 
_atom_type.scat_Cromer_Mann_a1 
_atom_type.scat_Cromer_Mann_a2 
_atom_type.scat_Cromer_Mann_a3 
_atom_type.scat_Cromer_Mann_a4 
_atom_type.scat_Cromer_Mann_b1 
_atom_type.scat_Cromer_Mann_b2 
_atom_type.scat_Cromer_Mann_b3 
_atom_type.scat_Cromer_Mann_b4 
_atom_type.scat_Cromer_Mann_c 
_atom_type.scat_source 
_atom_type.scat_dispersion_source 
C ? ? 5.96793  ? ? ? 14.89577 ? ? ? 0.0 
;1-Gaussian fit: Grosse-Kunstleve RW, Sauter NK, Adams PD: Newsletter of the IUCr Commission on Crystallographic Computing 2004, 3, 22-31.
;
? 
N ? ? 6.96715  ? ? ? 11.43723 ? ? ? 0.0 
;1-Gaussian fit: Grosse-Kunstleve RW, Sauter NK, Adams PD: Newsletter of the IUCr Commission on Crystallographic Computing 2004, 3, 22-31.
;
? 
O ? ? 7.96527  ? ? ? 9.05267  ? ? ? 0.0 
;1-Gaussian fit: Grosse-Kunstleve RW, Sauter NK, Adams PD: Newsletter of the IUCr Commission on Crystallographic Computing 2004, 3, 22-31.
;
? 
P ? ? 14.90797 ? ? ? 11.91318 ? ? ? 0.0 
;1-Gaussian fit: Grosse-Kunstleve RW, Sauter NK, Adams PD: Newsletter of the IUCr Commission on Crystallographic Computing 2004, 3, 22-31.
;
? 
# 
loop_
_atom_site.group_PDB 
_atom_site.id 
_atom_site.type_symbol 
_atom_site.label_atom_id 
_atom_site.label_alt_id 
_atom_site.label_comp_id 
_atom_site.label_asym_id 
_atom_site.label_entity_id 
_atom_site.label_seq_id 
_atom_site.pdbx_PDB_ins_code 
_atom_site.Cartn_x 
_atom_site.Cartn_y 
_atom_site.Cartn_z 
_atom_site.occupancy 
_atom_site.B_iso_or_equiv 
_atom_site.pdbx_formal_charge 
_atom_site.auth_seq_id 
_atom_site.auth_comp_id 
_atom_site.auth_asym_id 
_atom_site.auth_atom_id 
_atom_site.pdbx_PDB_model_num 
ATOM 1   O "O5'" . DG A 1 1  ? 21.39107  0.90159   21.83802  1.000 376.34835 ? 1  DG A "O5'" 1 
ATOM 2   C "C5'" . DG A 1 1  ? 21.69047  1.63934   23.01867  1.000 283.29038 ? 1  DG A "C5'" 1 
ATOM 3   C "C4'" . DG A 1 1  ? 23.10038  2.20026   22.95721  1.000 245.04874 ? 1  DG A "C4'" 1 
ATOM 4   O "O4'" . DG A 1 1  ? 24.04604  1.14657   23.21162  1.000 255.84903 ? 1  DG A "O4'" 1 
ATOM 5   C "C3'" . DG A 1 1  ? 23.48914  2.77024   21.60858  1.000 259.67895 ? 1  DG A "C3'" 1 
ATOM 6   O "O3'" . DG A 1 1  ? 23.15839  4.15819   21.57141  1.000 271.18311 ? 1  DG A "O3'" 1 
ATOM 7   C "C2'" . DG A 1 1  ? 25.00870  2.53967   21.53845  1.000 250.75058 ? 1  DG A "C2'" 1 
ATOM 8   C "C1'" . DG A 1 1  ? 25.26501  1.41504   22.55609  1.000 253.04847 ? 1  DG A "C1'" 1 
ATOM 9   N N9    . DG A 1 1  ? 25.75790  0.14545   21.99630  1.000 260.84268 ? 1  DG A N9    1 
ATOM 10  C C8    . DG A 1 1  ? 25.46333  -1.11488  22.46966  1.000 250.94882 ? 1  DG A C8    1 
ATOM 11  N N7    . DG A 1 1  ? 26.03696  -2.07631  21.80337  1.000 209.90146 ? 1  DG A N7    1 
ATOM 12  C C5    . DG A 1 1  ? 26.76554  -1.42197  20.81801  1.000 233.18030 ? 1  DG A C5    1 
ATOM 13  C C6    . DG A 1 1  ? 27.59147  -1.95372  19.79565  1.000 247.27122 ? 1  DG A C6    1 
ATOM 14  O O6    . DG A 1 1  ? 27.84472  -3.14278  19.55312  1.000 256.11904 ? 1  DG A O6    1 
ATOM 15  N N1    . DG A 1 1  ? 28.14760  -0.95047  19.00727  1.000 261.81769 ? 1  DG A N1    1 
ATOM 16  C C2    . DG A 1 1  ? 27.93551  0.39786   19.18248  1.000 258.88071 ? 1  DG A C2    1 
ATOM 17  N N2    . DG A 1 1  ? 28.56069  1.21147   18.31863  1.000 279.66349 ? 1  DG A N2    1 
ATOM 18  N N3    . DG A 1 1  ? 27.16540  0.91482   20.13688  1.000 234.95675 ? 1  DG A N3    1 
ATOM 19  C C4    . DG A 1 1  ? 26.61122  -0.04970  20.91870  1.000 241.77847 ? 1  DG A C4    1 
ATOM 20  P P     . DA A 1 2  ? 22.75510  4.86746   20.18719  1.000 266.36117 ? 2  DA A P     1 
ATOM 21  O OP1   . DA A 1 2  ? 21.65438  5.81325   20.47528  1.000 351.63838 ? 2  DA A OP1   1 
ATOM 22  O OP2   . DA A 1 2  ? 22.54649  3.81223   19.17208  1.000 239.44893 ? 2  DA A OP2   1 
ATOM 23  O "O5'" . DA A 1 2  ? 24.06455  5.70513   19.80777  1.000 258.75851 ? 2  DA A "O5'" 1 
ATOM 24  C "C5'" . DA A 1 2  ? 24.15585  6.35789   18.55433  1.000 273.38675 ? 2  DA A "C5'" 1 
ATOM 25  C "C4'" . DA A 1 2  ? 24.99594  5.54665   17.58726  1.000 271.34913 ? 2  DA A "C4'" 1 
ATOM 26  O "O4'" . DA A 1 2  ? 25.22843  4.20686   18.13449  1.000 223.05593 ? 2  DA A "O4'" 1 
ATOM 27  C "C3'" . DA A 1 2  ? 24.35553  5.33311   16.20308  1.000 247.16729 ? 2  DA A "C3'" 1 
ATOM 28  O "O3'" . DA A 1 2  ? 25.31696  5.59319   15.13926  1.000 226.40959 ? 2  DA A "O3'" 1 
ATOM 29  C "C2'" . DA A 1 2  ? 23.94731  3.86027   16.25962  1.000 285.38480 ? 2  DA A "C2'" 1 
ATOM 30  C "C1'" . DA A 1 2  ? 25.10029  3.30739   17.07140  1.000 284.74577 ? 2  DA A "C1'" 1 
ATOM 31  N N9    . DA A 1 2  ? 24.91973  1.92891   17.52578  1.000 278.68966 ? 2  DA A N9    1 
ATOM 32  C C8    . DA A 1 2  ? 24.12792  1.47313   18.53833  1.000 295.58590 ? 2  DA A C8    1 
ATOM 33  N N7    . DA A 1 2  ? 24.16193  0.16938   18.68997  1.000 249.82408 ? 2  DA A N7    1 
ATOM 34  C C5    . DA A 1 2  ? 25.02657  -0.25866  17.69566  1.000 235.93170 ? 2  DA A C5    1 
ATOM 35  C C6    . DA A 1 2  ? 25.48961  -1.53725  17.32147  1.000 238.85988 ? 2  DA A C6    1 
ATOM 36  N N6    . DA A 1 2  ? 25.11633  -2.65995  17.94125  1.000 254.95801 ? 2  DA A N6    1 
ATOM 37  N N1    . DA A 1 2  ? 26.34872  -1.61542  16.28046  1.000 243.80221 ? 2  DA A N1    1 
ATOM 38  C C2    . DA A 1 2  ? 26.72026  -0.48544  15.66852  1.000 243.13541 ? 2  DA A C2    1 
ATOM 39  N N3    . DA A 1 2  ? 26.35120  0.76838   15.93084  1.000 260.52592 ? 2  DA A N3    1 
ATOM 40  C C4    . DA A 1 2  ? 25.49836  0.81137   16.96850  1.000 260.22281 ? 2  DA A C4    1 
ATOM 41  P P     . DG A 1 3  ? 25.47828  4.54140   13.92994  1.000 283.11681 ? 3  DG A P     1 
ATOM 42  O OP1   . DG A 1 3  ? 24.13611  4.32797   13.33826  1.000 236.99821 ? 3  DG A OP1   1 
ATOM 43  O OP2   . DG A 1 3  ? 26.32895  3.43964   14.43512  1.000 391.78266 ? 3  DG A OP2   1 
ATOM 44  O "O5'" . DG A 1 3  ? 26.38499  5.25527   12.82523  1.000 301.41936 ? 3  DG A "O5'" 1 
ATOM 45  C "C5'" . DG A 1 3  ? 27.36524  4.47360   12.08739  1.000 312.20701 ? 3  DG A "C5'" 1 
ATOM 46  C "C4'" . DG A 1 3  ? 26.73918  3.27922   11.34603  1.000 305.79766 ? 3  DG A "C4'" 1 
ATOM 47  O "O4'" . DG A 1 3  ? 26.46973  2.18829   12.26312  1.000 279.82633 ? 3  DG A "O4'" 1 
ATOM 48  C "C3'" . DG A 1 3  ? 25.42526  3.56359   10.62738  1.000 286.69732 ? 3  DG A "C3'" 1 
ATOM 49  O "O3'" . DG A 1 3  ? 25.66625  3.76669   9.21490   1.000 316.35883 ? 3  DG A "O3'" 1 
ATOM 50  C "C2'" . DG A 1 3  ? 24.52868  2.33848   10.93334  1.000 269.97584 ? 3  DG A "C2'" 1 
ATOM 51  C "C1'" . DG A 1 3  ? 25.41982  1.40057   11.75645  1.000 271.29081 ? 3  DG A "C1'" 1 
ATOM 52  N N9    . DG A 1 3  ? 24.70547  0.74846   12.87681  1.000 261.12761 ? 3  DG A N9    1 
ATOM 53  C C8    . DG A 1 3  ? 23.99263  1.36665   13.87901  1.000 235.55344 ? 3  DG A C8    1 
ATOM 54  N N7    . DG A 1 3  ? 23.44721  0.53347   14.72894  1.000 224.14695 ? 3  DG A N7    1 
ATOM 55  C C5    . DG A 1 3  ? 23.81489  -0.72185  14.26227  1.000 258.71666 ? 3  DG A C5    1 
ATOM 56  C C6    . DG A 1 3  ? 23.51718  -2.01357  14.77394  1.000 249.61656 ? 3  DG A C6    1 
ATOM 57  O O6    . DG A 1 3  ? 22.84821  -2.31162  15.77323  1.000 216.57573 ? 3  DG A O6    1 
ATOM 58  N N1    . DG A 1 3  ? 24.08639  -3.02171  13.99840  1.000 246.70090 ? 3  DG A N1    1 
ATOM 59  C C2    . DG A 1 3  ? 24.84605  -2.80806  12.87023  1.000 246.44276 ? 3  DG A C2    1 
ATOM 60  N N2    . DG A 1 3  ? 25.30841  -3.89993  12.24261  1.000 217.85074 ? 3  DG A N2    1 
ATOM 61  N N3    . DG A 1 3  ? 25.13019  -1.60643  12.37932  1.000 271.78895 ? 3  DG A N3    1 
ATOM 62  C C4    . DG A 1 3  ? 24.59458  -0.61189  13.12587  1.000 276.01750 ? 3  DG A C4    1 
ATOM 63  P P     . DC A 1 4  ? 25.51230  2.57368   8.14542   1.000 325.98703 ? 4  DC A P     1 
ATOM 64  O OP1   . DC A 1 4  ? 26.28399  1.40743   8.63693   1.000 328.63665 ? 4  DC A OP1   1 
ATOM 65  O OP2   . DC A 1 4  ? 25.88003  3.13103   6.82540   1.000 272.75172 ? 4  DC A OP2   1 
ATOM 66  O "O5'" . DC A 1 4  ? 23.93146  2.29524   8.11656   1.000 303.22801 ? 4  DC A "O5'" 1 
ATOM 67  C "C5'" . DC A 1 4  ? 23.35476  1.45804   7.13346   1.000 298.49694 ? 4  DC A "C5'" 1 
ATOM 68  C "C4'" . DC A 1 4  ? 23.85717  0.03340   7.25921   1.000 304.93632 ? 4  DC A "C4'" 1 
ATOM 69  O "O4'" . DC A 1 4  ? 24.16877  -0.28275  8.64202   1.000 252.38169 ? 4  DC A "O4'" 1 
ATOM 70  C "C3'" . DC A 1 4  ? 22.85492  -1.02358  6.88076   1.000 318.30114 ? 4  DC A "C3'" 1 
ATOM 71  O "O3'" . DC A 1 4  ? 22.71333  -1.10143  5.44351   1.000 327.28998 ? 4  DC A "O3'" 1 
ATOM 72  C "C2'" . DC A 1 4  ? 23.49565  -2.25292  7.51245   1.000 311.51870 ? 4  DC A "C2'" 1 
ATOM 73  C "C1'" . DC A 1 4  ? 23.98764  -1.68289  8.84523   1.000 276.64154 ? 4  DC A "C1'" 1 
ATOM 74  N N1    . DC A 1 4  ? 23.05340  -1.89587  10.03811  1.000 275.71547 ? 4  DC A N1    1 
ATOM 75  C C2    . DC A 1 4  ? 22.71022  -3.19898  10.46989  1.000 274.54896 ? 4  DC A C2    1 
ATOM 76  O O2    . DC A 1 4  ? 23.14452  -4.18016  9.85466   1.000 286.24329 ? 4  DC A O2    1 
ATOM 77  N N3    . DC A 1 4  ? 21.89347  -3.34225  11.55599  1.000 264.45740 ? 4  DC A N3    1 
ATOM 78  C C4    . DC A 1 4  ? 21.44284  -2.26014  12.20120  1.000 260.97144 ? 4  DC A C4    1 
ATOM 79  N N4    . DC A 1 4  ? 20.63521  -2.42592  13.26502  1.000 266.47202 ? 4  DC A N4    1 
ATOM 80  C C5    . DC A 1 4  ? 21.78216  -0.94027  11.77538  1.000 236.30261 ? 4  DC A C5    1 
ATOM 81  C C6    . DC A 1 4  ? 22.58431  -0.80710  10.71212  1.000 254.66401 ? 4  DC A C6    1 
ATOM 82  P P     . DA A 1 5  ? 23.65445  -2.03540  4.53190   1.000 349.48671 ? 5  DA A P     1 
ATOM 83  O OP1   . DA A 1 5  ? 25.06501  -1.89651  4.96391   1.000 384.07429 ? 5  DA A OP1   1 
ATOM 84  O OP2   . DA A 1 5  ? 23.30678  -1.71621  3.12879   1.000 327.63698 ? 5  DA A OP2   1 
ATOM 85  O "O5'" . DA A 1 5  ? 23.11544  -3.51743  4.80478   1.000 301.64261 ? 5  DA A "O5'" 1 
ATOM 86  C "C5'" . DA A 1 5  ? 23.94839  -4.63566  4.54223   1.000 305.85232 ? 5  DA A "C5'" 1 
ATOM 87  C "C4'" . DA A 1 5  ? 23.25569  -5.93199  4.92704   1.000 316.41627 ? 5  DA A "C4'" 1 
ATOM 88  O "O4'" . DA A 1 5  ? 22.79797  -5.85871  6.30440   1.000 307.11436 ? 5  DA A "O4'" 1 
ATOM 89  C "C3'" . DA A 1 5  ? 22.02872  -6.28016  4.09414   1.000 339.70015 ? 5  DA A "C3'" 1 
ATOM 90  O "O3'" . DA A 1 5  ? 21.99294  -7.67277  3.86301   1.000 363.27208 ? 5  DA A "O3'" 1 
ATOM 91  C "C2'" . DA A 1 5  ? 20.86805  -5.82854  4.97742   1.000 331.10275 ? 5  DA A "C2'" 1 
ATOM 92  C "C1'" . DA A 1 5  ? 21.40885  -6.12028  6.36843   1.000 337.83748 ? 5  DA A "C1'" 1 
ATOM 93  N N9    . DA A 1 5  ? 20.83628  -5.26170  7.40211   1.000 338.61091 ? 5  DA A N9    1 
ATOM 94  C C8    . DA A 1 5  ? 20.95545  -3.91167  7.48609   1.000 330.14595 ? 5  DA A C8    1 
ATOM 95  N N7    . DA A 1 5  ? 20.35859  -3.37970  8.52149   1.000 315.69206 ? 5  DA A N7    1 
ATOM 96  C C5    . DA A 1 5  ? 19.78795  -4.45963  9.16310   1.000 321.50064 ? 5  DA A C5    1 
ATOM 97  C C6    . DA A 1 5  ? 19.00516  -4.56015  10.32867  1.000 288.05953 ? 5  DA A C6    1 
ATOM 98  N N6    . DA A 1 5  ? 18.65845  -3.50556  11.07508  1.000 293.98114 ? 5  DA A N6    1 
ATOM 99  N N1    . DA A 1 5  ? 18.59160  -5.78940  10.69799  1.000 247.28482 ? 5  DA A N1    1 
ATOM 100 C C2    . DA A 1 5  ? 18.94482  -6.84249  9.94673   1.000 269.35506 ? 5  DA A C2    1 
ATOM 101 N N3    . DA A 1 5  ? 19.67410  -6.87192  8.82820   1.000 280.14749 ? 5  DA A N3    1 
ATOM 102 C C4    . DA A 1 5  ? 20.07371  -5.63575  8.48985   1.000 327.47946 ? 5  DA A C4    1 
ATOM 103 P P     . DG A 1 6  ? 20.82199  -8.30458  2.96867   1.000 363.30930 ? 6  DG A P     1 
ATOM 104 O OP1   . DG A 1 6  ? 21.32671  -9.57029  2.39352   1.000 353.18902 ? 6  DG A OP1   1 
ATOM 105 O OP2   . DG A 1 6  ? 20.30849  -7.23459  2.08343   1.000 300.58021 ? 6  DG A OP2   1 
ATOM 106 O "O5'" . DG A 1 6  ? 19.67858  -8.64490  4.02797   1.000 335.79132 ? 6  DG A "O5'" 1 
ATOM 107 C "C5'" . DG A 1 6  ? 19.87306  -9.68104  4.98022   1.000 299.34356 ? 6  DG A "C5'" 1 
ATOM 108 C "C4'" . DG A 1 6  ? 18.53893  -10.13260 5.53597   1.000 328.91347 ? 6  DG A "C4'" 1 
ATOM 109 O "O4'" . DG A 1 6  ? 18.18213  -9.29820  6.66777   1.000 343.91779 ? 6  DG A "O4'" 1 
ATOM 110 C "C3'" . DG A 1 6  ? 17.37963  -10.03653 4.54370   1.000 352.82187 ? 6  DG A "C3'" 1 
ATOM 111 O "O3'" . DG A 1 6  ? 16.56603  -11.19844 4.61839   1.000 363.85199 ? 6  DG A "O3'" 1 
ATOM 112 C "C2'" . DG A 1 6  ? 16.62763  -8.78129  4.98547   1.000 313.36280 ? 6  DG A "C2'" 1 
ATOM 113 C "C1'" . DG A 1 6  ? 16.89439  -8.75584  6.48185   1.000 335.41013 ? 6  DG A "C1'" 1 
ATOM 114 N N9    . DG A 1 6  ? 16.87644  -7.41063  7.05055   1.000 313.77352 ? 6  DG A N9    1 
ATOM 115 C C8    . DG A 1 6  ? 17.57171  -6.30962  6.60814   1.000 291.43728 ? 6  DG A C8    1 
ATOM 116 N N7    . DG A 1 6  ? 17.35458  -5.23760  7.32145   1.000 286.35327 ? 6  DG A N7    1 
ATOM 117 C C5    . DG A 1 6  ? 16.46204  -5.65695  8.29813   1.000 272.24378 ? 6  DG A C5    1 
ATOM 118 C C6    . DG A 1 6  ? 15.86524  -4.93773  9.35769   1.000 236.50751 ? 6  DG A C6    1 
ATOM 119 O O6    . DG A 1 6  ? 16.01280  -3.74720  9.65822   1.000 231.05959 ? 6  DG A O6    1 
ATOM 120 N N1    . DG A 1 6  ? 15.01407  -5.74487  10.11189  1.000 224.46555 ? 6  DG A N1    1 
ATOM 121 C C2    . DG A 1 6  ? 14.77833  -7.07897  9.87359   1.000 245.76055 ? 6  DG A C2    1 
ATOM 122 N N2    . DG A 1 6  ? 13.92588  -7.69987  10.70290  1.000 250.54261 ? 6  DG A N2    1 
ATOM 123 N N3    . DG A 1 6  ? 15.33306  -7.76116  8.88526   1.000 263.82389 ? 6  DG A N3    1 
ATOM 124 C C4    . DG A 1 6  ? 16.16032  -6.99185  8.14307   1.000 290.78202 ? 6  DG A C4    1 
ATOM 125 P P     . DC A 1 7  ? 15.22638  -11.30489 3.73557   1.000 332.59371 ? 7  DC A P     1 
ATOM 126 O OP1   . DC A 1 7  ? 14.98251  -12.73985 3.46950   1.000 321.99554 ? 7  DC A OP1   1 
ATOM 127 O OP2   . DC A 1 7  ? 15.32775  -10.35176 2.60627   1.000 312.22089 ? 7  DC A OP2   1 
ATOM 128 O "O5'" . DC A 1 7  ? 14.08937  -10.77257 4.72113   1.000 299.63351 ? 7  DC A "O5'" 1 
ATOM 129 C "C5'" . DC A 1 7  ? 14.02519  -11.26778 6.04920   1.000 293.88421 ? 7  DC A "C5'" 1 
ATOM 130 C "C4'" . DC A 1 7  ? 12.88199  -10.62596 6.80729   1.000 284.70548 ? 7  DC A "C4'" 1 
ATOM 131 O "O4'" . DC A 1 7  ? 13.28270  -9.32248  7.31362   1.000 283.50201 ? 7  DC A "O4'" 1 
ATOM 132 C "C3'" . DC A 1 7  ? 11.61172  -10.37971 5.98200   1.000 287.26518 ? 7  DC A "C3'" 1 
ATOM 133 O "O3'" . DC A 1 7  ? 10.49232  -10.77876 6.73346   1.000 296.11859 ? 7  DC A "O3'" 1 
ATOM 134 C "C2'" . DC A 1 7  ? 11.62081  -8.86537  5.78912   1.000 269.56439 ? 7  DC A "C2'" 1 
ATOM 135 C "C1'" . DC A 1 7  ? 12.20308  -8.44734  7.12056   1.000 276.01095 ? 7  DC A "C1'" 1 
ATOM 136 N N1    . DC A 1 7  ? 12.66738  -7.03003  7.18208   1.000 261.60980 ? 7  DC A N1    1 
ATOM 137 C C2    . DC A 1 7  ? 12.16947  -6.20398  8.19168   1.000 241.74869 ? 7  DC A C2    1 
ATOM 138 O O2    . DC A 1 7  ? 11.37175  -6.68508  9.00670   1.000 221.09218 ? 7  DC A O2    1 
ATOM 139 N N3    . DC A 1 7  ? 12.57687  -4.91457  8.25096   1.000 245.66267 ? 7  DC A N3    1 
ATOM 140 C C4    . DC A 1 7  ? 13.44170  -4.44697  7.34811   1.000 256.97030 ? 7  DC A C4    1 
ATOM 141 N N4    . DC A 1 7  ? 13.81758  -3.16689  7.44809   1.000 296.27863 ? 7  DC A N4    1 
ATOM 142 C C5    . DC A 1 7  ? 13.95884  -5.27363  6.30341   1.000 250.79590 ? 7  DC A C5    1 
ATOM 143 C C6    . DC A 1 7  ? 13.54617  -6.54760  6.25754   1.000 267.68872 ? 7  DC A C6    1 
ATOM 144 P P     . DC A 1 8  ? 9.21432   -11.42092 6.00930   1.000 327.37823 ? 8  DC A P     1 
ATOM 145 O OP1   . DC A 1 8  ? 9.47426   -12.86656 5.84429   1.000 322.32677 ? 8  DC A OP1   1 
ATOM 146 O OP2   . DC A 1 8  ? 8.88974   -10.58324 4.83303   1.000 321.52347 ? 8  DC A OP2   1 
ATOM 147 O "O5'" . DC A 1 8  ? 8.04418   -11.22244 7.07601   1.000 264.41812 ? 8  DC A "O5'" 1 
ATOM 148 C "C5'" . DC A 1 8  ? 7.40620   -9.96217  7.18872   1.000 251.57901 ? 8  DC A "C5'" 1 
ATOM 149 C "C4'" . DC A 1 8  ? 7.07039   -9.65023  8.63544   1.000 254.43086 ? 8  DC A "C4'" 1 
ATOM 150 O "O4'" . DC A 1 8  ? 8.11903   -8.84140  9.22344   1.000 268.12816 ? 8  DC A "O4'" 1 
ATOM 151 C "C3'" . DC A 1 8  ? 5.75130   -8.91042  8.83542   1.000 271.09038 ? 8  DC A "C3'" 1 
ATOM 152 O "O3'" . DC A 1 8  ? 4.85818   -9.76714  9.55784   1.000 294.08769 ? 8  DC A "O3'" 1 
ATOM 153 C "C2'" . DC A 1 8  ? 6.11030   -7.63302  9.61588   1.000 259.24704 ? 8  DC A "C2'" 1 
ATOM 154 C "C1'" . DC A 1 8  ? 7.63505   -7.56140  9.56271   1.000 283.88118 ? 8  DC A "C1'" 1 
ATOM 155 N N1    . DC A 1 8  ? 8.22359   -6.54135  8.59632   1.000 270.00802 ? 8  DC A N1    1 
ATOM 156 C C2    . DC A 1 8  ? 8.12926   -5.16133  8.86380   1.000 250.03232 ? 8  DC A C2    1 
ATOM 157 O O2    . DC A 1 8  ? 7.53345   -4.77016  9.87292   1.000 258.29490 ? 8  DC A O2    1 
ATOM 158 N N3    . DC A 1 8  ? 8.69957   -4.28534  7.99455   1.000 225.49604 ? 8  DC A N3    1 
ATOM 159 C C4    . DC A 1 8  ? 9.33819   -4.72901  6.91275   1.000 232.58134 ? 8  DC A C4    1 
ATOM 160 N N4    . DC A 1 8  ? 9.88198   -3.82340  6.08846   1.000 249.16721 ? 8  DC A N4    1 
ATOM 161 C C5    . DC A 1 8  ? 9.45062   -6.11991  6.62883   1.000 228.70988 ? 8  DC A C5    1 
ATOM 162 C C6    . DC A 1 8  ? 8.89642   -6.97804  7.49150   1.000 238.03792 ? 8  DC A C6    1 
ATOM 163 P P     . DT A 1 9  ? 3.55756   -9.20134  10.31252  1.000 304.34489 ? 9  DT A P     1 
ATOM 164 O OP1   . DT A 1 9  ? 3.99897   -8.69741  11.63567  1.000 276.99015 ? 9  DT A OP1   1 
ATOM 165 O OP2   . DT A 1 9  ? 2.53089   -10.26435 10.25453  1.000 330.59124 ? 9  DT A OP2   1 
ATOM 166 O "O5'" . DT A 1 9  ? 3.03391   -8.02351  9.37036   1.000 281.50617 ? 9  DT A "O5'" 1 
ATOM 167 C "C5'" . DT A 1 9  ? 1.76641   -7.44324  9.60789   1.000 277.13959 ? 9  DT A "C5'" 1 
ATOM 168 C "C4'" . DT A 1 9  ? 1.74674   -6.73186  10.94772  1.000 258.15807 ? 9  DT A "C4'" 1 
ATOM 169 O "O4'" . DT A 1 9  ? 3.04892   -6.15237  11.22804  1.000 273.41612 ? 9  DT A "O4'" 1 
ATOM 170 C "C3'" . DT A 1 9  ? 0.71557   -5.62386  11.06055  1.000 249.99824 ? 9  DT A "C3'" 1 
ATOM 171 O "O3'" . DT A 1 9  ? -0.25286  -6.01314  12.02645  1.000 248.64666 ? 9  DT A "O3'" 1 
ATOM 172 C "C2'" . DT A 1 9  ? 1.50609   -4.37602  11.50184  1.000 237.14545 ? 9  DT A "C2'" 1 
ATOM 173 C "C1'" . DT A 1 9  ? 2.97563   -4.74653  11.27610  1.000 245.11227 ? 9  DT A "C1'" 1 
ATOM 174 N N1    . DT A 1 9  ? 3.61970   -4.18446  10.00494  1.000 236.58277 ? 9  DT A N1    1 
ATOM 175 C C2    . DT A 1 9  ? 3.84456   -2.82253  9.86504   1.000 228.38257 ? 9  DT A C2    1 
ATOM 176 O O2    . DT A 1 9  ? 3.52793   -1.99552  10.70280  1.000 264.66688 ? 9  DT A O2    1 
ATOM 177 N N3    . DT A 1 9  ? 4.44518   -2.46827  8.67200   1.000 209.93309 ? 9  DT A N3    1 
ATOM 178 C C4    . DT A 1 9  ? 4.85143   -3.30736  7.65233   1.000 202.28346 ? 9  DT A C4    1 
ATOM 179 O O4    . DT A 1 9  ? 5.38727   -2.89882  6.62464   1.000 180.15238 ? 9  DT A O4    1 
ATOM 180 C C5    . DT A 1 9  ? 4.60273   -4.70439  7.87314   1.000 225.33542 ? 9  DT A C5    1 
ATOM 181 C C7    . DT A 1 9  ? 4.99761   -5.71038  6.83372   1.000 234.80940 ? 9  DT A C7    1 
ATOM 182 C C6    . DT A 1 9  ? 4.01686   -5.06808  9.02184   1.000 248.06783 ? 9  DT A C6    1 
ATOM 183 P P     . DG A 1 10 ? -1.61667  -5.18698  12.21092  1.000 274.04177 ? 10 DG A P     1 
ATOM 184 O OP1   . DG A 1 10 ? -1.33585  -4.21715  13.29874  1.000 230.91335 ? 10 DG A OP1   1 
ATOM 185 O OP2   . DG A 1 10 ? -2.70895  -6.17096  12.39709  1.000 381.17619 ? 10 DG A OP2   1 
ATOM 186 O "O5'" . DG A 1 10 ? -1.85641  -4.49250  10.77690  1.000 236.37602 ? 10 DG A "O5'" 1 
ATOM 187 C "C5'" . DG A 1 10 ? -2.78641  -3.41226  10.63432  1.000 250.68077 ? 10 DG A "C5'" 1 
ATOM 188 C "C4'" . DG A 1 10 ? -2.29432  -2.21399  11.40994  1.000 208.08569 ? 10 DG A "C4'" 1 
ATOM 189 O "O4'" . DG A 1 10 ? -0.86062  -2.17476  11.33376  1.000 216.98253 ? 10 DG A "O4'" 1 
ATOM 190 C "C3'" . DG A 1 10 ? -2.81678  -0.86040  10.95416  1.000 210.18122 ? 10 DG A "C3'" 1 
ATOM 191 O "O3'" . DG A 1 10 ? -3.35323  -0.19125  12.05049  1.000 231.85009 ? 10 DG A "O3'" 1 
ATOM 192 C "C2'" . DG A 1 10 ? -1.59978  -0.10666  10.41891  1.000 203.50264 ? 10 DG A "C2'" 1 
ATOM 193 C "C1'" . DG A 1 10 ? -0.43400  -1.06682  10.58781  1.000 219.41061 ? 10 DG A "C1'" 1 
ATOM 194 N N9    . DG A 1 10 ? 0.17781   -1.51333  9.33257   1.000 196.67753 ? 10 DG A N9    1 
ATOM 195 C C8    . DG A 1 10 ? 0.37427   -2.80425  8.90771   1.000 196.09901 ? 10 DG A C8    1 
ATOM 196 N N7    . DG A 1 10 ? 0.98626   -2.88125  7.75727   1.000 188.59099 ? 10 DG A N7    1 
ATOM 197 C C5    . DG A 1 10 ? 1.21230   -1.55327  7.40435   1.000 194.52403 ? 10 DG A C5    1 
ATOM 198 C C6    . DG A 1 10 ? 1.83437   -0.99876  6.26007   1.000 198.90336 ? 10 DG A C6    1 
ATOM 199 O O6    . DG A 1 10 ? 2.32558   -1.59458  5.30199   1.000 230.65092 ? 10 DG A O6    1 
ATOM 200 N N1    . DG A 1 10 ? 1.85145   0.39997   6.29899   1.000 191.42816 ? 10 DG A N1    1 
ATOM 201 C C2    . DG A 1 10 ? 1.33205   1.14883   7.32500   1.000 191.83845 ? 10 DG A C2    1 
ATOM 202 N N2    . DG A 1 10 ? 1.41637   2.47990   7.21413   1.000 211.05641 ? 10 DG A N2    1 
ATOM 203 N N3    . DG A 1 10 ? 0.74808   0.63575   8.38686   1.000 160.64237 ? 10 DG A N3    1 
ATOM 204 C C4    . DG A 1 10 ? 0.72371   -0.71075  8.36236   1.000 181.34293 ? 10 DG A C4    1 
ATOM 205 P P     . DT A 1 11 ? -4.92965  0.06030   12.14009  1.000 241.97795 ? 11 DT A P     1 
ATOM 206 O OP1   . DT A 1 11 ? -5.39996  -0.65448  13.34695  1.000 265.63253 ? 11 DT A OP1   1 
ATOM 207 O OP2   . DT A 1 11 ? -5.52944  -0.24952  10.82286  1.000 193.83097 ? 11 DT A OP2   1 
ATOM 208 O "O5'" . DT A 1 11 ? -5.04314  1.63573   12.36313  1.000 303.89343 ? 11 DT A "O5'" 1 
ATOM 209 C "C5'" . DT A 1 11 ? -5.87384  2.39644   11.51862  1.000 286.15762 ? 11 DT A "C5'" 1 
ATOM 210 C "C4'" . DT A 1 11 ? -5.06484  3.23392   10.54468  1.000 247.55476 ? 11 DT A "C4'" 1 
ATOM 211 O "O4'" . DT A 1 11 ? -4.01637  2.42385   9.89810   1.000 198.52604 ? 11 DT A "O4'" 1 
ATOM 212 C "C3'" . DT A 1 11 ? -5.90146  3.82235   9.39168   1.000 202.18691 ? 11 DT A "C3'" 1 
ATOM 213 O "O3'" . DT A 1 11 ? -5.63046  5.24240   9.20324   1.000 202.07743 ? 11 DT A "O3'" 1 
ATOM 214 C "C2'" . DT A 1 11 ? -5.42559  2.99373   8.20044   1.000 209.12176 ? 11 DT A "C2'" 1 
ATOM 215 C "C1'" . DT A 1 11 ? -3.96878  2.86089   8.56349   1.000 225.27512 ? 11 DT A "C1'" 1 
ATOM 216 N N1    . DT A 1 11 ? -3.17274  1.95221   7.65117   1.000 232.96002 ? 11 DT A N1    1 
ATOM 217 C C2    . DT A 1 11 ? -2.42021  2.52564   6.64257   1.000 202.04083 ? 11 DT A C2    1 
ATOM 218 O O2    . DT A 1 11 ? -2.33745  3.72798   6.47035   1.000 264.80147 ? 11 DT A O2    1 
ATOM 219 N N3    . DT A 1 11 ? -1.74984  1.63831   5.84643   1.000 170.64642 ? 11 DT A N3    1 
ATOM 220 C C4    . DT A 1 11 ? -1.76084  0.26383   5.93812   1.000 180.37873 ? 11 DT A C4    1 
ATOM 221 O O4    . DT A 1 11 ? -1.12337  -0.44983  5.17011   1.000 172.83413 ? 11 DT A O4    1 
ATOM 222 C C5    . DT A 1 11 ? -2.57726  -0.27554  6.99935   1.000 204.70493 ? 11 DT A C5    1 
ATOM 223 C C7    . DT A 1 11 ? -2.66741  -1.75785  7.19433   1.000 211.01657 ? 11 DT A C7    1 
ATOM 224 C C6    . DT A 1 11 ? -3.25281  0.58585   7.78402   1.000 221.94695 ? 11 DT A C6    1 
ATOM 225 P P     . DT A 1 12 ? -5.34126  5.79496   7.71757   1.000 238.91319 ? 12 DT A P     1 
ATOM 226 O OP1   . DT A 1 12 ? -6.39030  5.26368   6.81472   1.000 238.33886 ? 12 DT A OP1   1 
ATOM 227 O OP2   . DT A 1 12 ? -3.89066  5.68788   7.46130   1.000 311.35124 ? 12 DT A OP2   1 
ATOM 228 O "O5'" . DT A 1 12 ? -5.60352  7.35957   7.72332   1.000 321.61475 ? 12 DT A "O5'" 1 
ATOM 229 C "C5'" . DT A 1 12 ? -6.26378  7.95110   6.58452   1.000 256.04379 ? 12 DT A "C5'" 1 
ATOM 230 C "C4'" . DT A 1 12 ? -5.46642  7.83011   5.26418   1.000 244.89950 ? 12 DT A "C4'" 1 
ATOM 231 O "O4'" . DT A 1 12 ? -4.77505  6.55702   5.13646   1.000 225.77244 ? 12 DT A "O4'" 1 
ATOM 232 C "C3'" . DT A 1 12 ? -6.32960  7.92575   4.00356   1.000 228.53307 ? 12 DT A "C3'" 1 
ATOM 233 O "O3'" . DT A 1 12 ? -6.26883  9.24491   3.44598   1.000 227.59704 ? 12 DT A "O3'" 1 
ATOM 234 C "C2'" . DT A 1 12 ? -5.78064  6.84102   3.05019   1.000 228.17365 ? 12 DT A "C2'" 1 
ATOM 235 C "C1'" . DT A 1 12 ? -4.54353  6.32120   3.76836   1.000 207.39726 ? 12 DT A "C1'" 1 
ATOM 236 N N1    . DT A 1 12 ? -4.26455  4.83290   3.50585   1.000 167.47513 ? 12 DT A N1    1 
ATOM 237 C C2    . DT A 1 12 ? -3.43585  4.48506   2.45541   1.000 172.05167 ? 12 DT A C2    1 
ATOM 238 O O2    . DT A 1 12 ? -2.89483  5.30637   1.73317   1.000 171.96299 ? 12 DT A O2    1 
ATOM 239 N N3    . DT A 1 12 ? -3.25500  3.13183   2.27916   1.000 176.90046 ? 12 DT A N3    1 
ATOM 240 C C4    . DT A 1 12 ? -3.80922  2.10761   3.01916   1.000 177.87125 ? 12 DT A C4    1 
ATOM 241 O O4    . DT A 1 12 ? -3.57839  0.92539   2.77965   1.000 182.53091 ? 12 DT A O4    1 
ATOM 242 C C5    . DT A 1 12 ? -4.67216  2.52604   4.09942   1.000 173.13518 ? 12 DT A C5    1 
ATOM 243 C C7    . DT A 1 12 ? -5.32132  1.49512   4.97411   1.000 174.04695 ? 12 DT A C7    1 
ATOM 244 C C6    . DT A 1 12 ? -4.86821  3.85537   4.28566   1.000 168.08034 ? 12 DT A C6    1 
ATOM 245 P P     . DT A 1 13 ? -5.03672  9.72479   2.52841   1.000 245.08704 ? 13 DT A P     1 
ATOM 246 O OP1   . DT A 1 13 ? -3.74638  9.28936   3.10271   1.000 258.90556 ? 13 DT A OP1   1 
ATOM 247 O OP2   . DT A 1 13 ? -5.25856  11.16001  2.25778   1.000 241.15566 ? 13 DT A OP2   1 
ATOM 248 O "O5'" . DT A 1 13 ? -5.26873  8.97600   1.14949   1.000 251.05043 ? 13 DT A "O5'" 1 
ATOM 249 C "C5'" . DT A 1 13 ? -4.16290  8.52971   0.39910   1.000 230.70534 ? 13 DT A "C5'" 1 
ATOM 250 C "C4'" . DT A 1 13 ? -4.60097  8.19639   -1.00580  1.000 223.98125 ? 13 DT A "C4'" 1 
ATOM 251 O "O4'" . DT A 1 13 ? -4.67287  6.75923   -1.16634  1.000 262.01232 ? 13 DT A "O4'" 1 
ATOM 252 C "C3'" . DT A 1 13 ? -5.98444  8.71887   -1.36604  1.000 198.37048 ? 13 DT A "C3'" 1 
ATOM 253 O "O3'" . DT A 1 13 ? -6.02051  9.04592   -2.73775  1.000 222.40019 ? 13 DT A "O3'" 1 
ATOM 254 C "C2'" . DT A 1 13 ? -6.87863  7.52575   -1.04839  1.000 243.49659 ? 13 DT A "C2'" 1 
ATOM 255 C "C1'" . DT A 1 13 ? -5.98960  6.38726   -1.51110  1.000 237.35643 ? 13 DT A "C1'" 1 
ATOM 256 N N1    . DT A 1 13 ? -6.27681  5.08316   -0.87281  1.000 156.68981 ? 13 DT A N1    1 
ATOM 257 C C2    . DT A 1 13 ? -5.71919  3.95307   -1.41796  1.000 162.27011 ? 13 DT A C2    1 
ATOM 258 O O2    . DT A 1 13 ? -5.00615  3.97499   -2.40558  1.000 165.50790 ? 13 DT A O2    1 
ATOM 259 N N3    . DT A 1 13 ? -6.02179  2.78535   -0.77132  1.000 164.08192 ? 13 DT A N3    1 
ATOM 260 C C4    . DT A 1 13 ? -6.81105  2.63661   0.35028   1.000 161.04835 ? 13 DT A C4    1 
ATOM 261 O O4    . DT A 1 13 ? -7.02485  1.53576   0.85888   1.000 163.39065 ? 13 DT A O4    1 
ATOM 262 C C5    . DT A 1 13 ? -7.37046  3.86383   0.87694   1.000 155.05856 ? 13 DT A C5    1 
ATOM 263 C C7    . DT A 1 13 ? -8.24752  3.82451   2.08997   1.000 151.31769 ? 13 DT A C7    1 
ATOM 264 C C6    . DT A 1 13 ? -7.07526  5.02004   0.24863   1.000 153.12971 ? 13 DT A C6    1 
ATOM 265 P P     . DG A 1 14 ? -5.77156  10.56048  -3.21007  1.000 201.79727 ? 14 DG A P     1 
ATOM 266 O OP1   . DG A 1 14 ? -5.31509  11.33605  -2.03685  1.000 207.09667 ? 14 DG A OP1   1 
ATOM 267 O OP2   . DG A 1 14 ? -6.97022  10.98543  -3.96944  1.000 210.37961 ? 14 DG A OP2   1 
ATOM 268 O "O5'" . DG A 1 14 ? -4.54440  10.45788  -4.22413  1.000 224.50142 ? 14 DG A "O5'" 1 
ATOM 269 C "C5'" . DG A 1 14 ? -4.75746  10.68107  -5.59094  1.000 252.11163 ? 14 DG A "C5'" 1 
ATOM 270 C "C4'" . DG A 1 14 ? -4.29924  9.48704   -6.40313  1.000 245.21850 ? 14 DG A "C4'" 1 
ATOM 271 O "O4'" . DG A 1 14 ? -4.62748  8.24090   -5.71473  1.000 223.93319 ? 14 DG A "O4'" 1 
ATOM 272 C "C3'" . DG A 1 14 ? -4.91731  9.38862   -7.78198  1.000 200.24546 ? 14 DG A "C3'" 1 
ATOM 273 O "O3'" . DG A 1 14 ? -3.92544  8.94337   -8.70960  1.000 208.29301 ? 14 DG A "O3'" 1 
ATOM 274 C "C2'" . DG A 1 14 ? -6.05473  8.37918   -7.57579  1.000 212.39735 ? 14 DG A "C2'" 1 
ATOM 275 C "C1'" . DG A 1 14 ? -5.49444  7.44323   -6.50638  1.000 201.46056 ? 14 DG A "C1'" 1 
ATOM 276 N N9    . DG A 1 14 ? -6.50797  6.86506   -5.60227  1.000 200.95723 ? 14 DG A N9    1 
ATOM 277 C C8    . DG A 1 14 ? -7.38225  7.56463   -4.80925  1.000 215.52982 ? 14 DG A C8    1 
ATOM 278 N N7    . DG A 1 14 ? -8.14861  6.80788   -4.07420  1.000 214.69144 ? 14 DG A N7    1 
ATOM 279 C C5    . DG A 1 14 ? -7.75652  5.51171   -4.38617  1.000 191.34059 ? 14 DG A C5    1 
ATOM 280 C C6    . DG A 1 14 ? -8.23874  4.26993   -3.89408  1.000 181.86368 ? 14 DG A C6    1 
ATOM 281 O O6    . DG A 1 14 ? -9.12799  4.06953   -3.06667  1.000 182.67679 ? 14 DG A O6    1 
ATOM 282 N N1    . DG A 1 14 ? -7.57350  3.18819   -4.46063  1.000 180.53633 ? 14 DG A N1    1 
ATOM 283 C C2    . DG A 1 14 ? -6.56250  3.28939   -5.38854  1.000 194.42443 ? 14 DG A C2    1 
ATOM 284 N N2    . DG A 1 14 ? -6.03636  2.12670   -5.82212  1.000 226.98885 ? 14 DG A N2    1 
ATOM 285 N N3    . DG A 1 14 ? -6.09978  4.45107   -5.86434  1.000 209.91106 ? 14 DG A N3    1 
ATOM 286 C C4    . DG A 1 14 ? -6.74007  5.51910   -5.31817  1.000 194.94733 ? 14 DG A C4    1 
ATOM 287 P P     . DG A 1 15 ? -4.30236  8.61842   -10.23549 1.000 222.38483 ? 15 DG A P     1 
ATOM 288 O OP1   . DG A 1 15 ? -3.12882  8.94513   -11.07581 1.000 245.24769 ? 15 DG A OP1   1 
ATOM 289 O OP2   . DG A 1 15 ? -5.62135  9.21554   -10.55522 1.000 219.09154 ? 15 DG A OP2   1 
ATOM 290 O "O5'" . DG A 1 15 ? -4.46248  7.03695   -10.22118 1.000 198.56099 ? 15 DG A "O5'" 1 
ATOM 291 C "C5'" . DG A 1 15 ? -3.35785  6.19988   -10.50419 1.000 233.31129 ? 15 DG A "C5'" 1 
ATOM 292 C "C4'" . DG A 1 15 ? -3.86850  4.93119   -11.13642 1.000 243.70495 ? 15 DG A "C4'" 1 
ATOM 293 O "O4'" . DG A 1 15 ? -4.72203  4.27116   -10.16580 1.000 213.80343 ? 15 DG A "O4'" 1 
ATOM 294 C "C3'" . DG A 1 15 ? -4.71211  5.18771   -12.38968 1.000 249.87280 ? 15 DG A "C3'" 1 
ATOM 295 O "O3'" . DG A 1 15 ? -4.16838  4.55785   -13.60131 1.000 242.08008 ? 15 DG A "O3'" 1 
ATOM 296 C "C2'" . DG A 1 15 ? -6.12847  4.73162   -12.05581 1.000 266.76673 ? 15 DG A "C2'" 1 
ATOM 297 C "C1'" . DG A 1 15 ? -6.04430  4.13680   -10.64317 1.000 218.50157 ? 15 DG A "C1'" 1 
ATOM 298 N N9    . DG A 1 15 ? -6.98097  4.77460   -9.70998  1.000 206.93270 ? 15 DG A N9    1 
ATOM 299 C C8    . DG A 1 15 ? -7.15797  6.11578   -9.52233  1.000 213.96314 ? 15 DG A C8    1 
ATOM 300 N N7    . DG A 1 15 ? -8.08455  6.40584   -8.65413  1.000 205.98638 ? 15 DG A N7    1 
ATOM 301 C C5    . DG A 1 15 ? -8.56881  5.17657   -8.24971  1.000 177.20466 ? 15 DG A C5    1 
ATOM 302 C C6    . DG A 1 15 ? -9.58552  4.86412   -7.32123  1.000 173.64998 ? 15 DG A C6    1 
ATOM 303 O O6    . DG A 1 15 ? -10.27219 5.64091   -6.65361  1.000 240.40073 ? 15 DG A O6    1 
ATOM 304 N N1    . DG A 1 15 ? -9.77820  3.48818   -7.20475  1.000 181.72892 ? 15 DG A N1    1 
ATOM 305 C C2    . DG A 1 15 ? -9.06643  2.53872   -7.90127  1.000 189.50158 ? 15 DG A C2    1 
ATOM 306 N N2    . DG A 1 15 ? -9.38081  1.25317   -7.66313  1.000 207.95041 ? 15 DG A N2    1 
ATOM 307 N N3    . DG A 1 15 ? -8.10716  2.82456   -8.77438  1.000 196.15490 ? 15 DG A N3    1 
ATOM 308 C C4    . DG A 1 15 ? -7.91098  4.15702   -8.89545  1.000 197.59084 ? 15 DG A C4    1 
ATOM 309 P P     . DA A 1 16 ? -3.84542  2.98002   -13.73008 1.000 220.63160 ? 16 DA A P     1 
ATOM 310 O OP1   . DA A 1 16 ? -2.61107  2.67100   -12.97508 1.000 222.41363 ? 16 DA A OP1   1 
ATOM 311 O OP2   . DA A 1 16 ? -3.89840  2.68487   -15.17726 1.000 233.26710 ? 16 DA A OP2   1 
ATOM 312 O "O5'" . DA A 1 16 ? -5.08176  2.21060   -13.06394 1.000 245.63794 ? 16 DA A "O5'" 1 
ATOM 313 C "C5'" . DA A 1 16 ? -4.83486  1.10561   -12.19091 1.000 235.79322 ? 16 DA A "C5'" 1 
ATOM 314 C "C4'" . DA A 1 16 ? -5.93961  0.06086   -12.27419 1.000 255.79032 ? 16 DA A "C4'" 1 
ATOM 315 O "O4'" . DA A 1 16 ? -7.07325  0.45325   -11.45472 1.000 230.43647 ? 16 DA A "O4'" 1 
ATOM 316 C "C3'" . DA A 1 16 ? -6.49609  -0.20833  -13.66518 1.000 248.24076 ? 16 DA A "C3'" 1 
ATOM 317 O "O3'" . DA A 1 16 ? -6.76389  -1.60368  -13.78626 1.000 258.52159 ? 16 DA A "O3'" 1 
ATOM 318 C "C2'" . DA A 1 16 ? -7.77844  0.63387   -13.69050 1.000 211.87391 ? 16 DA A "C2'" 1 
ATOM 319 C "C1'" . DA A 1 16 ? -8.24922  0.52869   -12.24480 1.000 223.60590 ? 16 DA A "C1'" 1 
ATOM 320 N N9    . DA A 1 16 ? -9.02405  1.68252   -11.77508 1.000 228.45198 ? 16 DA A N9    1 
ATOM 321 C C8    . DA A 1 16 ? -8.72631  2.99844   -11.95822 1.000 232.10731 ? 16 DA A C8    1 
ATOM 322 N N7    . DA A 1 16 ? -9.57197  3.82994   -11.39812 1.000 167.95761 ? 16 DA A N7    1 
ATOM 323 C C5    . DA A 1 16 ? -10.49908 3.00049   -10.80512 1.000 182.77663 ? 16 DA A C5    1 
ATOM 324 C C6    . DA A 1 16 ? -11.65919 3.26587   -10.05469 1.000 198.31315 ? 16 DA A C6    1 
ATOM 325 N N6    . DA A 1 16 ? -12.08466 4.50240   -9.77402  1.000 257.86742 ? 16 DA A N6    1 
ATOM 326 N N1    . DA A 1 16 ? -12.36662 2.20684   -9.60091  1.000 166.28677 ? 16 DA A N1    1 
ATOM 327 C C2    . DA A 1 16 ? -11.93293 0.97251   -9.89768  1.000 192.39535 ? 16 DA A C2    1 
ATOM 328 N N3    . DA A 1 16 ? -10.85772 0.59825   -10.59223 1.000 198.53973 ? 16 DA A N3    1 
ATOM 329 C C4    . DA A 1 16 ? -10.17444 1.66891   -11.01847 1.000 192.00558 ? 16 DA A C4    1 
ATOM 330 P P     . DC A 1 17 ? -7.29013  -2.23914  -15.16570 1.000 229.57068 ? 17 DC A P     1 
ATOM 331 O OP1   . DC A 1 17 ? -6.58561  -3.53126  -15.34124 1.000 254.00583 ? 17 DC A OP1   1 
ATOM 332 O OP2   . DC A 1 17 ? -7.19806  -1.21168  -16.22907 1.000 194.72297 ? 17 DC A OP2   1 
ATOM 333 O "O5'" . DC A 1 17 ? -8.83293  -2.53996  -14.85565 1.000 217.82985 ? 17 DC A "O5'" 1 
ATOM 334 C "C5'" . DC A 1 17 ? -9.18807  -3.07232  -13.57964 1.000 232.74355 ? 17 DC A "C5'" 1 
ATOM 335 C "C4'" . DC A 1 17 ? -10.69474 -3.14354  -13.39506 1.000 239.14400 ? 17 DC A "C4'" 1 
ATOM 336 O "O4'" . DC A 1 17 ? -11.19187 -1.91768  -12.79245 1.000 240.34616 ? 17 DC A "O4'" 1 
ATOM 337 C "C3'" . DC A 1 17 ? -11.51455 -3.33523  -14.67245 1.000 210.37685 ? 17 DC A "C3'" 1 
ATOM 338 O "O3'" . DC A 1 17 ? -12.57449 -4.21615  -14.39435 1.000 230.58390 ? 17 DC A "O3'" 1 
ATOM 339 C "C2'" . DC A 1 17 ? -12.04468 -1.93132  -14.93111 1.000 191.87634 ? 17 DC A "C2'" 1 
ATOM 340 C "C1'" . DC A 1 17 ? -12.33598 -1.52192  -13.50568 1.000 190.61961 ? 17 DC A "C1'" 1 
ATOM 341 N N1    . DC A 1 17 ? -12.55751 -0.07182  -13.31341 1.000 219.22148 ? 17 DC A N1    1 
ATOM 342 C C2    . DC A 1 17 ? -13.65662 0.34940   -12.56382 1.000 236.66341 ? 17 DC A C2    1 
ATOM 343 O O2    . DC A 1 17 ? -14.40887 -0.50398  -12.07897 1.000 219.72777 ? 17 DC A O2    1 
ATOM 344 N N3    . DC A 1 17 ? -13.86241 1.67459   -12.38841 1.000 210.43420 ? 17 DC A N3    1 
ATOM 345 C C4    . DC A 1 17 ? -13.01962 2.55544   -12.92768 1.000 180.67166 ? 17 DC A C4    1 
ATOM 346 N N4    . DC A 1 17 ? -13.26133 3.85299   -12.72461 1.000 219.15634 ? 17 DC A N4    1 
ATOM 347 C C5    . DC A 1 17 ? -11.89237 2.14521   -13.70160 1.000 161.08492 ? 17 DC A C5    1 
ATOM 348 C C6    . DC A 1 17 ? -11.70078 0.83250   -13.86623 1.000 195.60169 ? 17 DC A C6    1 
ATOM 349 P P     . DA A 1 18 ? -13.21963 -5.10883  -15.55821 1.000 260.85124 ? 18 DA A P     1 
ATOM 350 O OP1   . DA A 1 18 ? -12.53067 -6.42274  -15.49298 1.000 201.44046 ? 18 DA A OP1   1 
ATOM 351 O OP2   . DA A 1 18 ? -13.22560 -4.31177  -16.81032 1.000 226.41832 ? 18 DA A OP2   1 
ATOM 352 O "O5'" . DA A 1 18 ? -14.74030 -5.28668  -15.09103 1.000 219.86581 ? 18 DA A "O5'" 1 
ATOM 353 C "C5'" . DA A 1 18 ? -15.02496 -5.91547  -13.84570 1.000 203.09188 ? 18 DA A "C5'" 1 
ATOM 354 C "C4'" . DA A 1 18 ? -16.22576 -5.27909  -13.16214 1.000 213.41621 ? 18 DA A "C4'" 1 
ATOM 355 O "O4'" . DA A 1 18 ? -16.00598 -3.85001  -13.00567 1.000 206.86616 ? 18 DA A "O4'" 1 
ATOM 356 C "C3'" . DA A 1 18 ? -17.55369 -5.40970  -13.90470 1.000 246.40595 ? 18 DA A "C3'" 1 
ATOM 357 O "O3'" . DA A 1 18 ? -18.60989 -5.51850  -12.95882 1.000 257.20622 ? 18 DA A "O3'" 1 
ATOM 358 C "C2'" . DA A 1 18 ? -17.62947 -4.08703  -14.65667 1.000 238.92209 ? 18 DA A "C2'" 1 
ATOM 359 C "C1'" . DA A 1 18 ? -17.08150 -3.14838  -13.59765 1.000 218.06448 ? 18 DA A "C1'" 1 
ATOM 360 N N9    . DA A 1 18 ? -16.58387 -1.86731  -14.10987 1.000 200.36831 ? 18 DA A N9    1 
ATOM 361 C C8    . DA A 1 18 ? -15.56773 -1.66716  -15.01006 1.000 193.78943 ? 18 DA A C8    1 
ATOM 362 N N7    . DA A 1 18 ? -15.32940 -0.39985  -15.26792 1.000 185.06209 ? 18 DA A N7    1 
ATOM 363 C C5    . DA A 1 18 ? -16.24454 0.27709   -14.47756 1.000 194.84215 ? 18 DA A C5    1 
ATOM 364 C C6    . DA A 1 18 ? -16.50286 1.64662   -14.29086 1.000 210.75434 ? 18 DA A C6    1 
ATOM 365 N N6    . DA A 1 18 ? -15.83215 2.61301   -14.92065 1.000 234.79189 ? 18 DA A N6    1 
ATOM 366 N N1    . DA A 1 18 ? -17.48060 1.98554   -13.42893 1.000 195.87485 ? 18 DA A N1    1 
ATOM 367 C C2    . DA A 1 18 ? -18.15294 1.01651   -12.79922 1.000 201.75164 ? 18 DA A C2    1 
ATOM 368 N N3    . DA A 1 18 ? -18.00230 -0.30268  -12.88848 1.000 186.59460 ? 18 DA A N3    1 
ATOM 369 C C4    . DA A 1 18 ? -17.02177 -0.61020  -13.75429 1.000 187.26125 ? 18 DA A C4    1 
ATOM 370 P P     . DT A 1 19 ? -19.98878 -6.23625  -13.35653 1.000 261.88103 ? 19 DT A P     1 
ATOM 371 O OP1   . DT A 1 19 ? -19.83006 -7.67629  -13.05085 1.000 203.39676 ? 19 DT A OP1   1 
ATOM 372 O OP2   . DT A 1 19 ? -20.34628 -5.80650  -14.72563 1.000 197.29953 ? 19 DT A OP2   1 
ATOM 373 O "O5'" . DT A 1 19 ? -21.06315 -5.58844  -12.36030 1.000 258.26273 ? 19 DT A "O5'" 1 
ATOM 374 C "C5'" . DT A 1 19 ? -20.80465 -4.32159  -11.75969 1.000 228.38384 ? 19 DT A "C5'" 1 
ATOM 375 C "C4'" . DT A 1 19 ? -21.71797 -3.23633  -12.32288 1.000 259.25504 ? 19 DT A "C4'" 1 
ATOM 376 O "O4'" . DT A 1 19 ? -20.91155 -2.17233  -12.87194 1.000 192.97984 ? 19 DT A "O4'" 1 
ATOM 377 C "C3'" . DT A 1 19 ? -22.66065 -3.67294  -13.45970 1.000 274.89428 ? 19 DT A "C3'" 1 
ATOM 378 O "O3'" . DT A 1 19 ? -24.05803 -3.74860  -13.01245 1.000 270.92792 ? 19 DT A "O3'" 1 
ATOM 379 C "C2'" . DT A 1 19 ? -22.44433 -2.63982  -14.58067 1.000 211.28066 ? 19 DT A "C2'" 1 
ATOM 380 C "C1'" . DT A 1 19 ? -21.64064 -1.54148  -13.89274 1.000 184.52004 ? 19 DT A "C1'" 1 
ATOM 381 N N1    . DT A 1 19 ? -20.68652 -0.84114  -14.79971 1.000 179.70295 ? 19 DT A N1    1 
ATOM 382 C C2    . DT A 1 19 ? -20.65213 0.53571   -14.79991 1.000 199.82713 ? 19 DT A C2    1 
ATOM 383 O O2    . DT A 1 19 ? -21.36436 1.22060   -14.08848 1.000 203.27763 ? 19 DT A O2    1 
ATOM 384 N N3    . DT A 1 19 ? -19.74663 1.08775   -15.66551 1.000 194.14999 ? 19 DT A N3    1 
ATOM 385 C C4    . DT A 1 19 ? -18.89085 0.41110   -16.51592 1.000 185.20401 ? 19 DT A C4    1 
ATOM 386 O O4    . DT A 1 19 ? -18.11217 0.99624   -17.25939 1.000 187.58912 ? 19 DT A O4    1 
ATOM 387 C C5    . DT A 1 19 ? -18.97966 -1.03106  -16.46887 1.000 198.56400 ? 19 DT A C5    1 
ATOM 388 C C7    . DT A 1 19 ? -18.10211 -1.86719  -17.35038 1.000 237.63093 ? 19 DT A C7    1 
ATOM 389 C C6    . DT A 1 19 ? -19.86348 -1.58186  -15.62325 1.000 168.98391 ? 19 DT A C6    1 
ATOM 390 P P     . DC A 1 20 ? -24.93995 -2.44735  -12.62656 1.000 236.76170 ? 20 DC A P     1 
ATOM 391 O OP1   . DC A 1 20 ? -24.14225 -1.47553  -11.84601 1.000 217.46715 ? 20 DC A OP1   1 
ATOM 392 O OP2   . DC A 1 20 ? -26.18860 -2.97963  -12.03937 1.000 221.23862 ? 20 DC A OP2   1 
ATOM 393 O "O5'" . DC A 1 20 ? -25.34630 -1.78713  -14.02776 1.000 198.60964 ? 20 DC A "O5'" 1 
ATOM 394 C "C5'" . DC A 1 20 ? -26.49154 -0.90580  -14.11422 1.000 256.32307 ? 20 DC A "C5'" 1 
ATOM 395 C "C4'" . DC A 1 20 ? -26.27947 0.38347   -13.32066 1.000 216.48041 ? 20 DC A "C4'" 1 
ATOM 396 O "O4'" . DC A 1 20 ? -24.94131 0.88943   -13.54414 1.000 194.45584 ? 20 DC A "O4'" 1 
ATOM 397 C "C3'" . DC A 1 20 ? -27.18433 1.53699   -13.71344 1.000 224.16935 ? 20 DC A "C3'" 1 
ATOM 398 O "O3'" . DC A 1 20 ? -27.25639 2.47069   -12.64618 1.000 208.39460 ? 20 DC A "O3'" 1 
ATOM 399 C "C2'" . DC A 1 20 ? -26.44107 2.12117   -14.91202 1.000 189.77936 ? 20 DC A "C2'" 1 
ATOM 400 C "C1'" . DC A 1 20 ? -24.98068 1.95141   -14.48886 1.000 202.74651 ? 20 DC A "C1'" 1 
ATOM 401 N N1    . DC A 1 20 ? -24.06504 1.59509   -15.60756 1.000 206.77684 ? 20 DC A N1    1 
ATOM 402 C C2    . DC A 1 20 ? -23.37950 2.59674   -16.29874 1.000 193.23413 ? 20 DC A C2    1 
ATOM 403 O O2    . DC A 1 20 ? -23.55763 3.77726   -15.98320 1.000 205.59745 ? 20 DC A O2    1 
ATOM 404 N N3    . DC A 1 20 ? -22.54176 2.23701   -17.30520 1.000 188.69772 ? 20 DC A N3    1 
ATOM 405 C C4    . DC A 1 20 ? -22.38017 0.95053   -17.61592 1.000 203.25940 ? 20 DC A C4    1 
ATOM 406 N N4    . DC A 1 20 ? -21.54922 0.64195   -18.61553 1.000 227.00458 ? 20 DC A N4    1 
ATOM 407 C C5    . DC A 1 20 ? -23.06856 -0.08017  -16.91923 1.000 205.26793 ? 20 DC A C5    1 
ATOM 408 C C6    . DC A 1 20 ? -23.88604 0.28386   -15.93209 1.000 202.96422 ? 20 DC A C6    1 
ATOM 409 P P     . DA A 1 21 ? -28.59361 3.32704   -12.41087 1.000 249.78210 ? 21 DA A P     1 
ATOM 410 O OP1   . DA A 1 21 ? -28.61734 3.79530   -11.00752 1.000 241.43710 ? 21 DA A OP1   1 
ATOM 411 O OP2   . DA A 1 21 ? -29.71843 2.52767   -12.94626 1.000 260.69037 ? 21 DA A OP2   1 
ATOM 412 O "O5'" . DA A 1 21 ? -28.40150 4.59392   -13.36088 1.000 192.62995 ? 21 DA A "O5'" 1 
ATOM 413 C "C5'" . DA A 1 21 ? -28.89535 4.55476   -14.68619 1.000 190.17141 ? 21 DA A "C5'" 1 
ATOM 414 C "C4'" . DA A 1 21 ? -28.36907 5.72158   -15.49434 1.000 196.74415 ? 21 DA A "C4'" 1 
ATOM 415 O "O4'" . DA A 1 21 ? -27.17545 5.30980   -16.22138 1.000 201.80313 ? 21 DA A "O4'" 1 
ATOM 416 C "C3'" . DA A 1 21 ? -29.33217 6.23259   -16.55947 1.000 229.02515 ? 21 DA A "C3'" 1 
ATOM 417 O "O3'" . DA A 1 21 ? -29.14574 7.63094   -16.74805 1.000 229.75804 ? 21 DA A "O3'" 1 
ATOM 418 C "C2'" . DA A 1 21 ? -28.88773 5.44277   -17.78089 1.000 215.43682 ? 21 DA A "C2'" 1 
ATOM 419 C "C1'" . DA A 1 21 ? -27.38775 5.51132   -17.60367 1.000 221.75722 ? 21 DA A "C1'" 1 
ATOM 420 N N9    . DA A 1 21 ? -26.65241 4.49613   -18.34337 1.000 213.39330 ? 21 DA A N9    1 
ATOM 421 C C8    . DA A 1 21 ? -26.83321 3.14192   -18.29255 1.000 183.84749 ? 21 DA A C8    1 
ATOM 422 N N7    . DA A 1 21 ? -26.01012 2.47158   -19.06346 1.000 205.11481 ? 21 DA A N7    1 
ATOM 423 C C5    . DA A 1 21 ? -25.23403 3.45532   -19.65886 1.000 234.86559 ? 21 DA A C5    1 
ATOM 424 C C6    . DA A 1 21 ? -24.17359 3.39727   -20.58693 1.000 249.00260 ? 21 DA A C6    1 
ATOM 425 N N6    . DA A 1 21 ? -23.70398 2.25355   -21.08863 1.000 234.32917 ? 21 DA A N6    1 
ATOM 426 N N1    . DA A 1 21 ? -23.61488 4.56611   -20.97958 1.000 246.49433 ? 21 DA A N1    1 
ATOM 427 C C2    . DA A 1 21 ? -24.09414 5.70993   -20.47193 1.000 223.72353 ? 21 DA A C2    1 
ATOM 428 N N3    . DA A 1 21 ? -25.08625 5.88896   -19.59524 1.000 230.09109 ? 21 DA A N3    1 
ATOM 429 C C4    . DA A 1 21 ? -25.61622 4.70872   -19.22427 1.000 238.74990 ? 21 DA A C4    1 
ATOM 430 P P     . DC B 2 1  ? -13.11388 -0.37542  0.17732   1.000 151.71325 ? 1  DC B P     1 
ATOM 431 O OP1   . DC B 2 1  ? -12.96431 -0.21974  1.65227   1.000 123.94086 ? 1  DC B OP1   1 
ATOM 432 O OP2   . DC B 2 1  ? -12.06928 0.10344   -0.75141  1.000 128.97327 ? 1  DC B OP2   1 
ATOM 433 O "O5'" . DC B 2 1  ? -13.40529 -1.91095  -0.17755  1.000 181.95765 ? 1  DC B "O5'" 1 
ATOM 434 C "C5'" . DC B 2 1  ? -14.44931 -2.24924  -1.07424  1.000 213.91317 ? 1  DC B "C5'" 1 
ATOM 435 C "C4'" . DC B 2 1  ? -13.97345 -2.16301  -2.50846  1.000 233.39440 ? 1  DC B "C4'" 1 
ATOM 436 O "O4'" . DC B 2 1  ? -13.93411 -0.79328  -2.92627  1.000 173.22999 ? 1  DC B "O4'" 1 
ATOM 437 C "C3'" . DC B 2 1  ? -12.56904 -2.71607  -2.76929  1.000 211.69966 ? 1  DC B "C3'" 1 
ATOM 438 O "O3'" . DC B 2 1  ? -12.66444 -3.81090  -3.66007  1.000 237.74863 ? 1  DC B "O3'" 1 
ATOM 439 C "C2'" . DC B 2 1  ? -11.79378 -1.53178  -3.39116  1.000 173.78470 ? 1  DC B "C2'" 1 
ATOM 440 C "C1'" . DC B 2 1  ? -12.93458 -0.66964  -3.89931  1.000 151.73845 ? 1  DC B "C1'" 1 
ATOM 441 N N1    . DC B 2 1  ? -12.65109 0.78722   -4.05903  1.000 151.28451 ? 1  DC B N1    1 
ATOM 442 C C2    . DC B 2 1  ? -11.89668 1.26041   -5.14510  1.000 158.76930 ? 1  DC B C2    1 
ATOM 443 O O2    . DC B 2 1  ? -11.41864 0.45757   -5.94898  1.000 178.62395 ? 1  DC B O2    1 
ATOM 444 N N3    . DC B 2 1  ? -11.70104 2.59864   -5.26974  1.000 182.98639 ? 1  DC B N3    1 
ATOM 445 C C4    . DC B 2 1  ? -12.22873 3.43573   -4.37729  1.000 233.11847 ? 1  DC B C4    1 
ATOM 446 N N4    . DC B 2 1  ? -12.01816 4.74606   -4.53789  1.000 275.38270 ? 1  DC B N4    1 
ATOM 447 C C5    . DC B 2 1  ? -13.01812 2.97151   -3.28787  1.000 231.74326 ? 1  DC B C5    1 
ATOM 448 C C6    . DC B 2 1  ? -13.20755 1.65857   -3.17468  1.000 180.27933 ? 1  DC B C6    1 
ATOM 449 P P     . DC B 2 2  ? -11.86326 -5.16398  -3.34380  1.000 177.60950 ? 2  DC B P     1 
ATOM 450 O OP1   . DC B 2 2  ? -11.53969 -5.78065  -4.65427  1.000 156.61353 ? 2  DC B OP1   1 
ATOM 451 O OP2   . DC B 2 2  ? -12.61681 -5.95133  -2.33793  1.000 198.62016 ? 2  DC B OP2   1 
ATOM 452 O "O5'" . DC B 2 2  ? -10.53150 -4.62885  -2.63315  1.000 190.87166 ? 2  DC B "O5'" 1 
ATOM 453 C "C5'" . DC B 2 2  ? -9.41238  -5.46966  -2.50442  1.000 221.18780 ? 2  DC B "C5'" 1 
ATOM 454 C "C4'" . DC B 2 2  ? -8.36847  -5.15131  -3.55860  1.000 218.28192 ? 2  DC B "C4'" 1 
ATOM 455 O "O4'" . DC B 2 2  ? -8.46454  -3.74880  -3.94999  1.000 192.68160 ? 2  DC B "O4'" 1 
ATOM 456 C "C3'" . DC B 2 2  ? -6.94585  -5.32198  -3.07871  1.000 229.88531 ? 2  DC B "C3'" 1 
ATOM 457 O "O3'" . DC B 2 2  ? -6.09208  -5.53716  -4.17744  1.000 198.55567 ? 2  DC B "O3'" 1 
ATOM 458 C "C2'" . DC B 2 2  ? -6.69668  -3.96621  -2.44942  1.000 265.85305 ? 2  DC B "C2'" 1 
ATOM 459 C "C1'" . DC B 2 2  ? -7.32774  -3.04529  -3.48013  1.000 224.41054 ? 2  DC B "C1'" 1 
ATOM 460 N N1    . DC B 2 2  ? -7.79046  -1.74109  -2.90881  1.000 210.90278 ? 2  DC B N1    1 
ATOM 461 C C2    . DC B 2 2  ? -7.49183  -0.51907  -3.55518  1.000 193.67039 ? 2  DC B C2    1 
ATOM 462 O O2    . DC B 2 2  ? -6.82875  -0.51709  -4.60354  1.000 199.79583 ? 2  DC B O2    1 
ATOM 463 N N3    . DC B 2 2  ? -7.94552  0.64015   -3.00144  1.000 174.25891 ? 2  DC B N3    1 
ATOM 464 C C4    . DC B 2 2  ? -8.65042  0.61054   -1.87446  1.000 177.69554 ? 2  DC B C4    1 
ATOM 465 N N4    . DC B 2 2  ? -9.08092  1.77124   -1.37167  1.000 169.14374 ? 2  DC B N4    1 
ATOM 466 C C5    . DC B 2 2  ? -8.96121  -0.61272  -1.21346  1.000 163.15306 ? 2  DC B C5    1 
ATOM 467 C C6    . DC B 2 2  ? -8.51984  -1.74806  -1.75929  1.000 181.63436 ? 2  DC B C6    1 
ATOM 468 P P     . DA B 2 3  ? -5.00807  -6.71922  -4.14343  1.000 251.85963 ? 3  DA B P     1 
ATOM 469 O OP1   . DA B 2 3  ? -5.54647  -7.84202  -4.94165  1.000 321.78365 ? 3  DA B OP1   1 
ATOM 470 O OP2   . DA B 2 3  ? -4.62486  -6.94765  -2.73426  1.000 249.81743 ? 3  DA B OP2   1 
ATOM 471 O "O5'" . DA B 2 3  ? -3.75460  -6.08869  -4.90595  1.000 240.46013 ? 3  DA B "O5'" 1 
ATOM 472 C "C5'" . DA B 2 3  ? -3.94365  -5.45132  -6.16644  1.000 231.30369 ? 3  DA B "C5'" 1 
ATOM 473 C "C4'" . DA B 2 3  ? -2.85192  -4.42227  -6.45960  1.000 262.28295 ? 3  DA B "C4'" 1 
ATOM 474 O "O4'" . DA B 2 3  ? -3.13374  -3.18678  -5.76090  1.000 257.54927 ? 3  DA B "O4'" 1 
ATOM 475 C "C3'" . DA B 2 3  ? -1.43991  -4.80061  -6.04111  1.000 264.84115 ? 3  DA B "C3'" 1 
ATOM 476 O "O3'" . DA B 2 3  ? -0.50354  -4.13218  -6.87998  1.000 307.09356 ? 3  DA B "O3'" 1 
ATOM 477 C "C2'" . DA B 2 3  ? -1.37881  -4.27701  -4.61548  1.000 270.36573 ? 3  DA B "C2'" 1 
ATOM 478 C "C1'" . DA B 2 3  ? -2.20343  -3.00074  -4.70825  1.000 302.10212 ? 3  DA B "C1'" 1 
ATOM 479 N N9    . DA B 2 3  ? -2.95729  -2.74956  -3.49613  1.000 172.04306 ? 3  DA B N9    1 
ATOM 480 C C8    . DA B 2 3  ? -3.34600  -3.68305  -2.57851  1.000 169.68858 ? 3  DA B C8    1 
ATOM 481 N N7    . DA B 2 3  ? -4.01353  -3.18264  -1.56536  1.000 167.93449 ? 3  DA B N7    1 
ATOM 482 C C5    . DA B 2 3  ? -4.10082  -1.82989  -1.85364  1.000 169.28160 ? 3  DA B C5    1 
ATOM 483 C C6    . DA B 2 3  ? -4.70286  -0.75008  -1.16981  1.000 168.60062 ? 3  DA B C6    1 
ATOM 484 N N6    . DA B 2 3  ? -5.36297  -0.88881  -0.01246  1.000 166.18780 ? 3  DA B N6    1 
ATOM 485 N N1    . DA B 2 3  ? -4.59447  0.47982   -1.72154  1.000 170.58516 ? 3  DA B N1    1 
ATOM 486 C C2    . DA B 2 3  ? -3.92947  0.61254   -2.88096  1.000 173.03358 ? 3  DA B C2    1 
ATOM 487 N N3    . DA B 2 3  ? -3.32601  -0.32755  -3.61798  1.000 173.83737 ? 3  DA B N3    1 
ATOM 488 C C4    . DA B 2 3  ? -3.45014  -1.54003  -3.04176  1.000 171.85435 ? 3  DA B C4    1 
ATOM 489 P P     . DT B 2 4  ? 0.98070   -3.78914  -6.36458  1.000 235.01734 ? 4  DT B P     1 
ATOM 490 O OP1   . DT B 2 4  ? 1.78597   -3.51618  -7.57373  1.000 221.86788 ? 4  DT B OP1   1 
ATOM 491 O OP2   . DT B 2 4  ? 1.43026   -4.82524  -5.40336  1.000 197.35886 ? 4  DT B OP2   1 
ATOM 492 O "O5'" . DT B 2 4  ? 0.81918   -2.39634  -5.60755  1.000 265.47381 ? 4  DT B "O5'" 1 
ATOM 493 C "C5'" . DT B 2 4  ? 0.60490   -1.21278  -6.35143  1.000 208.85083 ? 4  DT B "C5'" 1 
ATOM 494 C "C4'" . DT B 2 4  ? 0.91864   0.00269   -5.50353  1.000 243.42119 ? 4  DT B "C4'" 1 
ATOM 495 O "O4'" . DT B 2 4  ? -0.07935  0.12521   -4.45525  1.000 273.61370 ? 4  DT B "O4'" 1 
ATOM 496 C "C3'" . DT B 2 4  ? 2.28349   -0.04633  -4.79560  1.000 228.86509 ? 4  DT B "C3'" 1 
ATOM 497 O "O3'" . DT B 2 4  ? 3.09260   1.09173   -5.15185  1.000 235.94100 ? 4  DT B "O3'" 1 
ATOM 498 C "C2'" . DT B 2 4  ? 1.93399   -0.05670  -3.30350  1.000 194.70217 ? 4  DT B "C2'" 1 
ATOM 499 C "C1'" . DT B 2 4  ? 0.55031   0.56850   -3.28064  1.000 201.46417 ? 4  DT B "C1'" 1 
ATOM 500 N N1    . DT B 2 4  ? -0.26058  0.15221   -2.08653  1.000 192.22378 ? 4  DT B N1    1 
ATOM 501 C C2    . DT B 2 4  ? -0.87880  1.11827   -1.31752  1.000 211.24773 ? 4  DT B C2    1 
ATOM 502 O O2    . DT B 2 4  ? -0.82992  2.31315   -1.57016  1.000 228.87006 ? 4  DT B O2    1 
ATOM 503 N N3    . DT B 2 4  ? -1.57454  0.63064   -0.24069  1.000 203.60232 ? 4  DT B N3    1 
ATOM 504 C C4    . DT B 2 4  ? -1.70305  -0.69488  0.14322   1.000 181.87559 ? 4  DT B C4    1 
ATOM 505 O O4    . DT B 2 4  ? -2.35224  -1.03409  1.12623   1.000 174.56588 ? 4  DT B O4    1 
ATOM 506 C C5    . DT B 2 4  ? -1.02379  -1.65194  -0.69579  1.000 171.46904 ? 4  DT B C5    1 
ATOM 507 C C7    . DT B 2 4  ? -1.08571  -3.11305  -0.37033  1.000 148.36408 ? 4  DT B C7    1 
ATOM 508 C C6    . DT B 2 4  ? -0.33843  -1.18963  -1.75375  1.000 166.40009 ? 4  DT B C6    1 
ATOM 509 P P     . DA B 2 5  ? 4.47570   1.38754   -4.37423  1.000 253.47684 ? 5  DA B P     1 
ATOM 510 O OP1   . DA B 2 5  ? 5.39480   2.05767   -5.32017  1.000 245.14822 ? 5  DA B OP1   1 
ATOM 511 O OP2   . DA B 2 5  ? 4.92723   0.15035   -3.69469  1.000 266.24994 ? 5  DA B OP2   1 
ATOM 512 O "O5'" . DA B 2 5  ? 4.05543   2.44912   -3.26009  1.000 243.22161 ? 5  DA B "O5'" 1 
ATOM 513 C "C5'" . DA B 2 5  ? 3.31174   3.60347   -3.63323  1.000 249.11642 ? 5  DA B "C5'" 1 
ATOM 514 C "C4'" . DA B 2 5  ? 3.17960   4.56748   -2.46819  1.000 205.32175 ? 5  DA B "C4'" 1 
ATOM 515 O "O4'" . DA B 2 5  ? 2.31302   3.99221   -1.45766  1.000 203.48098 ? 5  DA B "O4'" 1 
ATOM 516 C "C3'" . DA B 2 5  ? 4.48525   4.90712   -1.76088  1.000 191.31274 ? 5  DA B "C3'" 1 
ATOM 517 O "O3'" . DA B 2 5  ? 4.45800   6.25022   -1.29083  1.000 214.91114 ? 5  DA B "O3'" 1 
ATOM 518 C "C2'" . DA B 2 5  ? 4.52340   3.90894   -0.61015  1.000 211.28264 ? 5  DA B "C2'" 1 
ATOM 519 C "C1'" . DA B 2 5  ? 3.04337   3.72412   -0.27622  1.000 191.71665 ? 5  DA B "C1'" 1 
ATOM 520 N N9    . DA B 2 5  ? 2.72591   2.36595   0.15768   1.000 195.41733 ? 5  DA B N9    1 
ATOM 521 C C8    . DA B 2 5  ? 3.10718   1.20106   -0.45211  1.000 183.32597 ? 5  DA B C8    1 
ATOM 522 N N7    . DA B 2 5  ? 2.68024   0.11797   0.15283   1.000 182.25056 ? 5  DA B N7    1 
ATOM 523 C C5    . DA B 2 5  ? 1.97067   0.60446   1.24000   1.000 184.22316 ? 5  DA B C5    1 
ATOM 524 C C6    . DA B 2 5  ? 1.26852   -0.03980  2.27732   1.000 194.02137 ? 5  DA B C6    1 
ATOM 525 N N6    . DA B 2 5  ? 1.16941   -1.37044  2.38076   1.000 197.99602 ? 5  DA B N6    1 
ATOM 526 N N1    . DA B 2 5  ? 0.67184   0.73979   3.20778   1.000 215.02616 ? 5  DA B N1    1 
ATOM 527 C C2    . DA B 2 5  ? 0.77351   2.07162   3.09707   1.000 226.63347 ? 5  DA B C2    1 
ATOM 528 N N3    . DA B 2 5  ? 1.40490   2.79127   2.16748   1.000 176.73167 ? 5  DA B N3    1 
ATOM 529 C C4    . DA B 2 5  ? 1.98616   1.98983   1.25810   1.000 177.38873 ? 5  DA B C4    1 
ATOM 530 P P     . DC B 2 6  ? 5.82650   6.98054   -0.87803  1.000 221.96952 ? 6  DC B P     1 
ATOM 531 O OP1   . DC B 2 6  ? 5.82202   8.33239   -1.48427  1.000 231.49058 ? 6  DC B OP1   1 
ATOM 532 O OP2   . DC B 2 6  ? 6.92599   6.03461   -1.18946  1.000 194.53823 ? 6  DC B OP2   1 
ATOM 533 O "O5'" . DC B 2 6  ? 5.71421   7.11042   0.71360   1.000 209.71770 ? 6  DC B "O5'" 1 
ATOM 534 C "C5'" . DC B 2 6  ? 4.68778   7.90756   1.28195   1.000 174.98318 ? 6  DC B "C5'" 1 
ATOM 535 C "C4'" . DC B 2 6  ? 4.25577   7.38171   2.64661   1.000 185.73339 ? 6  DC B "C4'" 1 
ATOM 536 O "O4'" . DC B 2 6  ? 3.98107   5.96533   2.58687   1.000 167.24331 ? 6  DC B "O4'" 1 
ATOM 537 C "C3'" . DC B 2 6  ? 5.26362   7.56583   3.79284   1.000 181.76491 ? 6  DC B "C3'" 1 
ATOM 538 O "O3'" . DC B 2 6  ? 4.69859   8.41304   4.77002   1.000 154.92166 ? 6  DC B "O3'" 1 
ATOM 539 C "C2'" . DC B 2 6  ? 5.47143   6.14187   4.34341   1.000 148.52268 ? 6  DC B "C2'" 1 
ATOM 540 C "C1'" . DC B 2 6  ? 4.20840   5.44725   3.86799   1.000 162.20388 ? 6  DC B "C1'" 1 
ATOM 541 N N1    . DC B 2 6  ? 4.29478   3.96229   3.77217   1.000 148.99166 ? 6  DC B N1    1 
ATOM 542 C C2    . DC B 2 6  ? 3.74204   3.17624   4.78742   1.000 158.61765 ? 6  DC B C2    1 
ATOM 543 O O2    . DC B 2 6  ? 3.23040   3.73212   5.75881   1.000 222.64185 ? 6  DC B O2    1 
ATOM 544 N N3    . DC B 2 6  ? 3.80157   1.82384   4.68521   1.000 154.99731 ? 6  DC B N3    1 
ATOM 545 C C4    . DC B 2 6  ? 4.37495   1.26469   3.61403   1.000 166.28842 ? 6  DC B C4    1 
ATOM 546 N N4    . DC B 2 6  ? 4.41615   -0.07217  3.54886   1.000 157.67400 ? 6  DC B N4    1 
ATOM 547 C C5    . DC B 2 6  ? 4.93392   2.05266   2.56129   1.000 197.14473 ? 6  DC B C5    1 
ATOM 548 C C6    . DC B 2 6  ? 4.86509   3.38295   2.67898   1.000 168.85455 ? 6  DC B C6    1 
ATOM 549 P P     . DA B 2 7  ? 5.61515   9.45527   5.57144   1.000 178.97173 ? 7  DA B P     1 
ATOM 550 O OP1   . DA B 2 7  ? 4.95640   10.77483  5.46159   1.000 189.52136 ? 7  DA B OP1   1 
ATOM 551 O OP2   . DA B 2 7  ? 7.01295   9.28485   5.10845   1.000 152.77095 ? 7  DA B OP2   1 
ATOM 552 O "O5'" . DA B 2 7  ? 5.51301   8.94130   7.08165   1.000 189.88352 ? 7  DA B "O5'" 1 
ATOM 553 C "C5'" . DA B 2 7  ? 4.42392   8.10559   7.45954   1.000 192.78762 ? 7  DA B "C5'" 1 
ATOM 554 C "C4'" . DA B 2 7  ? 4.81629   7.16488   8.58523   1.000 153.57591 ? 7  DA B "C4'" 1 
ATOM 555 O "O4'" . DA B 2 7  ? 4.75634   5.78332   8.12658   1.000 146.54590 ? 7  DA B "O4'" 1 
ATOM 556 C "C3'" . DA B 2 7  ? 6.24326   7.33310   9.11982   1.000 164.50036 ? 7  DA B "C3'" 1 
ATOM 557 O "O3'" . DA B 2 7  ? 6.25082   7.00648   10.48613  1.000 130.21461 ? 7  DA B "O3'" 1 
ATOM 558 C "C2'" . DA B 2 7  ? 6.98777   6.26650   8.34552   1.000 178.39002 ? 7  DA B "C2'" 1 
ATOM 559 C "C1'" . DA B 2 7  ? 5.96855   5.17290   8.50208   1.000 159.56781 ? 7  DA B "C1'" 1 
ATOM 560 N N9    . DA B 2 7  ? 6.21665   3.99203   7.70256   1.000 144.88419 ? 7  DA B N9    1 
ATOM 561 C C8    . DA B 2 7  ? 6.85392   3.91110   6.49336   1.000 166.63173 ? 7  DA B C8    1 
ATOM 562 N N7    . DA B 2 7  ? 6.93519   2.68868   6.02670   1.000 203.81116 ? 7  DA B N7    1 
ATOM 563 C C5    . DA B 2 7  ? 6.31432   1.92429   7.00424   1.000 180.31960 ? 7  DA B C5    1 
ATOM 564 C C6    . DA B 2 7  ? 6.06467   0.54788   7.11521   1.000 203.89998 ? 7  DA B C6    1 
ATOM 565 N N6    . DA B 2 7  ? 6.43305   -0.33413  6.18968   1.000 222.50850 ? 7  DA B N6    1 
ATOM 566 N N1    . DA B 2 7  ? 5.41832   0.11150   8.22399   1.000 200.04650 ? 7  DA B N1    1 
ATOM 567 C C2    . DA B 2 7  ? 5.05496   1.00395   9.15075   1.000 207.12576 ? 7  DA B C2    1 
ATOM 568 N N3    . DA B 2 7  ? 5.23739   2.32019   9.15778   1.000 168.63978 ? 7  DA B N3    1 
ATOM 569 C C4    . DA B 2 7  ? 5.87564   2.71703   8.04185   1.000 162.96359 ? 7  DA B C4    1 
ATOM 570 P P     . DG C 3 1  ? 11.82134  7.16972   10.52161  1.000 195.61033 ? 8  DG C P     1 
ATOM 571 O OP1   . DG C 3 1  ? 11.66124  6.67978   9.13924   1.000 136.93021 ? 8  DG C OP1   1 
ATOM 572 O OP2   . DG C 3 1  ? 12.11476  8.60054   10.76548  1.000 151.39712 ? 8  DG C OP2   1 
ATOM 573 O "O5'" . DG C 3 1  ? 10.49620  6.76641   11.32132  1.000 168.95318 ? 8  DG C "O5'" 1 
ATOM 574 C "C5'" . DG C 3 1  ? 10.48533  5.58468   12.10668  1.000 179.53751 ? 8  DG C "C5'" 1 
ATOM 575 C "C4'" . DG C 3 1  ? 9.16463   4.84152   11.97651  1.000 179.51006 ? 8  DG C "C4'" 1 
ATOM 576 O "O4'" . DG C 3 1  ? 8.90647   4.51408   10.58704  1.000 168.97430 ? 8  DG C "O4'" 1 
ATOM 577 C "C3'" . DG C 3 1  ? 9.13152   3.50622   12.69122  1.000 187.08915 ? 8  DG C "C3'" 1 
ATOM 578 O "O3'" . DG C 3 1  ? 8.80526   3.69950   14.06350  1.000 193.95099 ? 8  DG C "O3'" 1 
ATOM 579 C "C2'" . DG C 3 1  ? 8.02754   2.76204   11.94109  1.000 217.35192 ? 8  DG C "C2'" 1 
ATOM 580 C "C1'" . DG C 3 1  ? 8.19451   3.28332   10.50866  1.000 189.91383 ? 8  DG C "C1'" 1 
ATOM 581 N N9    . DG C 3 1  ? 8.92234   2.38427   9.60495   1.000 201.65060 ? 8  DG C N9    1 
ATOM 582 C C8    . DG C 3 1  ? 9.92081   2.74611   8.72950   1.000 237.44264 ? 8  DG C C8    1 
ATOM 583 N N7    . DG C 3 1  ? 10.39698  1.75204   8.03625   1.000 219.63953 ? 8  DG C N7    1 
ATOM 584 C C5    . DG C 3 1  ? 9.66675   0.65141   8.47145   1.000 231.26208 ? 8  DG C C5    1 
ATOM 585 C C6    . DG C 3 1  ? 9.74476   -0.70369  8.07192   1.000 236.71443 ? 8  DG C C6    1 
ATOM 586 O O6    . DG C 3 1  ? 10.49247  -1.21450  7.22953   1.000 255.34758 ? 8  DG C O6    1 
ATOM 587 N N1    . DG C 3 1  ? 8.82901   -1.50113  8.75874   1.000 229.68403 ? 8  DG C N1    1 
ATOM 588 C C2    . DG C 3 1  ? 7.94776   -1.04817  9.70977   1.000 216.03524 ? 8  DG C C2    1 
ATOM 589 N N2    . DG C 3 1  ? 7.14355   -1.97151  10.26507  1.000 262.15299 ? 8  DG C N2    1 
ATOM 590 N N3    . DG C 3 1  ? 7.86561   0.22320   10.09895  1.000 175.74785 ? 8  DG C N3    1 
ATOM 591 C C4    . DG C 3 1  ? 8.75187   1.01802   9.43615   1.000 195.89452 ? 8  DG C C4    1 
ATOM 592 P P     . DG C 3 2  ? 9.92760   3.49195   15.19659  1.000 206.72355 ? 9  DG C P     1 
ATOM 593 O OP1   . DG C 3 2  ? 9.56635   4.38106   16.32416  1.000 200.62056 ? 9  DG C OP1   1 
ATOM 594 O OP2   . DG C 3 2  ? 11.26055  3.60582   14.55745  1.000 203.35404 ? 9  DG C OP2   1 
ATOM 595 O "O5'" . DG C 3 2  ? 9.73685   1.96748   15.64907  1.000 172.40174 ? 9  DG C "O5'" 1 
ATOM 596 C "C5'" . DG C 3 2  ? 8.50919   1.55013   16.23880  1.000 198.94817 ? 9  DG C "C5'" 1 
ATOM 597 C "C4'" . DG C 3 2  ? 8.12534   0.15830   15.76589  1.000 230.26873 ? 9  DG C "C4'" 1 
ATOM 598 O "O4'" . DG C 3 2  ? 8.16708   0.11522   14.32374  1.000 237.13328 ? 9  DG C "O4'" 1 
ATOM 599 C "C3'" . DG C 3 2  ? 9.05327   -0.95580  16.22257  1.000 208.01650 ? 9  DG C "C3'" 1 
ATOM 600 O "O3'" . DG C 3 2  ? 8.62822   -1.44826  17.48820  1.000 234.91885 ? 9  DG C "O3'" 1 
ATOM 601 C "C2'" . DG C 3 2  ? 8.87200   -2.00967  15.13380  1.000 223.99626 ? 9  DG C "C2'" 1 
ATOM 602 C "C1'" . DG C 3 2  ? 8.57677   -1.16809  13.89297  1.000 220.65975 ? 9  DG C "C1'" 1 
ATOM 603 N N9    . DG C 3 2  ? 9.71232   -1.01655  12.99215  1.000 233.29150 ? 9  DG C N9    1 
ATOM 604 C C8    . DG C 3 2  ? 10.46245  0.11532   12.78265  1.000 216.79069 ? 9  DG C C8    1 
ATOM 605 N N7    . DG C 3 2  ? 11.41003  -0.04652  11.90104  1.000 207.40005 ? 9  DG C N7    1 
ATOM 606 C C5    . DG C 3 2  ? 11.27658  -1.36864  11.49950  1.000 221.65452 ? 9  DG C C5    1 
ATOM 607 C C6    . DG C 3 2  ? 12.02586  -2.11877  10.56124  1.000 209.05652 ? 9  DG C C6    1 
ATOM 608 O O6    . DG C 3 2  ? 12.99025  -1.75181  9.87038   1.000 201.85484 ? 9  DG C O6    1 
ATOM 609 N N1    . DG C 3 2  ? 11.55277  -3.42127  10.45627  1.000 223.38649 ? 9  DG C N1    1 
ATOM 610 C C2    . DG C 3 2  ? 10.49447  -3.93768  11.16745  1.000 233.23415 ? 9  DG C C2    1 
ATOM 611 N N2    . DG C 3 2  ? 10.19246  -5.21790  10.93816  1.000 277.21388 ? 9  DG C N2    1 
ATOM 612 N N3    . DG C 3 2  ? 9.78654   -3.24804  12.04896  1.000 201.03635 ? 9  DG C N3    1 
ATOM 613 C C4    . DG C 3 2  ? 10.23180  -1.97592  12.16251  1.000 224.34074 ? 9  DG C C4    1 
ATOM 614 P P     . DC C 3 3  ? 9.69278   -2.07784  18.51388  1.000 239.51700 ? 10 DC C P     1 
ATOM 615 O OP1   . DC C 3 3  ? 9.07531   -3.28751  19.10553  1.000 288.30519 ? 10 DC C OP1   1 
ATOM 616 O OP2   . DC C 3 3  ? 10.15957  -0.98023  19.39061  1.000 272.42540 ? 10 DC C OP2   1 
ATOM 617 O "O5'" . DC C 3 3  ? 10.92493  -2.49760  17.58504  1.000 221.24155 ? 10 DC C "O5'" 1 
ATOM 618 C "C5'" . DC C 3 3  ? 11.63146  -3.69504  17.84738  1.000 245.25974 ? 10 DC C "C5'" 1 
ATOM 619 C "C4'" . DC C 3 3  ? 10.94058  -4.88024  17.19597  1.000 243.30699 ? 10 DC C "C4'" 1 
ATOM 620 O "O4'" . DC C 3 3  ? 10.58689  -4.54707  15.82768  1.000 233.10307 ? 10 DC C "O4'" 1 
ATOM 621 C "C3'" . DC C 3 3  ? 11.77370  -6.15989  17.15615  1.000 247.74668 ? 10 DC C "C3'" 1 
ATOM 622 O "O3'" . DC C 3 3  ? 11.24606  -7.09330  18.10705  1.000 282.92336 ? 10 DC C "O3'" 1 
ATOM 623 C "C2'" . DC C 3 3  ? 11.62121  -6.67744  15.71947  1.000 240.27822 ? 10 DC C "C2'" 1 
ATOM 624 C "C1'" . DC C 3 3  ? 11.19750  -5.43982  14.92245  1.000 237.30590 ? 10 DC C "C1'" 1 
ATOM 625 N N1    . DC C 3 3  ? 12.32767  -4.72231  14.22094  1.000 224.41654 ? 10 DC C N1    1 
ATOM 626 C C2    . DC C 3 3  ? 13.02519  -5.35213  13.17675  1.000 245.04724 ? 10 DC C C2    1 
ATOM 627 O O2    . DC C 3 3  ? 12.71623  -6.50198  12.84376  1.000 249.62001 ? 10 DC C O2    1 
ATOM 628 N N3    . DC C 3 3  ? 14.03245  -4.67804  12.56478  1.000 239.28856 ? 10 DC C N3    1 
ATOM 629 C C4    . DC C 3 3  ? 14.34075  -3.43708  12.94462  1.000 222.33955 ? 10 DC C C4    1 
ATOM 630 N N4    . DC C 3 3  ? 15.34083  -2.81508  12.30716  1.000 222.82484 ? 10 DC C N4    1 
ATOM 631 C C5    . DC C 3 3  ? 13.63852  -2.77809  13.99465  1.000 199.55473 ? 10 DC C C5    1 
ATOM 632 C C6    . DC C 3 3  ? 12.65000  -3.44786  14.59428  1.000 212.77185 ? 10 DC C C6    1 
ATOM 633 P P     . DT C 3 4  ? 12.21739  -8.00572  19.00826  1.000 287.50118 ? 11 DT C P     1 
ATOM 634 O OP1   . DT C 3 4  ? 11.94898  -9.41650  18.65029  1.000 291.68267 ? 11 DT C OP1   1 
ATOM 635 O OP2   . DT C 3 4  ? 12.06719  -7.56857  20.41365  1.000 325.24799 ? 11 DT C OP2   1 
ATOM 636 O "O5'" . DT C 3 4  ? 13.69043  -7.60019  18.53816  1.000 260.09204 ? 11 DT C "O5'" 1 
ATOM 637 C "C5'" . DT C 3 4  ? 14.80430  -8.39875  18.92115  1.000 278.25700 ? 11 DT C "C5'" 1 
ATOM 638 C "C4'" . DT C 3 4  ? 15.01726  -9.52810  17.92948  1.000 277.08734 ? 11 DT C "C4'" 1 
ATOM 639 O "O4'" . DT C 3 4  ? 14.57747  -9.09432  16.61971  1.000 230.20346 ? 11 DT C "O4'" 1 
ATOM 640 C "C3'" . DT C 3 4  ? 16.46534  -9.96843  17.76564  1.000 264.41552 ? 11 DT C "C3'" 1 
ATOM 641 O "O3'" . DT C 3 4  ? 16.77189  -11.05451 18.70043  1.000 287.58110 ? 11 DT C "O3'" 1 
ATOM 642 C "C2'" . DT C 3 4  ? 16.55015  -10.38340 16.29742  1.000 250.81546 ? 11 DT C "C2'" 1 
ATOM 643 C "C1'" . DT C 3 4  ? 15.50048  -9.49784  15.62697  1.000 256.74945 ? 11 DT C "C1'" 1 
ATOM 644 N N1    . DT C 3 4  ? 16.04965  -8.27362  14.95875  1.000 256.89946 ? 11 DT C N1    1 
ATOM 645 C C2    . DT C 3 4  ? 16.67339  -8.39400  13.73874  1.000 280.73245 ? 11 DT C C2    1 
ATOM 646 O O2    . DT C 3 4  ? 16.82869  -9.45988  13.17007  1.000 333.99266 ? 11 DT C O2    1 
ATOM 647 N N3    . DT C 3 4  ? 17.12185  -7.21351  13.20576  1.000 241.59491 ? 11 DT C N3    1 
ATOM 648 C C4    . DT C 3 4  ? 17.00463  -5.94964  13.75479  1.000 252.36066 ? 11 DT C C4    1 
ATOM 649 O O4    . DT C 3 4  ? 17.44127  -4.94686  13.19677  1.000 272.36758 ? 11 DT C O4    1 
ATOM 650 C C5    . DT C 3 4  ? 16.33292  -5.89278  15.03105  1.000 216.28083 ? 11 DT C C5    1 
ATOM 651 C C7    . DT C 3 4  ? 16.14728  -4.57855  15.72644  1.000 178.96076 ? 11 DT C C7    1 
ATOM 652 C C6    . DT C 3 4  ? 15.88892  -7.04221  15.56247  1.000 219.12922 ? 11 DT C C6    1 
ATOM 653 P P     . DG C 3 5  ? 16.76934  -12.61425 18.27657  1.000 309.07617 ? 12 DG C P     1 
ATOM 654 O OP1   . DG C 3 5  ? 15.59386  -12.94118 17.43733  1.000 365.38559 ? 12 DG C OP1   1 
ATOM 655 O OP2   . DG C 3 5  ? 16.95211  -13.36677 19.53752  1.000 343.16156 ? 12 DG C OP2   1 
ATOM 656 O "O5'" . DG C 3 5  ? 18.12628  -12.79907 17.45301  1.000 280.45148 ? 12 DG C "O5'" 1 
ATOM 657 C "C5'" . DG C 3 5  ? 18.12820  -13.51314 16.22969  1.000 298.50387 ? 12 DG C "C5'" 1 
ATOM 658 C "C4'" . DG C 3 5  ? 19.27774  -13.05068 15.35798  1.000 308.52679 ? 12 DG C "C4'" 1 
ATOM 659 O "O4'" . DG C 3 5  ? 19.10482  -11.64509 15.02524  1.000 254.50650 ? 12 DG C "O4'" 1 
ATOM 660 C "C3'" . DG C 3 5  ? 20.66046  -13.16672 16.01188  1.000 294.51847 ? 12 DG C "C3'" 1 
ATOM 661 O "O3'" . DG C 3 5  ? 21.54668  -13.88525 15.16149  1.000 344.67883 ? 12 DG C "O3'" 1 
ATOM 662 C "C2'" . DG C 3 5  ? 21.10588  -11.71226 16.19227  1.000 262.60837 ? 12 DG C "C2'" 1 
ATOM 663 C "C1'" . DG C 3 5  ? 20.36122  -11.01968 15.06516  1.000 241.81429 ? 12 DG C "C1'" 1 
ATOM 664 N N9    . DG C 3 5  ? 20.19650  -9.57736  15.27888  1.000 243.32328 ? 12 DG C N9    1 
ATOM 665 C C8    . DG C 3 5  ? 19.64068  -8.95499  16.37224  1.000 237.30994 ? 12 DG C C8    1 
ATOM 666 N N7    . DG C 3 5  ? 19.65084  -7.65099  16.29067  1.000 250.30576 ? 12 DG C N7    1 
ATOM 667 C C5    . DG C 3 5  ? 20.26277  -7.38956  15.06954  1.000 273.23035 ? 12 DG C C5    1 
ATOM 668 C C6    . DG C 3 5  ? 20.55260  -6.15195  14.43664  1.000 259.10448 ? 12 DG C C6    1 
ATOM 669 O O6    . DG C 3 5  ? 20.32104  -5.00668  14.85084  1.000 262.52532 ? 12 DG C O6    1 
ATOM 670 N N1    . DG C 3 5  ? 21.18119  -6.33542  13.20656  1.000 235.53419 ? 12 DG C N1    1 
ATOM 671 C C2    . DG C 3 5  ? 21.48865  -7.55772  12.65710  1.000 286.53828 ? 12 DG C C2    1 
ATOM 672 N N2    . DG C 3 5  ? 22.09465  -7.53408  11.46132  1.000 327.00657 ? 12 DG C N2    1 
ATOM 673 N N3    . DG C 3 5  ? 21.22215  -8.72322  13.23733  1.000 269.05107 ? 12 DG C N3    1 
ATOM 674 C C4    . DG C 3 5  ? 20.61083  -8.56344  14.43775  1.000 267.59184 ? 12 DG C C4    1 
ATOM 675 P P     . DC C 3 6  ? 23.08059  -14.10328 15.59161  1.000 332.23485 ? 13 DC C P     1 
ATOM 676 O OP1   . DC C 3 6  ? 23.56223  -15.33395 14.92539  1.000 387.33558 ? 13 DC C OP1   1 
ATOM 677 O OP2   . DC C 3 6  ? 23.15016  -13.99047 17.06733  1.000 296.22126 ? 13 DC C OP2   1 
ATOM 678 O "O5'" . DC C 3 6  ? 23.84265  -12.84407 14.95564  1.000 273.52109 ? 13 DC C "O5'" 1 
ATOM 679 C "C5'" . DC C 3 6  ? 23.63631  -12.50619 13.58342  1.000 280.77539 ? 13 DC C "C5'" 1 
ATOM 680 C "C4'" . DC C 3 6  ? 24.51737  -11.33902 13.16238  1.000 306.42789 ? 13 DC C "C4'" 1 
ATOM 681 O "O4'" . DC C 3 6  ? 23.91461  -10.08786 13.57009  1.000 317.77376 ? 13 DC C "O4'" 1 
ATOM 682 C "C3'" . DC C 3 6  ? 25.93540  -11.34097 13.74962  1.000 278.82045 ? 13 DC C "C3'" 1 
ATOM 683 O "O3'" . DC C 3 6  ? 26.89502  -11.40831 12.70044  1.000 325.06622 ? 13 DC C "O3'" 1 
ATOM 684 C "C2'" . DC C 3 6  ? 26.02910  -10.01296 14.51932  1.000 273.10858 ? 13 DC C "C2'" 1 
ATOM 685 C "C1'" . DC C 3 6  ? 24.94349  -9.17974  13.85591  1.000 292.01685 ? 13 DC C "C1'" 1 
ATOM 686 N N1    . DC C 3 6  ? 24.39440  -8.07881  14.71877  1.000 319.90468 ? 13 DC C N1    1 
ATOM 687 C C2    . DC C 3 6  ? 24.50294  -6.74577  14.29228  1.000 317.92399 ? 13 DC C C2    1 
ATOM 688 O O2    . DC C 3 6  ? 25.05882  -6.50562  13.21222  1.000 232.13816 ? 13 DC C O2    1 
ATOM 689 N N3    . DC C 3 6  ? 23.99834  -5.75863  15.07919  1.000 308.50984 ? 13 DC C N3    1 
ATOM 690 C C4    . DC C 3 6  ? 23.40907  -6.06583  16.23801  1.000 302.33840 ? 13 DC C C4    1 
ATOM 691 N N4    . DC C 3 6  ? 22.92412  -5.06149  16.98002  1.000 302.67998 ? 13 DC C N4    1 
ATOM 692 C C5    . DC C 3 6  ? 23.28651  -7.41822  16.68634  1.000 275.85219 ? 13 DC C C5    1 
ATOM 693 C C6    . DC C 3 6  ? 23.78582  -8.38140  15.90260  1.000 285.07488 ? 13 DC C C6    1 
ATOM 694 P P     . DT C 3 7  ? 28.41299  -11.82341 13.02191  1.000 311.76783 ? 14 DT C P     1 
ATOM 695 O OP1   . DT C 3 7  ? 28.94367  -12.53392 11.83804  1.000 336.62954 ? 14 DT C OP1   1 
ATOM 696 O OP2   . DT C 3 7  ? 28.42588  -12.48432 14.34546  1.000 292.77923 ? 14 DT C OP2   1 
ATOM 697 O "O5'" . DT C 3 7  ? 29.17445  -10.42419 13.17578  1.000 265.52918 ? 14 DT C "O5'" 1 
ATOM 698 C "C5'" . DT C 3 7  ? 29.52369  -9.67096  12.01891  1.000 264.60654 ? 14 DT C "C5'" 1 
ATOM 699 C "C4'" . DT C 3 7  ? 30.30748  -8.42361  12.39714  1.000 286.11127 ? 14 DT C "C4'" 1 
ATOM 700 O "O4'" . DT C 3 7  ? 29.39585  -7.34855  12.70205  1.000 291.95004 ? 14 DT C "O4'" 1 
ATOM 701 C "C3'" . DT C 3 7  ? 31.16595  -8.55238  13.64063  1.000 312.47533 ? 14 DT C "C3'" 1 
ATOM 702 O "O3'" . DT C 3 7  ? 32.41902  -9.14109  13.30956  1.000 345.51719 ? 14 DT C "O3'" 1 
ATOM 703 C "C2'" . DT C 3 7  ? 31.32727  -7.09361  14.07660  1.000 297.66769 ? 14 DT C "C2'" 1 
ATOM 704 C "C1'" . DT C 3 7  ? 30.02310  -6.43991  13.59099  1.000 269.16430 ? 14 DT C "C1'" 1 
ATOM 705 N N1    . DT C 3 7  ? 29.06393  -6.10376  14.69072  1.000 261.28321 ? 14 DT C N1    1 
ATOM 706 C C2    . DT C 3 7  ? 28.75553  -4.78292  14.93732  1.000 259.08239 ? 14 DT C C2    1 
ATOM 707 O O2    . DT C 3 7  ? 29.22928  -3.85460  14.30573  1.000 252.60117 ? 14 DT C O2    1 
ATOM 708 N N3    . DT C 3 7  ? 27.86579  -4.58520  15.96024  1.000 253.06183 ? 14 DT C N3    1 
ATOM 709 C C4    . DT C 3 7  ? 27.26307  -5.55543  16.74238  1.000 244.58519 ? 14 DT C C4    1 
ATOM 710 O O4    . DT C 3 7  ? 26.48197  -5.28254  17.64898  1.000 228.30803 ? 14 DT C O4    1 
ATOM 711 C C5    . DT C 3 7  ? 27.63157  -6.91406  16.43424  1.000 233.38400 ? 14 DT C C5    1 
ATOM 712 C C7    . DT C 3 7  ? 27.04474  -8.04519  17.22202  1.000 209.25439 ? 14 DT C C7    1 
ATOM 713 C C6    . DT C 3 7  ? 28.49966  -7.12224  15.43300  1.000 244.45647 ? 14 DT C C6    1 
ATOM 714 O OP3   . DC D 4 1  ? -16.62827 -1.32145  -29.37646 1.000 370.91944 ? 1  DC D OP3   1 
ATOM 715 P P     . DC D 4 1  ? -17.89940 -1.74688  -30.00451 1.000 393.59543 ? 1  DC D P     1 
ATOM 716 O OP1   . DC D 4 1  ? -17.60777 -2.09418  -31.41173 1.000 453.74117 ? 1  DC D OP1   1 
ATOM 717 O OP2   . DC D 4 1  ? -18.49698 -2.77465  -29.12474 1.000 300.31732 ? 1  DC D OP2   1 
ATOM 718 O "O5'" . DC D 4 1  ? -18.88866 -0.48824  -29.99866 1.000 326.93546 ? 1  DC D "O5'" 1 
ATOM 719 C "C5'" . DC D 4 1  ? -18.69287 0.59025   -30.91996 1.000 341.77835 ? 1  DC D "C5'" 1 
ATOM 720 C "C4'" . DC D 4 1  ? -19.06696 1.91771   -30.28284 1.000 341.93626 ? 1  DC D "C4'" 1 
ATOM 721 O "O4'" . DC D 4 1  ? -20.39687 1.80156   -29.67750 1.000 322.67074 ? 1  DC D "O4'" 1 
ATOM 722 C "C3'" . DC D 4 1  ? -18.12857 2.36794   -29.14586 1.000 275.85005 ? 1  DC D "C3'" 1 
ATOM 723 O "O3'" . DC D 4 1  ? -17.91036 3.81070   -29.17284 1.000 280.28443 ? 1  DC D "O3'" 1 
ATOM 724 C "C2'" . DC D 4 1  ? -18.91515 1.94912   -27.92010 1.000 280.28534 ? 1  DC D "C2'" 1 
ATOM 725 C "C1'" . DC D 4 1  ? -20.31252 2.31721   -28.37696 1.000 318.79622 ? 1  DC D "C1'" 1 
ATOM 726 N N1    . DC D 4 1  ? -21.38941 1.79139   -27.49391 1.000 279.53068 ? 1  DC D N1    1 
ATOM 727 C C2    . DC D 4 1  ? -22.40826 2.65396   -27.06270 1.000 252.59046 ? 1  DC D C2    1 
ATOM 728 O O2    . DC D 4 1  ? -22.42562 3.82318   -27.47365 1.000 241.33910 ? 1  DC D O2    1 
ATOM 729 N N3    . DC D 4 1  ? -23.36123 2.17587   -26.22506 1.000 221.97265 ? 1  DC D N3    1 
ATOM 730 C C4    . DC D 4 1  ? -23.30518 0.91119   -25.80504 1.000 218.38530 ? 1  DC D C4    1 
ATOM 731 N N4    . DC D 4 1  ? -24.26304 0.48596   -24.97606 1.000 235.07365 ? 1  DC D N4    1 
ATOM 732 C C5    . DC D 4 1  ? -22.26291 0.02644   -26.21525 1.000 233.56357 ? 1  DC D C5    1 
ATOM 733 C C6    . DC D 4 1  ? -21.32878 0.50813   -27.04170 1.000 251.72408 ? 1  DC D C6    1 
ATOM 734 P P     . DT D 4 2  ? -17.93431 4.66384   -27.79943 1.000 289.59254 ? 2  DT D P     1 
ATOM 735 O OP1   . DT D 4 2  ? -17.03137 4.03395   -26.80732 1.000 298.01473 ? 2  DT D OP1   1 
ATOM 736 O OP2   . DT D 4 2  ? -19.35281 4.95510   -27.50270 1.000 276.74356 ? 2  DT D OP2   1 
ATOM 737 O "O5'" . DT D 4 2  ? -17.32306 6.09596   -28.16043 1.000 356.20668 ? 2  DT D "O5'" 1 
ATOM 738 C "C5'" . DT D 4 2  ? -16.56672 6.81647   -27.16481 1.000 320.77805 ? 2  DT D "C5'" 1 
ATOM 739 C "C4'" . DT D 4 2  ? -17.45966 7.58798   -26.18637 1.000 289.54650 ? 2  DT D "C4'" 1 
ATOM 740 O "O4'" . DT D 4 2  ? -18.71972 6.91270   -26.00070 1.000 243.42928 ? 2  DT D "O4'" 1 
ATOM 741 C "C3'" . DT D 4 2  ? -16.87483 7.74325   -24.79056 1.000 298.30803 ? 2  DT D "C3'" 1 
ATOM 742 O "O3'" . DT D 4 2  ? -16.15471 8.98603   -24.69063 1.000 318.56333 ? 2  DT D "O3'" 1 
ATOM 743 C "C2'" . DT D 4 2  ? -18.08675 7.69201   -23.84596 1.000 275.09430 ? 2  DT D "C2'" 1 
ATOM 744 C "C1'" . DT D 4 2  ? -19.23638 7.17498   -24.70980 1.000 264.37595 ? 2  DT D "C1'" 1 
ATOM 745 N N1    . DT D 4 2  ? -19.87948 5.90942   -24.18003 1.000 271.22535 ? 2  DT D N1    1 
ATOM 746 C C2    . DT D 4 2  ? -20.98347 5.98649   -23.34337 1.000 270.80357 ? 2  DT D C2    1 
ATOM 747 O O2    . DT D 4 2  ? -21.48570 7.03851   -22.98942 1.000 248.07331 ? 2  DT D O2    1 
ATOM 748 N N3    . DT D 4 2  ? -21.47880 4.76389   -22.93889 1.000 255.70725 ? 2  DT D N3    1 
ATOM 749 C C4    . DT D 4 2  ? -20.99479 3.51454   -23.27237 1.000 226.44285 ? 2  DT D C4    1 
ATOM 750 O O4    . DT D 4 2  ? -21.50059 2.47281   -22.86287 1.000 193.05315 ? 2  DT D O4    1 
ATOM 751 C C5    . DT D 4 2  ? -19.84869 3.50998   -24.14133 1.000 222.45027 ? 2  DT D C5    1 
ATOM 752 C C7    . DT D 4 2  ? -19.24154 2.20826   -24.56113 1.000 212.52221 ? 2  DT D C7    1 
ATOM 753 C C6    . DT D 4 2  ? -19.34937 4.68961   -24.54438 1.000 239.00231 ? 2  DT D C6    1 
ATOM 754 P P     . DG D 4 3  ? -16.91763 10.39669  -24.52423 1.000 317.54176 ? 3  DG D P     1 
ATOM 755 O OP1   . DG D 4 3  ? -18.12844 10.43672  -25.37502 1.000 329.55771 ? 3  DG D OP1   1 
ATOM 756 O OP2   . DG D 4 3  ? -15.89058 11.44735  -24.69496 1.000 356.79751 ? 3  DG D OP2   1 
ATOM 757 O "O5'" . DG D 4 3  ? -17.36563 10.42492  -22.98923 1.000 230.90776 ? 3  DG D "O5'" 1 
ATOM 758 C "C5'" . DG D 4 3  ? -18.60684 11.01631  -22.63077 1.000 274.38029 ? 3  DG D "C5'" 1 
ATOM 759 C "C4'" . DG D 4 3  ? -19.05095 10.55840  -21.25526 1.000 243.51561 ? 3  DG D "C4'" 1 
ATOM 760 O "O4'" . DG D 4 3  ? -19.45865 9.15871   -21.29477 1.000 234.16696 ? 3  DG D "O4'" 1 
ATOM 761 C "C3'" . DG D 4 3  ? -17.97617 10.63609  -20.15478 1.000 250.69225 ? 3  DG D "C3'" 1 
ATOM 762 O "O3'" . DG D 4 3  ? -18.58569 11.02593  -18.95552 1.000 222.36648 ? 3  DG D "O3'" 1 
ATOM 763 C "C2'" . DG D 4 3  ? -17.54630 9.18571   -20.04155 1.000 288.31566 ? 3  DG D "C2'" 1 
ATOM 764 C "C1'" . DG D 4 3  ? -18.91523 8.55832   -20.15322 1.000 223.20902 ? 3  DG D "C1'" 1 
ATOM 765 N N9    . DG D 4 3  ? -18.91893 7.10634   -20.26146 1.000 208.96881 ? 3  DG D N9    1 
ATOM 766 C C8    . DG D 4 3  ? -18.04612 6.31121   -20.96275 1.000 216.08010 ? 3  DG D C8    1 
ATOM 767 N N7    . DG D 4 3  ? -18.29025 5.03634   -20.83424 1.000 208.77129 ? 3  DG D N7    1 
ATOM 768 C C5    . DG D 4 3  ? -19.38278 4.98879   -19.97709 1.000 214.62924 ? 3  DG D C5    1 
ATOM 769 C C6    . DG D 4 3  ? -20.09376 3.88351   -19.46934 1.000 221.55803 ? 3  DG D C6    1 
ATOM 770 O O6    . DG D 4 3  ? -19.89557 2.68617   -19.68460 1.000 218.18998 ? 3  DG D O6    1 
ATOM 771 N N1    . DG D 4 3  ? -21.13525 4.27984   -18.63262 1.000 231.34889 ? 3  DG D N1    1 
ATOM 772 C C2    . DG D 4 3  ? -21.44463 5.58292   -18.32377 1.000 227.23673 ? 3  DG D C2    1 
ATOM 773 N N2    . DG D 4 3  ? -22.48273 5.77788   -17.49690 1.000 259.28895 ? 3  DG D N2    1 
ATOM 774 N N3    . DG D 4 3  ? -20.78546 6.62528   -18.79527 1.000 189.36955 ? 3  DG D N3    1 
ATOM 775 C C4    . DG D 4 3  ? -19.77097 6.25401   -19.61102 1.000 194.44221 ? 3  DG D C4    1 
ATOM 776 P P     . DA D 4 4  ? -18.25349 12.43363  -18.26570 1.000 274.42748 ? 4  DA D P     1 
ATOM 777 O OP1   . DA D 4 4  ? -18.59912 13.50349  -19.23097 1.000 267.63135 ? 4  DA D OP1   1 
ATOM 778 O OP2   . DA D 4 4  ? -16.88205 12.34563  -17.71318 1.000 271.86991 ? 4  DA D OP2   1 
ATOM 779 O "O5'" . DA D 4 4  ? -19.28958 12.47666  -17.04241 1.000 273.85281 ? 4  DA D "O5'" 1 
ATOM 780 C "C5'" . DA D 4 4  ? -20.66179 12.09899  -17.25839 1.000 253.36483 ? 4  DA D "C5'" 1 
ATOM 781 C "C4'" . DA D 4 4  ? -21.17168 11.16806  -16.16134 1.000 274.19474 ? 4  DA D "C4'" 1 
ATOM 782 O "O4'" . DA D 4 4  ? -20.93469 9.77438   -16.52243 1.000 261.66017 ? 4  DA D "O4'" 1 
ATOM 783 C "C3'" . DA D 4 4  ? -20.53298 11.35963  -14.78344 1.000 230.68366 ? 4  DA D "C3'" 1 
ATOM 784 O "O3'" . DA D 4 4  ? -21.53955 11.25549  -13.77914 1.000 233.12928 ? 4  DA D "O3'" 1 
ATOM 785 C "C2'" . DA D 4 4  ? -19.54821 10.19575  -14.70974 1.000 212.63009 ? 4  DA D "C2'" 1 
ATOM 786 C "C1'" . DA D 4 4  ? -20.33590 9.11528   -15.42833 1.000 218.93023 ? 4  DA D "C1'" 1 
ATOM 787 N N9    . DA D 4 4  ? -19.50708 8.02513   -15.92910 1.000 227.77183 ? 4  DA D N9    1 
ATOM 788 C C8    . DA D 4 4  ? -18.39122 8.13888   -16.70668 1.000 234.06728 ? 4  DA D C8    1 
ATOM 789 N N7    . DA D 4 4  ? -17.83404 6.99074   -17.00435 1.000 193.52520 ? 4  DA D N7    1 
ATOM 790 C C5    . DA D 4 4  ? -18.64142 6.05344   -16.38119 1.000 200.44557 ? 4  DA D C5    1 
ATOM 791 C C6    . DA D 4 4  ? -18.58543 4.64561   -16.32137 1.000 201.14482 ? 4  DA D C6    1 
ATOM 792 N N6    . DA D 4 4  ? -17.63683 3.92570   -16.92426 1.000 201.72450 ? 4  DA D N6    1 
ATOM 793 N N1    . DA D 4 4  ? -19.54198 4.00711   -15.61697 1.000 239.37117 ? 4  DA D N1    1 
ATOM 794 C C2    . DA D 4 4  ? -20.49321 4.73638   -15.01466 1.000 249.05820 ? 4  DA D C2    1 
ATOM 795 N N3    . DA D 4 4  ? -20.64881 6.06658   -14.99933 1.000 225.81429 ? 4  DA D N3    1 
ATOM 796 C C4    . DA D 4 4  ? -19.67968 6.67076   -15.71113 1.000 223.17335 ? 4  DA D C4    1 
ATOM 797 P P     . DT D 4 5  ? -21.22053 11.61930  -12.24328 1.000 265.50733 ? 5  DT D P     1 
ATOM 798 O OP1   . DT D 4 5  ? -22.07337 12.77646  -11.88792 1.000 262.50277 ? 5  DT D OP1   1 
ATOM 799 O OP2   . DT D 4 5  ? -19.75518 11.71128  -12.04860 1.000 289.85715 ? 5  DT D OP2   1 
ATOM 800 O "O5'" . DT D 4 5  ? -21.74693 10.33715  -11.44638 1.000 241.69328 ? 5  DT D "O5'" 1 
ATOM 801 C "C5'" . DT D 4 5  ? -21.63403 9.05482   -12.03800 1.000 225.35283 ? 5  DT D "C5'" 1 
ATOM 802 C "C4'" . DT D 4 5  ? -22.20433 7.98230   -11.13433 1.000 230.07268 ? 5  DT D "C4'" 1 
ATOM 803 O "O4'" . DT D 4 5  ? -21.73151 6.69221   -11.58214 1.000 224.11665 ? 5  DT D "O4'" 1 
ATOM 804 C "C3'" . DT D 4 5  ? -21.77321 8.07015   -9.68095  1.000 225.08184 ? 5  DT D "C3'" 1 
ATOM 805 O "O3'" . DT D 4 5  ? -22.71780 7.40365   -8.85864  1.000 226.39564 ? 5  DT D "O3'" 1 
ATOM 806 C "C2'" . DT D 4 5  ? -20.44035 7.33764   -9.69913  1.000 180.87794 ? 5  DT D "C2'" 1 
ATOM 807 C "C1'" . DT D 4 5  ? -20.68799 6.24331   -10.73835 1.000 215.46238 ? 5  DT D "C1'" 1 
ATOM 808 N N1    . DT D 4 5  ? -19.49930 5.96966   -11.57471 1.000 208.74077 ? 5  DT D N1    1 
ATOM 809 C C2    . DT D 4 5  ? -19.07449 4.67771   -11.73444 1.000 202.02272 ? 5  DT D C2    1 
ATOM 810 O O2    . DT D 4 5  ? -19.63822 3.72602   -11.23223 1.000 209.29473 ? 5  DT D O2    1 
ATOM 811 N N3    . DT D 4 5  ? -17.96042 4.53290   -12.51517 1.000 196.74700 ? 5  DT D N3    1 
ATOM 812 C C4    . DT D 4 5  ? -17.24104 5.53256   -13.13438 1.000 197.61371 ? 5  DT D C4    1 
ATOM 813 O O4    . DT D 4 5  ? -16.25260 5.30032   -13.81971 1.000 205.12147 ? 5  DT D O4    1 
ATOM 814 C C5    . DT D 4 5  ? -17.73783 6.86812   -12.92493 1.000 212.99355 ? 5  DT D C5    1 
ATOM 815 C C7    . DT D 4 5  ? -17.03571 8.03636   -13.54822 1.000 205.60137 ? 5  DT D C7    1 
ATOM 816 C C6    . DT D 4 5  ? -18.83092 7.02147   -12.16120 1.000 211.50611 ? 5  DT D C6    1 
ATOM 817 P P     . DG D 4 6  ? -22.50247 7.32696   -7.26873  1.000 224.74661 ? 6  DG D P     1 
ATOM 818 O OP1   . DG D 4 6  ? -23.84176 7.52997   -6.66024  1.000 198.35051 ? 6  DG D OP1   1 
ATOM 819 O OP2   . DG D 4 6  ? -21.37824 8.22870   -6.90232  1.000 206.88070 ? 6  DG D OP2   1 
ATOM 820 O "O5'" . DG D 4 6  ? -22.04771 5.80736   -7.02418  1.000 185.67997 ? 6  DG D "O5'" 1 
ATOM 821 C "C5'" . DG D 4 6  ? -22.94061 4.73399   -7.34513  1.000 222.31067 ? 6  DG D "C5'" 1 
ATOM 822 C "C4'" . DG D 4 6  ? -22.25342 3.37306   -7.23496  1.000 186.02273 ? 6  DG D "C4'" 1 
ATOM 823 O "O4'" . DG D 4 6  ? -21.16309 3.28417   -8.19258  1.000 171.30489 ? 6  DG D "O4'" 1 
ATOM 824 C "C3'" . DG D 4 6  ? -21.65722 3.03903   -5.86640  1.000 160.11549 ? 6  DG D "C3'" 1 
ATOM 825 O "O3'" . DG D 4 6  ? -22.02405 1.70309   -5.48100  1.000 164.71028 ? 6  DG D "O3'" 1 
ATOM 826 C "C2'" . DG D 4 6  ? -20.14073 3.18343   -6.07816  1.000 145.38011 ? 6  DG D "C2'" 1 
ATOM 827 C "C1'" . DG D 4 6  ? -19.97715 2.84375   -7.55418  1.000 166.17867 ? 6  DG D "C1'" 1 
ATOM 828 N N9    . DG D 4 6  ? -18.84465 3.53098   -8.18420  1.000 175.87806 ? 6  DG D N9    1 
ATOM 829 C C8    . DG D 4 6  ? -18.58925 4.88167   -8.16950  1.000 210.78436 ? 6  DG D C8    1 
ATOM 830 N N7    . DG D 4 6  ? -17.51081 5.21691   -8.82165  1.000 234.50349 ? 6  DG D N7    1 
ATOM 831 C C5    . DG D 4 6  ? -17.02264 4.01249   -9.30608  1.000 179.68858 ? 6  DG D C5    1 
ATOM 832 C C6    . DG D 4 6  ? -15.88218 3.74572   -10.08936 1.000 175.71060 ? 6  DG D C6    1 
ATOM 833 O O6    . DG D 4 6  ? -15.04972 4.54793   -10.51873 1.000 208.76471 ? 6  DG D O6    1 
ATOM 834 N N1    . DG D 4 6  ? -15.75029 2.38615   -10.36614 1.000 176.73757 ? 6  DG D N1    1 
ATOM 835 C C2    . DG D 4 6  ? -16.61811 1.40988   -9.93617  1.000 183.22167 ? 6  DG D C2    1 
ATOM 836 N N2    . DG D 4 6  ? -16.33525 0.14957   -10.29602 1.000 243.01777 ? 6  DG D N2    1 
ATOM 837 N N3    . DG D 4 6  ? -17.69478 1.64976   -9.20351  1.000 157.67259 ? 6  DG D N3    1 
ATOM 838 C C4    . DG D 4 6  ? -17.83122 2.96514   -8.92268  1.000 162.87171 ? 6  DG D C4    1 
ATOM 839 P P     . DT D 4 7  ? -21.93701 1.25091   -3.93858  1.000 206.15734 ? 7  DT D P     1 
ATOM 840 O OP1   . DT D 4 7  ? -23.14744 0.45365   -3.63935  1.000 213.74225 ? 7  DT D OP1   1 
ATOM 841 O OP2   . DT D 4 7  ? -21.62622 2.44228   -3.11843  1.000 266.58686 ? 7  DT D OP2   1 
ATOM 842 O "O5'" . DT D 4 7  ? -20.65994 0.29394   -3.88617  1.000 152.49887 ? 7  DT D "O5'" 1 
ATOM 843 C "C5'" . DT D 4 7  ? -19.36507 0.83063   -3.71473  1.000 166.34168 ? 7  DT D "C5'" 1 
ATOM 844 C "C4'" . DT D 4 7  ? -18.36034 -0.07603  -4.39159  1.000 152.01894 ? 7  DT D "C4'" 1 
ATOM 845 O "O4'" . DT D 4 7  ? -18.06987 0.40737   -5.73050  1.000 155.07933 ? 7  DT D "O4'" 1 
ATOM 846 C "C3'" . DT D 4 7  ? -16.98743 -0.16320  -3.74808  1.000 139.87715 ? 7  DT D "C3'" 1 
ATOM 847 O "O3'" . DT D 4 7  ? -17.00715 -0.98075  -2.56849  1.000 122.27180 ? 7  DT D "O3'" 1 
ATOM 848 C "C2'" . DT D 4 7  ? -16.21777 -0.81102  -4.89273  1.000 143.61549 ? 7  DT D "C2'" 1 
ATOM 849 C "C1'" . DT D 4 7  ? -16.73198 0.01572   -6.06746  1.000 165.74528 ? 7  DT D "C1'" 1 
ATOM 850 N N1    . DT D 4 7  ? -15.88304 1.23177   -6.32461  1.000 166.50984 ? 7  DT D N1    1 
ATOM 851 C C2    . DT D 4 7  ? -14.69550 1.07899   -7.00947  1.000 194.81395 ? 7  DT D C2    1 
ATOM 852 O O2    . DT D 4 7  ? -14.30846 0.00722   -7.44106  1.000 316.90977 ? 7  DT D O2    1 
ATOM 853 N N3    . DT D 4 7  ? -13.98806 2.23380   -7.20376  1.000 173.85624 ? 7  DT D N3    1 
ATOM 854 C C4    . DT D 4 7  ? -14.33003 3.49924   -6.76557  1.000 168.97708 ? 7  DT D C4    1 
ATOM 855 O O4    . DT D 4 7  ? -13.62307 4.48011   -6.97835  1.000 264.52940 ? 7  DT D O4    1 
ATOM 856 C C5    . DT D 4 7  ? -15.57919 3.59088   -6.04132  1.000 157.71598 ? 7  DT D C5    1 
ATOM 857 C C7    . DT D 4 7  ? -16.05102 4.91460   -5.52178  1.000 196.79497 ? 7  DT D C7    1 
ATOM 858 C C6    . DT D 4 7  ? -16.28809 2.46744   -5.85743  1.000 149.40568 ? 7  DT D C6    1 
# 
loop_
_atom_site_anisotrop.id 
_atom_site_anisotrop.type_symbol 
_atom_site_anisotrop.pdbx_label_atom_id 
_atom_site_anisotrop.pdbx_label_alt_id 
_atom_site_anisotrop.pdbx_label_comp_id 
_atom_site_anisotrop.pdbx_label_asym_id 
_atom_site_anisotrop.pdbx_label_seq_id 
_atom_site_anisotrop.pdbx_PDB_ins_code 
_atom_site_anisotrop.U[1][1] 
_atom_site_anisotrop.U[2][2] 
_atom_site_anisotrop.U[3][3] 
_atom_site_anisotrop.U[1][2] 
_atom_site_anisotrop.U[1][3] 
_atom_site_anisotrop.U[2][3] 
_atom_site_anisotrop.pdbx_auth_seq_id 
_atom_site_anisotrop.pdbx_auth_comp_id 
_atom_site_anisotrop.pdbx_auth_asym_id 
_atom_site_anisotrop.pdbx_auth_atom_id 
1   O "O5'" . DG A 1  ? 4.80951 5.30403 4.18599 0.55936  -0.90751 -0.52198 1  DG A "O5'" 
2   C "C5'" . DG A 1  ? 3.58535 4.14141 3.03698 0.55416  -0.85094 -0.54093 1  DG A "C5'" 
3   C "C4'" . DG A 1  ? 3.01043 3.75845 2.54184 0.61805  -0.81637 -0.65996 1  DG A "C4'" 
4   O "O4'" . DG A 1  ? 3.21641 3.90130 2.60339 0.72422  -0.91228 -0.76319 1  DG A "O4'" 
5   C "C3'" . DG A 1  ? 3.10849 4.01945 2.73866 0.60767  -0.76906 -0.67982 1  DG A "C3'" 
6   O "O3'" . DG A 1  ? 3.14453 4.19860 2.96058 0.52871  -0.64947 -0.62854 1  DG A "O3'" 
7   C "C2'" . DG A 1  ? 2.96892 3.98322 2.57525 0.70966  -0.79996 -0.82360 1  DG A "C2'" 
8   C "C1'" . DG A 1  ? 3.10874 3.96008 2.54588 0.78225  -0.89987 -0.87100 1  DG A "C1'" 
9   N N9    . DG A 1  ? 3.28797 4.02757 2.59528 0.84484  -0.97808 -0.90832 1  DG A N9    
10  C C8    . DG A 1  ? 3.28106 3.80090 2.45294 0.86476  -1.04039 -0.87437 1  DG A C8    
11  N N7    . DG A 1  ? 2.79708 3.25746 1.92076 0.90495  -1.06831 -0.89902 1  DG A N7    
12  C C5    . DG A 1  ? 2.99841 3.63887 2.22250 0.91422  -1.02441 -0.94973 1  DG A C5    
13  C C6    . DG A 1  ? 3.16402 3.83625 2.39491 0.95318  -1.03003 -0.99097 1  DG A C6    
14  O O6    . DG A 1  ? 3.34188 3.89337 2.49611 0.98609  -1.07602 -0.99204 1  DG A O6    
15  N N1    . DG A 1  ? 3.24138 4.11740 2.58910 0.95134  -0.97343 -1.03466 1  DG A N1    
16  C C2    . DG A 1  ? 3.11386 4.15474 2.56768 0.91463  -0.91490 -1.04164 1  DG A C2    
17  N N2    . DG A 1  ? 3.27503 4.51178 2.83913 0.91908  -0.86070 -1.08948 1  DG A N2    
18  N N3    . DG A 1  ? 2.81407 3.83924 2.27399 0.87499  -0.90806 -1.00457 1  DG A N3    
19  C C4    . DG A 1  ? 3.01149 3.82631 2.34867 0.87829  -0.96654 -0.95800 1  DG A C4    
20  P P     . DA A 2  ? 3.01044 4.17542 2.93464 0.46806  -0.58184 -0.57141 2  DA A P     
21  O OP1   . DA A 2  ? 4.04979 5.22294 4.08793 0.36343  -0.49761 -0.46147 2  DA A OP1   
22  O OP2   . DA A 2  ? 2.74439 3.81335 2.54023 0.49776  -0.66742 -0.56422 2  DA A OP2   
23  O "O5'" . DA A 2  ? 2.79608 4.18697 2.84859 0.50923  -0.51429 -0.67199 2  DA A "O5'" 
24  C "C5'" . DA A 2  ? 2.90207 4.43074 3.05465 0.48375  -0.45105 -0.65709 2  DA A "C5'" 
25  C "C4'" . DA A 2  ? 2.90018 4.44969 2.96016 0.56484  -0.52220 -0.73843 2  DA A "C4'" 
26  O "O4'" . DA A 2  ? 2.40258 3.79222 2.28031 0.63518  -0.64592 -0.78941 2  DA A "O4'" 
27  C "C3'" . DA A 2  ? 2.60446 4.14301 2.64374 0.53871  -0.53221 -0.67213 2  DA A "C3'" 
28  O "O3'" . DA A 2  ? 2.26992 3.97102 2.36158 0.58366  -0.50813 -0.74200 2  DA A "O3'" 
29  C "C2'" . DA A 2  ? 3.21940 4.55701 3.06692 0.57742  -0.66303 -0.66618 2  DA A "C2'" 
30  C "C1'" . DA A 2  ? 3.23883 4.56839 3.01184 0.66435  -0.72274 -0.78570 2  DA A "C1'" 
31  N N9    . DA A 2  ? 3.28863 4.42241 2.87788 0.71212  -0.84611 -0.79874 2  DA A N9    
32  C C8    . DA A 2  ? 3.58594 4.54663 3.09836 0.68714  -0.88099 -0.74175 2  DA A C8    
33  N N7    . DA A 2  ? 3.11428 3.91791 2.45998 0.74417  -0.99547 -0.76872 2  DA A N7    
34  C C5    . DA A 2  ? 2.92310 3.77391 2.26732 0.79018  -1.00014 -0.82389 2  DA A C5    
35  C C6    . DA A 2  ? 3.03176 3.75425 2.28958 0.83449  -1.04596 -0.84321 2  DA A C6    
36  N N6    . DA A 2  ? 3.33921 3.86121 2.48682 0.84291  -1.10161 -0.81397 2  DA A N6    
37  N N1    . DA A 2  ? 3.04879 3.86776 2.34682 0.86941  -1.03012 -0.89342 2  DA A N1    
38  C C2    . DA A 2  ? 2.93415 3.95934 2.34454 0.86239  -0.97070 -0.92372 2  DA A C2    
39  N N3    . DA A 2  ? 3.07462 4.24545 2.57874 0.82152  -0.91987 -0.91209 2  DA A N3    
40  C C4    . DA A 2  ? 3.11486 4.18951 2.58291 0.78569  -0.93871 -0.86084 2  DA A C4    
41  P P     . DG A 3  ? 3.04009 4.70550 3.01156 0.64120  -0.60176 -0.76718 3  DG A P     
42  O OP1   . DG A 3  ? 2.49942 4.06377 2.44166 0.58254  -0.61178 -0.65022 3  DG A OP1   
43  O OP2   . DG A 3  ? 4.48791 6.07783 4.32021 0.73066  -0.71186 -0.87195 3  DG A OP2   
44  O "O5'" . DG A 3  ? 3.16489 5.04261 3.24507 0.66554  -0.53462 -0.82068 3  DG A "O5'" 
45  C "C5'" . DG A 3  ? 3.31476 5.23512 3.31256 0.75354  -0.61218 -0.91912 3  DG A "C5'" 
46  C "C4'" . DG A 3  ? 3.32367 5.11464 3.18061 0.77656  -0.72173 -0.88413 3  DG A "C4'" 
47  O "O4'" . DG A 3  ? 3.10724 4.70633 2.81856 0.80113  -0.82667 -0.89421 3  DG A "O4'" 
48  C "C3'" . DG A 3  ? 3.08132 4.83731 2.97456 0.70531  -0.68341 -0.75644 3  DG A "C3'" 
49  O "O3'" . DG A 3  ? 3.39879 5.28594 3.33547 0.72573  -0.66113 -0.75962 3  DG A "O3'" 
50  C "C2'" . DG A 3  ? 2.99190 4.53075 2.73521 0.70756  -0.79471 -0.71344 3  DG A "C2'" 
51  C "C1'" . DG A 3  ? 3.07538 4.52843 2.70402 0.77978  -0.88416 -0.81264 3  DG A "C1'" 
52  N N9    . DG A 3  ? 3.04566 4.29563 2.58037 0.75886  -0.93597 -0.77097 3  DG A N9    
53  C C8    . DG A 3  ? 2.72122 3.92688 2.30185 0.69431  -0.88485 -0.70795 3  DG A C8    
54  N N7    . DG A 3  ? 2.67721 3.69494 2.14440 0.69461  -0.95602 -0.68352 3  DG A N7    
55  C C5    . DG A 3  ? 3.18765 4.09254 2.54987 0.74653  -1.02815 -0.71580 3  DG A C5    
56  C C6    . DG A 3  ? 3.18544 3.86913 2.42972 0.75688  -1.09141 -0.69572 3  DG A C6    
57  O O6    . DG A 3  ? 2.83358 3.37909 2.01624 0.73446  -1.11972 -0.65497 3  DG A O6    
58  N N1    . DG A 3  ? 3.17686 3.81394 2.38270 0.79834  -1.11955 -0.72794 3  DG A N1    
59  C C2    . DG A 3  ? 3.10863 3.88172 2.37335 0.82695  -1.09322 -0.77165 3  DG A C2    
60  N N2    . DG A 3  ? 2.78295 3.48978 2.00461 0.86435  -1.12761 -0.79626 3  DG A N2    
61  N N3    . DG A 3  ? 3.33068 4.30020 2.69586 0.81983  -1.03482 -0.78990 3  DG A N3    
62  C C4    . DG A 3  ? 3.34808 4.37879 2.76055 0.77892  -1.00344 -0.76166 3  DG A C4    
63  P P     . DC A 4  ? 3.57916 5.41114 3.39572 0.78256  -0.77437 -0.77004 4  DC A P     
64  O OP1   . DC A 4  ? 3.70103 5.38196 3.40370 0.83736  -0.84761 -0.84296 4  DC A OP1   
65  O OP2   . DC A 4  ? 2.81883 4.82677 2.71772 0.79810  -0.71887 -0.77455 4  DC A OP2   
66  O "O5'" . DC A 4  ? 3.35436 5.03170 3.13522 0.71912  -0.78920 -0.64830 4  DC A "O5'" 
67  C "C5'" . DC A 4  ? 3.33709 4.95947 3.04496 0.74375  -0.86414 -0.62100 4  DC A "C5'" 
68  C "C4'" . DC A 4  ? 3.51987 4.95639 3.10992 0.78742  -0.94122 -0.66999 4  DC A "C4'" 
69  O "O4'" . DC A 4  ? 2.90975 4.23214 2.44747 0.78781  -0.96430 -0.70200 4  DC A "O4'" 
70  C "C3'" . DC A 4  ? 3.77376 5.03418 3.28606 0.77247  -1.00272 -0.60942 4  DC A "C3'" 
71  O "O3'" . DC A 4  ? 3.85347 5.18683 3.39522 0.78848  -0.99431 -0.59335 4  DC A "O3'" 
72  C "C2'" . DC A 4  ? 3.77296 4.86771 3.19561 0.80351  -1.05581 -0.66010 4  DC A "C2'" 
73  C "C1'" . DC A 4  ? 3.32338 4.43362 2.75411 0.80001  -1.03375 -0.69562 4  DC A "C1'" 
74  N N1    . DC A 4  ? 3.38151 4.33992 2.75450 0.75877  -1.06560 -0.64284 4  DC A N1    
75  C C2    . DC A 4  ? 3.46892 4.22070 2.74200 0.76239  -1.12838 -0.62764 4  DC A C2    
76  O O2    . DC A 4  ? 3.64468 4.34670 2.88454 0.79725  -1.15759 -0.65622 4  DC A O2    
77  N N3    . DC A 4  ? 3.40246 4.02174 2.62398 0.72738  -1.15285 -0.58089 4  DC A N3    
78  C C4    . DC A 4  ? 3.32232 4.00511 2.58830 0.68928  -1.12021 -0.54983 4  DC A C4    
79  N N4    . DC A 4  ? 3.45683 3.99941 2.66849 0.65516  -1.14627 -0.50122 4  DC A N4    
80  C C5    . DC A 4  ? 2.89854 3.80352 2.27636 0.68360  -1.05541 -0.56559 4  DC A C5    
81  C C6    . DC A 4  ? 3.07109 4.10709 2.49790 0.71928  -1.02898 -0.61243 4  DC A C6    
82  P P     . DA A 5  ? 4.14891 5.46690 3.66309 0.84404  -1.01764 -0.65455 5  DA A P     
83  O OP1   . DA A 5  ? 4.56286 5.94173 4.08848 0.88400  -0.99708 -0.74273 5  DA A OP1   
84  O OP2   . DA A 5  ? 3.81799 5.24784 3.38288 0.85104  -0.99258 -0.62416 5  DA A OP2   
85  O "O5'" . DA A 5  ? 3.64814 4.74468 3.06821 0.83889  -1.09272 -0.63483 5  DA A "O5'" 
86  C "C5'" . DA A 5  ? 3.73718 4.76805 3.11577 0.88231  -1.12710 -0.69057 5  DA A "C5'" 
87  C "C4'" . DA A 5  ? 3.96010 4.79916 3.26312 0.87020  -1.19002 -0.66263 5  DA A "C4'" 
88  O "O4'" . DA A 5  ? 3.89133 4.62586 3.15176 0.83923  -1.20301 -0.63885 5  DA A "O4'" 
89  C "C3'" . DA A 5  ? 4.26664 5.06757 3.57283 0.84561  -1.21036 -0.59865 5  DA A "C3'" 
90  O "O3'" . DA A 5  ? 4.61933 5.30426 3.87910 0.86564  -1.26085 -0.61265 5  DA A "O3'" 
91  C "C2'" . DA A 5  ? 4.18667 4.91613 3.47760 0.79197  -1.21307 -0.53171 5  DA A "C2'" 
92  C "C1'" . DA A 5  ? 4.32168 4.95642 3.55820 0.79655  -1.22940 -0.56492 5  DA A "C1'" 
93  N N9    . DA A 5  ? 4.33552 4.95702 3.57313 0.75414  -1.21158 -0.52504 5  DA A N9    
94  C C8    . DA A 5  ? 4.15830 4.92417 3.46158 0.73827  -1.15841 -0.51884 5  DA A C8    
95  N N7    . DA A 5  ? 3.99210 4.71566 3.28710 0.69896  -1.15303 -0.48065 5  DA A N7    
96  C C5    . DA A 5  ? 4.15904 4.68647 3.37005 0.68843  -1.20716 -0.45814 5  DA A C5    
97  C C6    . DA A 5  ? 3.79899 4.18744 2.95852 0.65150  -1.22902 -0.41350 5  DA A C6    
98  N N6    . DA A 5  ? 3.85075 4.27995 3.03926 0.61491  -1.20001 -0.38183 5  DA A N6    
99  N N1    . DA A 5  ? 3.36817 3.57758 2.44994 0.65510  -1.28024 -0.40312 5  DA A N1    
100 C C2    . DA A 5  ? 3.66286 3.84470 2.72669 0.69326  -1.30810 -0.43730 5  DA A C2    
101 N N3    . DA A 5  ? 3.74497 4.04608 2.85328 0.72774  -1.29368 -0.47896 5  DA A N3    
102 C C4    . DA A 5  ? 4.26549 4.73355 3.44369 0.72329  -1.24243 -0.48670 5  DA A C4    
103 P P     . DG A 6  ? 4.63488 5.27079 3.89843 0.85123  -1.28785 -0.56289 6  DG A P     
104 O OP1   . DG A 6  ? 4.52846 5.11903 3.77209 0.89153  -1.32341 -0.60634 6  DG A OP1   
105 O OP2   . DG A 6  ? 3.77494 4.54205 3.10369 0.83505  -1.24548 -0.52295 6  DG A OP2   
106 O "O5'" . DG A 6  ? 4.35529 4.83493 3.56832 0.80969  -1.31960 -0.51084 6  DG A "O5'" 
107 C "C5'" . DG A 6  ? 3.96533 4.29822 3.11014 0.82172  -1.36190 -0.53466 6  DG A "C5'" 
108 C "C4'" . DG A 6  ? 4.40117 4.58837 3.50766 0.78605  -1.39406 -0.47816 6  DG A "C4'" 
109 O "O4'" . DG A 6  ? 4.60781 4.76264 3.69686 0.74724  -1.37724 -0.44321 6  DG A "O4'" 
110 C "C3'" . DG A 6  ? 4.68270 4.89307 3.82986 0.76381  -1.39237 -0.42709 6  DG A "C3'" 
111 O "O3'" . DG A 6  ? 4.88299 4.94847 3.99325 0.76450  -1.43988 -0.41481 6  DG A "O3'" 
112 C "C2'" . DG A 6  ? 4.16498 4.40747 3.33391 0.71334  -1.35876 -0.36650 6  DG A "C2'" 
113 C "C1'" . DG A 6  ? 4.49600 4.64030 3.60776 0.70073  -1.36830 -0.37248 6  DG A "C1'" 
114 N N9    . DG A 6  ? 4.18823 4.40742 3.32631 0.66733  -1.32654 -0.34494 6  DG A N9    
115 C C8    . DG A 6  ? 3.82629 4.22052 3.02648 0.67528  -1.27787 -0.36300 6  DG A C8    
116 N N7    . DG A 6  ? 3.74285 4.17528 2.96199 0.64147  -1.24761 -0.33306 6  DG A N7    
117 C C5    . DG A 6  ? 3.64053 3.90274 2.80076 0.60613  -1.27959 -0.28913 6  DG A C5    
118 C C6    . DG A 6  ? 3.20895 3.41901 2.35824 0.55872  -1.26921 -0.24076 6  DG A C6    
119 O O6    . DG A 6  ? 3.08766 3.40657 2.28498 0.53979  -1.22869 -0.22956 6  DG A O6    
120 N N1    . DG A 6  ? 3.14661 3.15664 2.22541 0.53297  -1.31032 -0.20355 6  DG A N1    
121 C C2    . DG A 6  ? 3.47288 3.36081 2.50409 0.55563  -1.35498 -0.21733 6  DG A C2    
122 N N2    . DG A 6  ? 3.61744 3.31604 2.58599 0.52773  -1.38794 -0.17860 6  DG A N2    
123 N N3    . DG A 6  ? 3.67726 3.62262 2.72422 0.60202  -1.36618 -0.26534 6  DG A N3    
124 C C4    . DG A 6  ? 3.93659 4.06571 3.04610 0.62289  -1.32720 -0.29691 6  DG A C4    
125 P P     . DC A 7  ? 4.47867 4.53411 3.62426 0.74440  -1.44589 -0.36634 7  DC A P     
126 O OP1   . DC A 7  ? 4.38857 4.33669 3.50910 0.77314  -1.49562 -0.39216 7  DC A OP1   
127 O OP2   . DC A 7  ? 4.13888 4.36807 3.35602 0.74509  -1.40111 -0.35504 7  DC A OP2   
128 O "O5'" . DC A 7  ? 4.10434 4.05585 3.22453 0.68899  -1.44481 -0.30092 7  DC A "O5'" 
129 C "C5'" . DC A 7  ? 4.10867 3.90052 3.15707 0.67843  -1.47470 -0.29994 7  DC A "C5'" 
130 C "C4'" . DC A 7  ? 4.02668 3.73032 3.06050 0.61922  -1.46699 -0.22969 7  DC A "C4'" 
131 O "O4'" . DC A 7  ? 3.97362 3.77209 3.02607 0.59328  -1.42277 -0.21172 7  DC A "O4'" 
132 C "C3'" . DC A 7  ? 4.04205 3.75235 3.12036 0.59013  -1.45973 -0.17838 7  DC A "C3'" 
133 O "O3'" . DC A 7  ? 4.23114 3.75519 3.26482 0.55104  -1.48778 -0.13427 7  DC A "O3'" 
134 C "C2'" . DC A 7  ? 3.75187 3.60743 2.88292 0.55956  -1.40467 -0.14135 7  DC A "C2'" 
135 C "C1'" . DC A 7  ? 3.86202 3.67544 2.94970 0.54277  -1.39818 -0.14347 7  DC A "C1'" 
136 N N1    . DC A 7  ? 3.61399 3.57814 2.74786 0.52574  -1.34744 -0.13038 7  DC A N1    
137 C C2    . DC A 7  ? 3.38495 3.29425 2.50615 0.47099  -1.33153 -0.07705 7  DC A C2    
138 O O2    . DC A 7  ? 3.20077 2.93130 2.26844 0.43531  -1.35810 -0.03968 7  DC A O2    
139 N N3    . DC A 7  ? 3.37104 3.42147 2.54155 0.45777  -1.28707 -0.06765 7  DC A N3    
140 C C4    . DC A 7  ? 3.43141 3.67155 2.66073 0.49937  -1.25613 -0.11056 7  DC A C4    
141 N N4    . DC A 7  ? 3.85723 4.24102 3.15900 0.47736  -1.18244 -0.09985 7  DC A N4    
142 C C5    . DC A 7  ? 3.33439 3.62232 2.57239 0.55082  -1.26998 -0.16082 7  DC A C5    
143 C C6    . DC A 7  ? 3.61080 3.75887 2.80127 0.56143  -1.31663 -0.16842 7  DC A C6    
144 P P     . DC A 8  ? 4.64811 4.09077 3.69999 0.54209  -1.51295 -0.11110 8  DC A P     
145 O OP1   . DC A 8  ? 4.62221 3.98040 3.64433 0.59015  -1.56404 -0.16459 8  DC A OP1   
146 O OP2   . DC A 8  ? 4.49489 4.09773 3.62381 0.53865  -1.47319 -0.09106 8  DC A OP2   
147 O "O5'" . DC A 8  ? 3.92601 3.18560 2.93507 0.47326  -1.52088 -0.04277 8  DC A "O5'" 
148 C "C5'" . DC A 8  ? 3.73975 3.03932 2.77979 0.41315  -1.47701 0.02313  8  DC A "C5'" 
149 C "C4'" . DC A 8  ? 3.84342 2.99664 2.82715 0.35259  -1.47472 0.07348  8  DC A "C4'" 
150 O "O4'" . DC A 8  ? 3.98421 3.23807 2.96536 0.35722  -1.44531 0.06166  8  DC A "O4'" 
151 C "C3'" . DC A 8  ? 4.07285 3.15308 3.07428 0.26829  -1.44810 0.15935  8  DC A "C3'" 
152 O "O3'" . DC A 8  ? 4.45568 3.31629 3.40202 0.23466  -1.48274 0.18513  8  DC A "O3'" 
153 C "C2'" . DC A 8  ? 3.89982 3.04158 2.90881 0.21999  -1.40120 0.20222  8  DC A "C2'" 
154 C "C1'" . DC A 8  ? 4.16336 3.44929 3.17353 0.28902  -1.40058 0.13029  8  DC A "C1'" 
155 N N1    . DC A 8  ? 3.88771 3.39878 2.97258 0.31026  -1.35994 0.11714  8  DC A N1    
156 C C2    . DC A 8  ? 3.57702 3.18614 2.73691 0.24450  -1.26056 0.16592  8  DC A C2    
157 O O2    . DC A 8  ? 3.71319 3.22610 2.87475 0.16916  -1.21623 0.22086  8  DC A O2    
158 N N3    . DC A 8  ? 3.17072 2.98604 2.41106 0.26344  -1.20282 0.15054  8  DC A N3    
159 C C4    . DC A 8  ? 3.22663 3.14693 2.46348 0.34632  -1.25284 0.09137  8  DC A C4    
160 N N4    . DC A 8  ? 3.34281 3.46454 2.65986 0.36229  -1.18891 0.08111  8  DC A N4    
161 C C5    . DC A 8  ? 3.22472 3.06083 2.40438 0.40407  -1.32959 0.04056  8  DC A C5    
162 C C6    . DC A 8  ? 3.43010 3.06841 2.54585 0.38116  -1.36702 0.05353  8  DC A C6    
163 P P     . DT A 9  ? 4.63394 3.35602 3.57375 0.13208  -1.45338 0.27835  9  DT A P     
164 O OP1   . DT A 9  ? 4.31471 2.99509 3.21457 0.09630  -1.43057 0.30719  9  DT A OP1   
165 O OP2   . DT A 9  ? 5.03215 3.58071 3.94811 0.12158  -1.49306 0.28218  9  DT A OP2   
166 O "O5'" . DT A 9  ? 4.26531 3.13606 3.29458 0.09409  -1.39031 0.31804  9  DT A "O5'" 
167 C "C5'" . DT A 9  ? 4.21872 3.02272 3.28860 -0.00027 -1.32391 0.38736  9  DT A "C5'" 
168 C "C4'" . DT A 9  ? 3.99691 2.75138 3.06054 -0.07575 -1.26426 0.43743  9  DT A "C4'" 
169 O "O4'" . DT A 9  ? 4.14002 3.03486 3.21368 -0.04184 -1.24288 0.40768  9  DT A "O4'" 
170 C "C3'" . DT A 9  ? 3.86302 2.63714 2.99864 -0.17680 -1.16891 0.50744  9  DT A "C3'" 
171 O "O3'" . DT A 9  ? 3.92692 2.50110 3.01942 -0.24324 -1.17516 0.55317  9  DT A "O3'" 
172 C "C2'" . DT A 9  ? 3.63042 2.55934 2.82069 -0.20153 -1.09138 0.52049  9  DT A "C2'" 
173 C "C1'" . DT A 9  ? 3.70781 2.73636 2.86897 -0.10408 -1.14033 0.44860  9  DT A "C1'" 
174 N N1    . DT A 9  ? 3.50576 2.74863 2.73468 -0.05342 -1.11399 0.41387  9  DT A N1    
175 C C2    . DT A 9  ? 3.31663 2.72461 2.63627 -0.09271 -1.01653 0.43963  9  DT A C2    
176 O O2    . DT A 9  ? 3.76728 3.16580 3.12306 -0.16933 -0.94944 0.48884  9  DT A O2    
177 N N3    . DT A 9  ? 3.00573 2.59452 2.37626 -0.03714 -1.00056 0.40549  9  DT A N3    
178 C C4    . DT A 9  ? 2.90588 2.53289 2.24709 0.05221  -1.07302 0.34810  9  DT A C4    
179 O O4    . DT A 9  ? 2.55223 2.34960 1.94314 0.09855  -1.05124 0.32204  9  DT A O4    
180 C C5    . DT A 9  ? 3.28531 2.74010 2.53631 0.08879  -1.17619 0.32098  9  DT A C5    
181 C C7    . DT A 9  ? 3.40532 2.89081 2.62556 0.18581  -1.26490 0.25632  9  DT A C7    
182 C C6    . DT A 9  ? 3.65139 2.92302 2.85104 0.03496  -1.18980 0.35514  9  DT A C6    
183 P P     . DG A 10 ? 4.24334 2.77775 3.39125 -0.35375 -1.09719 0.62455  10 DG A P     
184 O OP1   . DG A 10 ? 3.67709 2.24888 2.84769 -0.41433 -1.03240 0.66476  10 DG A OP1   
185 O OP2   . DG A 10 ? 5.66153 4.03548 4.78596 -0.37544 -1.12041 0.61261  10 DG A OP2   
186 O "O5'" . DG A 10 ? 3.68135 2.38660 2.91326 -0.34293 -1.05330 0.61704  10 DG A "O5'" 
187 C "C5'" . DG A 10 ? 3.82381 2.57505 3.12586 -0.42802 -0.96792 0.67079  10 DG A "C5'" 
188 C "C4'" . DG A 10 ? 3.23594 2.08652 2.58385 -0.48036 -0.89191 0.70572  10 DG A "C4'" 
189 O "O4'" . DG A 10 ? 3.30731 2.28353 2.65350 -0.40597 -0.90713 0.65947  10 DG A "O4'" 
190 C "C3'" . DG A 10 ? 3.18786 2.16917 2.62890 -0.54450 -0.79564 0.74804  10 DG A "C3'" 
191 O "O3'" . DG A 10 ? 3.42866 2.44822 2.93236 -0.60464 -0.71077 0.73667  10 DG A "O3'" 
192 C "C2'" . DG A 10 ? 3.01304 2.20886 2.51027 -0.49330 -0.75762 0.72132  10 DG A "C2'" 
193 C "C1'" . DG A 10 ? 3.24143 2.42203 2.67315 -0.40239 -0.83668 0.66053  10 DG A "C1'" 
194 N N9    . DG A 10 ? 2.91919 2.20325 2.35041 -0.30751 -0.87687 0.60420  10 DG A N9    
195 C C8    . DG A 10 ? 2.95946 2.16791 2.32349 -0.22980 -0.97266 0.55271  10 DG A C8    
196 N N7    . DG A 10 ? 2.81064 2.15803 2.19693 -0.15242 -0.98929 0.50761  10 DG A N7    
197 C C5    . DG A 10 ? 2.79970 2.32075 2.27058 -0.18095 -0.89482 0.53311  10 DG A C5    
198 C C6    . DG A 10 ? 2.77022 2.48887 2.29833 -0.12743 -0.86182 0.50917  10 DG A C6    
199 O O6    . DG A 10 ? 3.15436 2.94044 2.66890 -0.04079 -0.91432 0.45760  10 DG A O6    
200 N N1    . DG A 10 ? 2.60565 2.45097 2.21678 -0.18434 -0.75568 0.55257  10 DG A N1    
201 C C2    . DG A 10 ? 2.61992 2.41112 2.25795 -0.28061 -0.69480 0.60890  10 DG A C2    
202 N N2    . DG A 10 ? 2.78718 2.71841 2.51360 -0.32560 -0.59551 0.64449  10 DG A N2    
203 N N3    . DG A 10 ? 2.30198 1.91490 1.88680 -0.32993 -0.72799 0.63025  10 DG A N3    
204 C C4    . DG A 10 ? 2.63521 2.11879 2.13621 -0.27601 -0.82617 0.59141  10 DG A C4    
205 P P     . DT A 11 ? 3.52704 2.57678 3.09024 -0.63114 -0.63919 0.70044  11 DT A P     
206 O OP1   . DT A 11 ? 3.86746 2.82831 3.39705 -0.62959 -0.64874 0.67034  11 DT A OP1   
207 O OP2   . DT A 11 ? 2.92604 1.95432 2.48433 -0.62002 -0.66390 0.70507  11 DT A OP2   
208 O "O5'" . DT A 11 ? 4.21839 3.44660 3.88158 -0.65134 -0.52828 0.69611  11 DT A "O5'" 
209 C "C5'" . DT A 11 ? 3.94457 3.26264 3.66548 -0.65200 -0.46652 0.68550  11 DT A "C5'" 
210 C "C4'" . DT A 11 ? 3.40225 2.83806 3.16564 -0.65539 -0.44330 0.72177  11 DT A "C4'" 
211 O "O4'" . DT A 11 ? 2.82420 2.19825 2.52064 -0.64313 -0.53471 0.77174  11 DT A "O4'" 
212 C "C3'" . DT A 11 ? 2.78967 2.29696 2.59555 -0.64998 -0.39559 0.71605  11 DT A "C3'" 
213 O "O3'" . DT A 11 ? 2.71177 2.37149 2.59475 -0.64469 -0.30817 0.70992  11 DT A "O3'" 
214 C "C2'" . DT A 11 ? 2.91210 2.36809 2.66549 -0.64098 -0.47735 0.76620  11 DT A "C2'" 
215 C "C1'" . DT A 11 ? 3.12419 2.58934 2.84590 -0.63301 -0.51936 0.80460  11 DT A "C1'" 
216 N N1    . DT A 11 ? 3.23352 2.71407 2.90383 -0.53868 -0.59797 0.77399  11 DT A N1    
217 C C2    . DT A 11 ? 2.76074 2.43276 2.48313 -0.48113 -0.56140 0.75403  11 DT A C2    
218 O O2    . DT A 11 ? 3.48745 3.29003 3.28377 -0.51748 -0.47484 0.78637  11 DT A O2    
219 N N3    . DT A 11 ? 2.36328 2.07038 2.05013 -0.37853 -0.62986 0.69459  11 DT A N3    
220 C C4    . DT A 11 ? 2.55683 2.13043 2.16630 -0.32840 -0.73010 0.65304  11 DT A C4    
221 O O4    . DT A 11 ? 2.45166 2.07647 2.03877 -0.23561 -0.78923 0.59857  11 DT A O4    
222 C C5    . DT A 11 ? 2.94931 2.32018 2.50837 -0.39261 -0.76037 0.67834  11 DT A C5    
223 C C7    . DT A 11 ? 3.11063 2.31927 2.58776 -0.34628 -0.86400 0.63934  11 DT A C7    
224 C C6    . DT A 11 ? 3.16939 2.50387 2.75972 -0.49371 -0.69298 0.73747  11 DT A C6    
225 P P     . DT A 12 ? 3.12963 2.90017 3.04781 -0.63893 -0.28456 0.74632  12 DT A P     
226 O OP1   . DT A 12 ? 3.15124 2.86234 3.04222 -0.63407 -0.30843 0.74510  12 DT A OP1   
227 O OP2   . DT A 12 ? 4.02678 3.86164 3.94152 -0.64253 -0.31502 0.80488  12 DT A OP2   
228 O "O5'" . DT A 12 ? 4.11350 4.00062 4.10578 -0.61830 -0.17880 0.70293  12 DT A "O5'" 
229 C "C5'" . DT A 12 ? 3.25750 3.19786 3.27314 -0.60135 -0.13626 0.69566  12 DT A "C5'" 
230 C "C4'" . DT A 12 ? 3.07811 3.11977 3.10717 -0.60106 -0.15146 0.76170  12 DT A "C4'" 
231 O "O4'" . DT A 12 ? 2.87331 2.86116 2.84387 -0.61399 -0.24433 0.82445  12 DT A "O4'" 
232 C "C3'" . DT A 12 ? 2.86344 2.92682 2.89295 -0.58630 -0.13655 0.76786  12 DT A "C3'" 
233 O "O3'" . DT A 12 ? 2.79651 2.97105 2.88009 -0.55921 -0.05361 0.74401  12 DT A "O3'" 
234 C "C2'" . DT A 12 ? 2.87037 2.94398 2.85521 -0.58225 -0.21280 0.84989  12 DT A "C2'" 
235 C "C1'" . DT A 12 ? 2.62091 2.68297 2.57627 -0.58556 -0.26345 0.87950  12 DT A "C1'" 
236 N N1    . DT A 12 ? 2.16903 2.14523 2.04903 -0.50067 -0.37223 0.81917  12 DT A N1    
237 C C2    . DT A 12 ? 2.18684 2.28335 2.06700 -0.39549 -0.39846 0.77293  12 DT A C2    
238 O O2    . DT A 12 ? 2.11082 2.37708 2.04591 -0.36618 -0.33630 0.77922  12 DT A O2    
239 N N3    . DT A 12 ? 2.29794 2.31001 2.11347 -0.32486 -0.50047 0.71878  12 DT A N3    
240 C C4    . DT A 12 ? 2.39569 2.21465 2.14796 -0.34741 -0.57397 0.70795  12 DT A C4    
241 O O4    . DT A 12 ? 2.49202 2.24949 2.19383 -0.27804 -0.66290 0.65776  12 DT A O4    
242 C C5    . DT A 12 ? 2.37668 2.07281 2.12886 -0.45814 -0.53875 0.75993  12 DT A C5    
243 C C7    . DT A 12 ? 2.48202 1.96330 2.16768 -0.49110 -0.60815 0.75571  12 DT A C7    
244 C C6    . DT A 12 ? 2.26304 2.04480 2.07844 -0.52913 -0.44239 0.81172  12 DT A C6    
245 P P     . DT A 13 ? 2.94342 3.29367 3.07510 -0.53726 -0.02243 0.79258  13 DT A P     
246 O OP1   . DT A 13 ? 3.10149 3.49808 3.23765 -0.55002 -0.05300 0.83212  13 DT A OP1   
247 O OP2   . DT A 13 ? 2.86759 3.25773 3.03749 -0.50846 0.05908  0.73594  13 DT A OP2   
248 O "O5'" . DT A 13 ? 3.00961 3.41317 3.11600 -0.51978 -0.05557 0.85811  13 DT A "O5'" 
249 C "C5'" . DT A 13 ? 2.71120 3.24397 2.81058 -0.46894 -0.07783 0.90228  13 DT A "C5'" 
250 C "C4'" . DT A 13 ? 2.61520 3.19850 2.69657 -0.38847 -0.09251 0.87826  13 DT A "C4'" 
251 O "O4'" . DT A 13 ? 3.15387 3.63464 3.16676 -0.32495 -0.20236 0.82197  13 DT A "O4'" 
252 C "C3'" . DT A 13 ? 2.30195 2.84572 2.38950 -0.43920 -0.04717 0.91303  13 DT A "C3'" 
253 O "O3'" . DT A 13 ? 2.55575 3.23286 2.66158 -0.36437 -0.01140 0.90659  13 DT A "O3'" 
254 C "C2'" . DT A 13 ? 2.95849 3.31530 2.97797 -0.44686 -0.13781 0.88262  13 DT A "C2'" 
255 C "C1'" . DT A 13 ? 2.88532 3.26375 2.86939 -0.33889 -0.22405 0.82045  13 DT A "C1'" 
256 N N1    . DT A 13 ? 1.94376 2.14490 1.86484 -0.33917 -0.32449 0.78485  13 DT A N1    
257 C C2    . DT A 13 ? 2.02421 2.23054 1.91077 -0.23922 -0.41094 0.72428  13 DT A C2    
258 O O2    . DT A 13 ? 2.01011 2.36368 1.91475 -0.15046 -0.41044 0.69761  13 DT A O2    
259 N N3    . DT A 13 ? 2.12294 2.15713 1.95430 -0.24559 -0.49874 0.69580  13 DT A N3    
260 C C4    . DT A 13 ? 2.15156 2.01072 1.95682 -0.33984 -0.50633 0.72298  13 DT A C4    
261 O O4    . DT A 13 ? 2.24839 1.95634 2.00338 -0.33599 -0.58545 0.69581  13 DT A O4    
262 C C5    . DT A 13 ? 2.06036 1.92785 1.90330 -0.44251 -0.41467 0.78580  13 DT A C5    
263 C C7    . DT A 13 ? 2.07912 1.77107 1.89921 -0.54974 -0.41582 0.81929  13 DT A C7    
264 C C6    . DT A 13 ? 1.96040 1.99754 1.86029 -0.43768 -0.32986 0.81286  13 DT A C6    
265 P P     . DG A 14 ? 2.22520 3.03629 2.40589 -0.35859 0.09647  0.90397  14 DG A P     
266 O OP1   . DG A 14 ? 2.30467 3.04795 2.51611 -0.39544 0.11879  0.84739  14 DG A OP1   
267 O OP2   . DG A 14 ? 2.34740 3.12398 2.52209 -0.34498 0.12206  0.87588  14 DG A OP2   
268 O "O5'" . DG A 14 ? 2.43907 3.45486 2.63610 -0.26738 0.11207  0.92636  14 DG A "O5'" 
269 C "C5'" . DG A 14 ? 2.74942 3.87771 2.95198 -0.18953 0.14265  0.92244  14 DG A "C5'" 
270 C "C4'" . DG A 14 ? 2.66762 3.82194 2.82763 -0.07068 0.05156  0.85616  14 DG A "C4'" 
271 O "O4'" . DG A 14 ? 2.47372 3.45847 2.57625 -0.08167 -0.05550 0.81551  14 DG A "O4'" 
272 C "C3'" . DG A 14 ? 2.07880 3.30232 2.22730 0.01301  0.05521  0.84091  14 DG A "C3'" 
273 O "O3'" . DG A 14 ? 2.13539 3.49340 2.28540 0.12993  0.02399  0.79931  14 DG A "O3'" 
274 C "C2'" . DG A 14 ? 2.30764 3.36028 2.40221 0.00068  -0.02799 0.80823  14 DG A "C2'" 
275 C "C1'" . DG A 14 ? 2.21782 3.15417 2.28259 -0.02338 -0.11290 0.77870  14 DG A "C1'" 
276 N N9    . DG A 14 ? 2.29111 3.02677 2.31758 -0.09967 -0.16168 0.77688  14 DG A N9    
277 C C8    . DG A 14 ? 2.50346 3.14713 2.53857 -0.21321 -0.10895 0.82623  14 DG A C8    
278 N N7    . DG A 14 ? 2.56578 3.03115 2.56037 -0.26257 -0.16946 0.81246  14 DG A N7    
279 C C5    . DG A 14 ? 2.29293 2.72590 2.25122 -0.17645 -0.26864 0.75045  14 DG A C5    
280 C C6    . DG A 14 ? 2.24601 2.50759 2.15638 -0.17981 -0.36276 0.71168  14 DG A C6    
281 O O6    . DG A 14 ? 2.31755 2.41782 2.20551 -0.26172 -0.37526 0.72556  14 DG A O6    
282 N N1    . DG A 14 ? 2.22598 2.51709 2.11649 -0.07455 -0.44770 0.65099  14 DG A N1    
283 C C2    . DG A 14 ? 2.33585 2.80360 2.24779 0.02199  -0.44444 0.62906  14 DG A C2    
284 N N2    . DG A 14 ? 2.75411 3.22717 2.64326 0.11573  -0.53912 0.56647  14 DG A N2    
285 N N3    . DG A 14 ? 2.46380 3.09301 2.41885 0.02644  -0.35405 0.66575  14 DG A N3    
286 C C4    . DG A 14 ? 2.27682 2.87644 2.25385 -0.07559 -0.26852 0.72637  14 DG A C4    
287 P P     . DG A 15 ? 2.28566 3.74038 2.42357 0.24721  0.00839  0.76831  15 DG A P     
288 O OP1   . DG A 15 ? 2.50125 4.14686 2.67020 0.33366  0.04132  0.76251  15 DG A OP1   
289 O OP2   . DG A 15 ? 2.25622 3.67502 2.39325 0.21111  0.06372  0.80113  15 DG A OP2   
290 O "O5'" . DG A 15 ? 2.03612 3.38475 2.12354 0.30231  -0.12675 0.69585  15 DG A "O5'" 
291 C "C5'" . DG A 15 ? 2.45777 3.87137 2.53563 0.38856  -0.20126 0.64275  15 DG A "C5'" 
292 C "C4'" . DG A 15 ? 2.61576 3.98299 2.66093 0.47183  -0.30565 0.57766  15 DG A "C4'" 
293 O "O4'" . DG A 15 ? 2.31710 3.47788 2.32858 0.39689  -0.36106 0.56942  15 DG A "O4'" 
294 C "C3'" . DG A 15 ? 2.66216 4.11281 2.71906 0.53874  -0.27358 0.57510  15 DG A "C3'" 
295 O "O3'" . DG A 15 ? 2.51472 4.10627 2.57695 0.67694  -0.32667 0.52089  15 DG A "O3'" 
296 C "C2'" . DG A 15 ? 2.94080 4.22194 2.97318 0.49016  -0.30658 0.56446  15 DG A "C2'" 
297 C "C1'" . DG A 15 ? 2.39839 3.50037 2.40331 0.40099  -0.36261 0.56190  15 DG A "C1'" 
298 N N9    . DG A 15 ? 2.29775 3.26680 2.29796 0.27495  -0.30776 0.61287  15 DG A N9    
299 C C8    . DG A 15 ? 2.36198 3.37838 2.38927 0.20329  -0.19773 0.67914  15 DG A C8    
300 N N7    . DG A 15 ? 2.31111 3.18701 2.32843 0.09568  -0.17511 0.71065  15 DG A N7    
301 C C5    . DG A 15 ? 2.01037 2.73227 1.99033 0.09635  -0.27308 0.66340  15 DG A C5    
302 C C6    . DG A 15 ? 2.03760 2.56822 1.99209 0.00397  -0.29619 0.66926  15 DG A C6    
303 O O6    . DG A 15 ? 2.90418 3.36663 2.86332 -0.09982 -0.23603 0.71754  15 DG A O6    
304 N N1    . DG A 15 ? 2.18881 2.60393 2.11212 0.04175  -0.40161 0.61064  15 DG A N1    
305 C C2    . DG A 15 ? 2.26639 2.74787 2.18593 0.15509  -0.47861 0.55227  15 DG A C2    
306 N N2    . DG A 15 ? 2.55256 2.90252 2.44609 0.17609  -0.57626 0.50025  15 DG A N2    
307 N N3    . DG A 15 ? 2.28170 2.94738 2.22391 0.24220  -0.46138 0.54474  15 DG A N3    
308 C C4    . DG A 15 ? 2.25381 3.02929 2.22446 0.20646  -0.35561 0.60282  15 DG A C4    
309 P P     . DA A 16 ? 2.26506 3.81398 2.30396 0.75633  -0.46785 0.43814  16 DA A P     
310 O OP1   . DA A 16 ? 2.29387 3.83497 2.32185 0.73908  -0.50628 0.42714  16 DA A OP1   
311 O OP2   . DA A 16 ? 2.39341 4.02473 2.44495 0.85247  -0.46723 0.38028  16 DA A OP2   
312 O "O5'" . DA A 16 ? 2.66125 3.99871 2.67316 0.69815  -0.52706 0.41829  16 DA A "O5'" 
313 C "C5'" . DA A 16 ? 2.59367 3.78954 2.57586 0.67567  -0.62560 0.38064  16 DA A "C5'" 
314 C "C4'" . DA A 16 ? 2.89495 3.95847 2.86544 0.69210  -0.70389 0.33212  16 DA A "C4'" 
315 O "O4'" . DA A 16 ? 2.63167 3.53441 2.58946 0.57833  -0.65972 0.37188  16 DA A "O4'" 
316 C "C3'" . DA A 16 ? 2.75663 3.92048 2.75490 0.79734  -0.71679 0.28621  16 DA A "C3'" 
317 O "O3'" . DA A 16 ? 2.92451 3.97242 2.92571 0.82056  -0.80668 0.21088  16 DA A "O3'" 
318 C "C2'" . DA A 16 ? 2.30858 3.43078 2.31088 0.74036  -0.63697 0.32812  16 DA A "C2'" 
319 C "C1'" . DA A 16 ? 2.53787 3.44705 2.51108 0.60831  -0.64172 0.35636  16 DA A "C1'" 
320 N N9    . DA A 16 ? 2.61622 3.47569 2.58823 0.50315  -0.54049 0.42191  16 DA A N9    
321 C C8    . DA A 16 ? 2.61806 3.59414 2.60682 0.47663  -0.43494 0.48252  16 DA A C8    
322 N N7    . DA A 16 ? 1.83335 2.72926 1.81901 0.37393  -0.36299 0.53272  16 DA A N7    
323 C C5    . DA A 16 ? 2.08969 2.80233 2.05266 0.32916  -0.42474 0.50256  16 DA A C5    
324 C C6    . DA A 16 ? 2.34295 2.90039 2.29166 0.22199  -0.39760 0.52659  16 DA A C6    
325 N N6    . DA A 16 ? 3.09123 3.65948 3.04708 0.13848  -0.30023 0.58866  16 DA A N6    
326 N N1    . DA A 16 ? 1.99942 2.39013 1.92860 0.20325  -0.47472 0.48326  16 DA A N1    
327 C C2    . DA A 16 ? 2.33333 2.71636 2.26046 0.28833  -0.57253 0.42067  16 DA A C2    
328 N N3    . DA A 16 ? 2.36067 2.88278 2.30015 0.39265  -0.61137 0.39139  16 DA A N3    
329 C C4    . DA A 16 ? 2.21829 2.90304 2.17400 0.40734  -0.53270 0.43520  16 DA A C4    
330 P P     . DC A 17 ? 2.53464 3.61475 2.57325 0.88877  -0.80800 0.14139  17 DC A P     
331 O OP1   . DC A 17 ? 2.85469 3.89653 2.89985 0.91381  -0.87395 0.07952  17 DC A OP1   
332 O OP2   . DC A 17 ? 2.03748 3.26951 2.09158 0.92831  -0.71641 0.15854  17 DC A OP2   
333 O "O5'" . DC A 17 ? 2.42716 3.38462 2.46477 0.86884  -0.83750 0.13193  17 DC A "O5'" 
334 C "C5'" . DC A 17 ? 2.68291 3.47196 2.68833 0.81146  -0.90709 0.14028  17 DC A "C5'" 
335 C "C4'" . DC A 17 ? 2.80527 3.47066 2.81044 0.78161  -0.91371 0.13110  17 DC A "C4'" 
336 O "O4'" . DC A 17 ? 2.84287 3.46046 2.82873 0.66851  -0.80789 0.20582  17 DC A "O4'" 
337 C "C3'" . DC A 17 ? 2.40222 3.14023 2.45091 0.85534  -0.89641 0.07670  17 DC A "C3'" 
338 O "O3'" . DC A 17 ? 2.70601 3.29195 2.76319 0.84481  -0.95657 0.02777  17 DC A "O3'" 
339 C "C2'" . DC A 17 ? 2.14260 2.96394 2.18389 0.84013  -0.80240 0.13365  17 DC A "C2'" 
340 C "C1'" . DC A 17 ? 2.19922 2.83959 2.20387 0.68663  -0.76390 0.19340  17 DC A "C1'" 
341 N N1    . DC A 17 ? 2.55329 3.22973 2.54640 0.60840  -0.64667 0.26946  17 DC A N1    
342 C C2    . DC A 17 ? 2.83015 3.35564 2.80635 0.49520  -0.60262 0.29855  17 DC A C2    
343 O O2    . DC A 17 ? 2.67160 3.03516 2.64191 0.46321  -0.66012 0.26053  17 DC A O2    
344 N N3    . DC A 17 ? 2.48829 3.04969 2.45756 0.42348  -0.49854 0.36658  17 DC A N3    
345 C C4    . DC A 17 ? 2.04951 2.78493 2.03027 0.46157  -0.43591 0.40628  17 DC A C4    
346 N N4    . DC A 17 ? 2.52822 3.29169 2.50703 0.38748  -0.33292 0.47335  17 DC A N4    
347 C C5    . DC A 17 ? 1.74457 2.63401 1.74191 0.57692  -0.47596 0.37799  17 DC A C5    
348 C C6    . DC A 17 ? 2.19156 3.04707 2.19334 0.64659  -0.58297 0.30915  17 DC A C6    
349 P P     . DA A 18 ? 3.06498 3.67561 3.17057 0.91228  -0.96268 -0.05890 18 DA A P     
350 O OP1   . DA A 18 ? 2.32517 2.89006 2.43859 0.92771  -1.02371 -0.10801 18 DA A OP1   
351 O OP2   . DA A 18 ? 2.56769 3.34471 2.69046 0.96487  -0.88130 -0.05696 18 DA A OP2   
352 O "O5'" . DA A 18 ? 2.59571 3.05180 2.70639 0.88268  -0.99491 -0.08228 18 DA A "O5'" 
353 C "C5'" . DA A 18 ? 2.45878 2.70906 2.54873 0.81365  -1.06822 -0.07912 18 DA A "C5'" 
354 C "C4'" . DA A 18 ? 2.64625 2.74850 2.71410 0.69394  -0.99789 -0.04399 18 DA A "C4'" 
355 O "O4'" . DA A 18 ? 2.54956 2.72479 2.58563 0.63124  -0.89405 0.03767  18 DA A "O4'" 
356 C "C3'" . DA A 18 ? 3.05398 3.14779 3.16052 0.73412  -0.99036 -0.10576 18 DA A "C3'" 
357 O "O3'" . DA A 18 ? 3.26685 3.14934 3.35648 0.61961  -0.97703 -0.09941 18 DA A "O3'" 
358 C "C2'" . DA A 18 ? 2.90748 3.16366 3.00681 0.75519  -0.89447 -0.06724 18 DA A "C2'" 
359 C "C1'" . DA A 18 ? 2.67691 2.88442 2.72413 0.63187  -0.82887 0.03116  18 DA A "C1'" 
360 N N9    . DA A 18 ? 2.39983 2.77698 2.43626 0.64542  -0.74060 0.08930  18 DA A N9    
361 C C8    . DA A 18 ? 2.24425 2.82292 2.29595 0.75002  -0.73906 0.08992  18 DA A C8    
362 N N7    . DA A 18 ? 2.10027 2.79217 2.13908 0.73305  -0.64376 0.15237  18 DA A N7    
363 C C5    . DA A 18 ? 2.27699 2.83510 2.29102 0.60855  -0.58195 0.19458  18 DA A C5    
364 C C6    . DA A 18 ? 2.47578 3.06109 2.47084 0.53242  -0.47522 0.26580  18 DA A C6    
365 N N6    . DA A 18 ? 2.72072 3.48053 2.71979 0.57363  -0.40531 0.31037  18 DA A N6    
366 N N1    . DA A 18 ? 2.34729 2.77359 2.32148 0.41164  -0.44269 0.28929  18 DA A N1    
367 C C2    . DA A 18 ? 2.48170 2.73106 2.45288 0.37020  -0.50908 0.24567  18 DA A C2    
368 N N3    . DA A 18 ? 2.30013 2.50063 2.28900 0.43253  -0.60702 0.17973  18 DA A N3    
369 C C4    . DA A 18 ? 2.24659 2.61119 2.25728 0.55267  -0.64073 0.15644  18 DA A C4    
370 P P     . DT A 19 ? 3.34053 3.13378 3.47598 0.64800  -1.00794 -0.18643 19 DT A P     
371 O OP1   . DT A 19 ? 2.62575 2.31210 2.79029 0.67679  -1.11023 -0.24269 19 DT A OP1   
372 O OP2   . DT A 19 ? 2.45024 2.42473 2.62152 0.75792  -0.97892 -0.22984 19 DT A OP2   
373 O "O5'" . DT A 19 ? 3.36712 2.98182 3.46387 0.49769  -0.94016 -0.14251 19 DT A "O5'" 
374 C "C5'" . DT A 19 ? 3.00205 2.62879 3.04671 0.39937  -0.85436 -0.04812 19 DT A "C5'" 
375 C "C4'" . DT A 19 ? 3.37294 3.06327 3.41429 0.38744  -0.76900 -0.04193 19 DT A "C4'" 
376 O "O4'" . DT A 19 ? 2.47540 2.35395 2.50301 0.42306  -0.70719 0.01343  19 DT A "O4'" 
377 C "C3'" . DT A 19 ? 3.53754 3.27986 3.62733 0.49099  -0.78946 -0.13840 19 DT A "C3'" 
378 O "O3'" . DT A 19 ? 3.54332 3.11863 3.63207 0.41147  -0.77353 -0.17024 19 DT A "O3'" 
379 C "C2'" . DT A 19 ? 2.66009 2.61818 2.74943 0.57158  -0.72410 -0.12292 19 DT A "C2'" 
380 C "C1'" . DT A 19 ? 2.32806 2.31419 2.36867 0.48127  -0.65585 -0.01412 19 DT A "C1'" 
381 N N1    . DT A 19 ? 2.19214 2.40050 2.23525 0.57070  -0.61801 0.01691  19 DT A N1    
382 C C2    . DT A 19 ? 2.43304 2.71277 2.44672 0.51998  -0.51898 0.08990  19 DT A C2    
383 O O2    . DT A 19 ? 2.52139 2.69494 2.50731 0.40447  -0.46366 0.12958  19 DT A O2    
384 N N3    . DT A 19 ? 2.29138 2.77361 2.31183 0.60937  -0.48661 0.11491  19 DT A N3    
385 C C4    . DT A 19 ? 2.12144 2.74279 2.17268 0.74182  -0.54492 0.07360  19 DT A C4    
386 O O4    . DT A 19 ? 2.09063 2.89165 2.14525 0.81413  -0.50734 0.10131  19 DT A O4    
387 C C5    . DT A 19 ? 2.30703 2.84849 2.38901 0.78889  -0.65266 -0.00466 19 DT A C5    
388 C C7    . DT A 19 ? 2.74117 3.42601 2.86170 0.93076  -0.72767 -0.05728 19 DT A C7    
389 C C6    . DT A 19 ? 2.00128 2.34054 2.07881 0.70221  -0.68232 -0.02839 19 DT A C6    
390 P P     . DC A 20 ? 3.14023 2.67033 3.18530 0.29977  -0.67458 -0.11900 20 DC A P     
391 O OP1   . DC A 20 ? 2.90637 2.45242 2.90396 0.20699  -0.61904 -0.01082 20 DC A OP1   
392 O OP2   . DC A 20 ? 3.00724 2.33998 3.05884 0.22576  -0.69138 -0.16686 20 DC A OP2   
393 O "O5'" . DC A 20 ? 2.59043 2.30366 2.65216 0.40843  -0.62854 -0.15809 20 DC A "O5'" 
394 C "C5'" . DC A 20 ? 3.33867 3.02280 3.37763 0.35513  -0.55702 -0.16032 20 DC A "C5'" 
395 C "C4'" . DC A 20 ? 2.85765 2.52588 2.84174 0.22925  -0.47457 -0.05287 20 DC A "C4'" 
396 O "O4'" . DC A 20 ? 2.52984 2.35206 2.50654 0.26871  -0.45390 0.01461  20 DC A "O4'" 
397 C "C3'" . DC A 20 ? 2.95006 2.65907 2.90829 0.20373  -0.39058 -0.04508 20 DC A "C3'" 
398 O "O3'" . DC A 20 ? 2.79205 2.41786 2.70813 0.05489  -0.33153 0.04201  20 DC A "O3'" 
399 C "C2'" . DC A 20 ? 2.43539 2.37525 2.40012 0.32856  -0.35645 -0.03134 20 DC A "C2'" 
400 C "C1'" . DC A 20 ? 2.58247 2.57120 2.54977 0.32644  -0.38074 0.03242  20 DC A "C1'" 
401 N N1    . DC A 20 ? 2.56052 2.73733 2.55873 0.48042  -0.41140 0.00552  20 DC A N1    
402 C C2    . DC A 20 ? 2.33138 2.69230 2.31834 0.53292  -0.34516 0.05875  20 DC A C2    
403 O O2    . DC A 20 ? 2.49761 2.86230 2.45185 0.45112  -0.26080 0.12695  20 DC A O2    
404 N N3    . DC A 20 ? 2.20741 2.73953 2.22272 0.67334  -0.37563 0.03308  20 DC A N3    
405 C C4    . DC A 20 ? 2.38031 2.90674 2.43587 0.75826  -0.47057 -0.04301 20 DC A C4    
406 N N4    . DC A 20 ? 2.61195 3.31672 2.69647 0.89602  -0.50067 -0.06744 20 DC A N4    
407 C C5    . DC A 20 ? 2.46312 2.80193 2.53419 0.70616  -0.53862 -0.09793 20 DC A C5    
408 C C6    . DC A 20 ? 2.50114 2.66923 2.54135 0.56805  -0.50452 -0.07027 20 DC A C6    
409 P P     . DA A 21 ? 3.35353 2.89845 3.23860 -0.03797 -0.26786 0.03968  21 DA A P     
410 O OP1   . DA A 21 ? 3.30279 2.71256 3.15817 -0.20198 -0.24297 0.11716  21 DA A OP1   
411 O OP2   . DA A 21 ? 3.50536 2.98580 3.41388 0.01834  -0.30805 -0.07188 21 DA A OP2   
412 O "O5'" . DA A 21 ? 2.57163 2.30783 2.43961 0.02050  -0.18550 0.07585  21 DA A "O5'" 
413 C "C5'" . DA A 21 ? 2.49808 2.34920 2.37837 0.15263  -0.17986 0.00141  21 DA A "C5'" 
414 C "C4'" . DA A 21 ? 2.52377 2.56546 2.38615 0.21110  -0.10268 0.05646  21 DA A "C4'" 
415 O "O4'" . DA A 21 ? 2.52663 2.72271 2.41826 0.33502  -0.13251 0.05966  21 DA A "O4'" 
416 C "C3'" . DA A 21 ? 2.91181 3.03069 2.75941 0.28877  -0.05910 0.00034  21 DA A "C3'" 
417 O "O3'" . DA A 21 ? 2.89958 3.11805 2.71212 0.26273  0.03430  0.07870  21 DA A "O3'" 
418 C "C2'" . DA A 21 ? 2.67876 2.94093 2.56592 0.46740  -0.10764 -0.06804 21 DA A "C2'" 
419 C "C1'" . DA A 21 ? 2.72448 3.07905 2.62223 0.47743  -0.11113 0.01123  21 DA A "C1'" 
420 N N9    . DA A 21 ? 2.57008 3.02552 2.51237 0.61479  -0.18237 -0.04000 21 DA A N9    
421 C C8    . DA A 21 ? 2.20785 2.58585 2.19167 0.65520  -0.27599 -0.12191 21 DA A C8    
422 N N7    . DA A 21 ? 2.42068 2.92983 2.44292 0.78508  -0.32748 -0.15307 21 DA A N7    
423 C C5    . DA A 21 ? 2.74631 3.42927 2.74824 0.83262  -0.26107 -0.08614 21 DA A C5    
424 C C6    . DA A 21 ? 2.85314 3.73170 2.87613 0.96205  -0.26991 -0.07889 21 DA A C6    
425 N N6    . DA A 21 ? 2.63196 3.56793 2.70355 1.07089  -0.35768 -0.14430 21 DA A N6    
426 N N1    . DA A 21 ? 2.78544 3.79989 2.78034 0.97474  -0.18455 -0.00209 21 DA A N1    
427 C C2    . DA A 21 ? 2.53026 3.48830 2.48192 0.86506  -0.09844 0.06211  21 DA A C2    
428 N N3    . DA A 21 ? 2.67693 3.46000 2.60548 0.73847  -0.08513 0.06128  21 DA A N3    
429 C C4    . DA A 21 ? 2.82226 3.47261 2.77654 0.72892  -0.16969 -0.01525 21 DA A C4    
430 P P     . DC B 1  ? 2.22978 1.74807 1.78656 0.03204  -0.86039 -0.02498 1  DC B P     
431 O OP1   . DC B 1  ? 1.86974 1.36492 1.47453 -0.10461 -0.82797 -0.06687 1  DC B OP1   
432 O OP2   . DC B 1  ? 1.91893 1.50765 1.47381 0.12719  -0.81839 0.02520  1  DC B OP2   
433 O "O5'" . DC B 1  ? 2.66462 2.14575 2.10319 0.08020  -0.94093 -0.05140 1  DC B "O5'" 
434 C "C5'" . DC B 1  ? 3.07359 2.54617 2.50796 0.13992  -0.94777 -0.04324 1  DC B "C5'" 
435 C "C4'" . DC B 1  ? 3.30509 2.84306 2.71978 0.25758  -0.92653 0.00103  1  DC B "C4'" 
436 O "O4'" . DC B 1  ? 2.51608 2.07984 1.98604 0.30425  -0.92256 0.05363  1  DC B "O4'" 
437 C "C3'" . DC B 1  ? 3.02805 2.61658 2.39899 0.28996  -0.89881 0.00703  1  DC B "C3'" 
438 O "O3'" . DC B 1  ? 3.36164 2.97102 2.70070 0.33316  -0.88329 0.00243  1  DC B "O3'" 
439 C "C2'" . DC B 1  ? 2.52015 2.16525 1.91763 0.35680  -0.87702 0.06193  1  DC B "C2'" 
440 C "C1'" . DC B 1  ? 2.22543 1.86005 1.67989 0.39146  -0.87945 0.09246  1  DC B "C1'" 
441 N N1    . DC B 1  ? 2.17497 1.84757 1.72558 0.41288  -0.80779 0.14343  1  DC B N1    
442 C C2    . DC B 1  ? 2.24896 1.98507 1.79848 0.51752  -0.77126 0.19649  1  DC B C2    
443 O O2    . DC B 1  ? 2.50753 2.28219 1.99718 0.56134  -0.77706 0.19520  1  DC B O2    
444 N N3    . DC B 1  ? 2.50070 2.28389 2.16806 0.51285  -0.65612 0.23631  1  DC B N3    
445 C C4    . DC B 1  ? 3.10223 2.87099 2.88422 0.41067  -0.57990 0.22461  1  DC B C4    
446 N N4    . DC B 1  ? 3.58500 3.39816 3.48014 0.40966  -0.46464 0.26474  1  DC B N4    
447 C C5    . DC B 1  ? 3.10429 2.81058 2.89032 0.30477  -0.61705 0.17110  1  DC B C5    
448 C C6    . DC B 1  ? 2.50674 2.16702 2.17602 0.31032  -0.73055 0.13256  1  DC B C6    
449 P P     . DC B 2  ? 2.61343 2.22374 1.91118 0.31095  -0.87262 -0.02363 2  DC B P     
450 O OP1   . DC B 2  ? 2.33829 1.99414 1.61818 0.37522  -0.85416 -0.00458 2  DC B OP1   
451 O OP2   . DC B 2  ? 2.90155 2.44781 2.19731 0.24298  -0.88532 -0.06340 2  DC B OP2   
452 O "O5'" . DC B 2  ? 2.77298 2.41080 2.06847 0.28938  -0.86401 -0.01622 2  DC B "O5'" 
453 C "C5'" . DC B 2  ? 3.15664 2.82283 2.42466 0.28766  -0.84757 -0.02203 2  DC B "C5'" 
454 C "C4'" . DC B 2  ? 3.09922 2.83298 2.36152 0.35544  -0.82574 0.01611  2  DC B "C4'" 
455 O "O4'" . DC B 2  ? 2.75768 2.51418 2.04916 0.39271  -0.82094 0.05150  2  DC B "O4'" 
456 C "C3'" . DC B 2  ? 3.23989 3.00904 2.48566 0.34143  -0.81280 0.01701  2  DC B "C3'" 
457 O "O3'" . DC B 2  ? 2.82936 2.64768 2.06718 0.39845  -0.79269 0.04452  2  DC B "O3'" 
458 C "C2'" . DC B 2  ? 3.68740 3.46334 2.95046 0.32458  -0.81723 0.02841  2  DC B "C2'" 
459 C "C1'" . DC B 2  ? 3.14912 2.93736 2.44009 0.38880  -0.81119 0.06593  2  DC B "C1'" 
460 N N1    . DC B 2  ? 2.97534 2.73916 2.29884 0.37140  -0.82580 0.07770  2  DC B N1    
461 C C2    . DC B 2  ? 2.73322 2.53519 2.09018 0.44121  -0.79967 0.13047  2  DC B C2    
462 O O2    . DC B 2  ? 2.79105 2.65135 2.14893 0.50986  -0.76120 0.16234  2  DC B O2    
463 N N3    . DC B 2  ? 2.45877 2.25198 1.91029 0.39005  -0.74793 0.14083  2  DC B N3    
464 C C4    . DC B 2  ? 2.50442 2.24892 1.99828 0.27623  -0.74603 0.09942  2  DC B C4    
465 N N4    . DC B 2  ? 2.34840 2.10307 1.97524 0.20276  -0.64648 0.10669  2  DC B N4    
466 C C5    . DC B 2  ? 2.37231 2.05316 1.77361 0.23232  -0.84513 0.04849  2  DC B C5    
467 C C6    . DC B 2  ? 2.62316 2.32283 1.95529 0.28287  -0.85939 0.04001  2  DC B C6    
468 P P     . DA B 3  ? 3.51446 3.33685 2.71821 0.39716  -0.78991 0.02965  3  DA B P     
469 O OP1   . DA B 3  ? 4.44020 4.18827 3.59783 0.44377  -0.81626 0.00010  3  DA B OP1   
470 O OP2   . DA B 3  ? 3.49094 3.30871 2.69228 0.33052  -0.79206 0.00685  3  DA B OP2   
471 O "O5'" . DA B 3  ? 3.34523 3.23428 2.55689 0.44085  -0.76489 0.06820  3  DA B "O5'" 
472 C "C5'" . DA B 3  ? 3.21412 3.12793 2.44644 0.49852  -0.74959 0.10140  3  DA B "C5'" 
473 C "C4'" . DA B 3  ? 3.58742 3.54801 2.83011 0.53484  -0.72637 0.13314  3  DA B "C4'" 
474 O "O4'" . DA B 3  ? 3.52007 3.48378 2.78185 0.52912  -0.72459 0.14469  3  DA B "O4'" 
475 C "C3'" . DA B 3  ? 3.61859 3.60442 2.83975 0.51950  -0.72053 0.12765  3  DA B "C3'" 
476 O "O3'" . DA B 3  ? 4.13829 4.16354 3.36632 0.57252  -0.69469 0.15605  3  DA B "O3'" 
477 C "C2'" . DA B 3  ? 3.69021 3.67418 2.90826 0.46839  -0.73018 0.11389  3  DA B "C2'" 
478 C "C1'" . DA B 3  ? 4.08467 4.06421 3.32963 0.49270  -0.72643 0.13412  3  DA B "C1'" 
479 N N9    . DA B 3  ? 2.44978 2.39194 1.69513 0.43318  -0.75099 0.10837  3  DA B N9    
480 C C8    . DA B 3  ? 2.43758 2.34142 1.66839 0.36522  -0.77240 0.06692  3  DA B C8    
481 N N7    . DA B 3  ? 2.42553 2.29008 1.66513 0.30825  -0.79251 0.04444  3  DA B N7    
482 C C5    . DA B 3  ? 2.43261 2.30765 1.69168 0.34470  -0.78965 0.07622  3  DA B C5    
483 C C6    . DA B 3  ? 2.42595 2.26406 1.71603 0.30116  -0.80334 0.07513  3  DA B C6    
484 N N6    . DA B 3  ? 2.40197 2.18966 1.72275 0.18776  -0.80977 0.03203  3  DA B N6    
485 N N1    . DA B 3  ? 2.40009 2.29125 1.79011 0.32819  -0.70424 0.11842  3  DA B N1    
486 C C2    . DA B 3  ? 2.42521 2.36635 1.78292 0.44157  -0.69806 0.16147  3  DA B C2    
487 N N3    . DA B 3  ? 2.45038 2.41166 1.74300 0.49657  -0.72767 0.16354  3  DA B N3    
488 C C4    . DA B 3  ? 2.44501 2.37467 1.71000 0.43028  -0.75641 0.11895  3  DA B C4    
489 P P     . DT B 4  ? 3.21717 3.28135 2.43107 0.56939  -0.68086 0.16033  4  DT B P     
490 O OP1   . DT B 4  ? 3.03979 3.13311 2.25707 0.63046  -0.65408 0.18130  4  DT B OP1   
491 O OP2   . DT B 4  ? 2.75134 2.80552 1.94188 0.51038  -0.69947 0.13240  4  DT B OP2   
492 O "O5'" . DT B 4  ? 3.59160 3.67516 2.82004 0.56942  -0.67003 0.17466  4  DT B "O5'" 
493 C "C5'" . DT B 4  ? 2.85619 2.96414 2.11505 0.63243  -0.63710 0.21028  4  DT B "C5'" 
494 C "C4'" . DT B 4  ? 3.27872 3.42486 2.54530 0.63698  -0.61434 0.22698  4  DT B "C4'" 
495 O "O4'" . DT B 4  ? 3.67414 3.78145 2.94049 0.58455  -0.64627 0.20848  4  DT B "O4'" 
496 C "C3'" . DT B 4  ? 3.09034 3.28047 2.32503 0.61453  -0.60765 0.21510  4  DT B "C3'" 
497 O "O3'" . DT B 4  ? 3.14834 3.41573 2.40061 0.67712  -0.54755 0.25407  4  DT B "O3'" 
498 C "C2'" . DT B 4  ? 2.67040 2.84303 1.88437 0.53686  -0.64053 0.18384  4  DT B "C2'" 
499 C "C1'" . DT B 4  ? 2.75866 2.89493 2.00113 0.54576  -0.64775 0.19522  4  DT B "C1'" 
500 N N1    . DT B 4  ? 2.66075 2.73244 1.91044 0.43674  -0.68197 0.14698  4  DT B N1    
501 C C2    . DT B 4  ? 2.86284 2.92715 2.23646 0.33541  -0.59782 0.13830  4  DT B C2    
502 O O2    . DT B 4  ? 3.03773 3.14317 2.51511 0.33226  -0.49620 0.16903  4  DT B O2    
503 N N3    . DT B 4  ? 2.78682 2.79113 2.15802 0.23746  -0.63615 0.09204  4  DT B N3    
504 C C4    . DT B 4  ? 2.56704 2.51767 1.82573 0.23064  -0.74644 0.05476  4  DT B C4    
505 O O4    . DT B 4  ? 2.48993 2.38724 1.75553 0.13830  -0.77186 0.01443  4  DT B O4    
506 C C5    . DT B 4  ? 2.44182 2.42431 1.64891 0.30542  -0.76016 0.06868  4  DT B C5    
507 C C7    . DT B 4  ? 2.15690 2.12329 1.35697 0.26380  -0.76514 0.03899  4  DT B C7    
508 C C6    . DT B 4  ? 2.35937 2.39371 1.56937 0.39218  -0.72904 0.11105  4  DT B C6    
509 P P     . DA B 5  ? 3.35348 3.69870 2.57879 0.66151  -0.52410 0.25075  5  DA B P     
510 O OP1   . DA B 5  ? 3.21850 3.63129 2.46472 0.73597  -0.46166 0.28919  5  DA B OP1   
511 O OP2   . DA B 5  ? 3.54304 3.84582 2.72743 0.58863  -0.57620 0.20177  5  DA B OP2   
512 O "O5'" . DA B 5  ? 3.18361 3.54131 2.51640 0.55373  -0.44094 0.24100  5  DA B "O5'" 
513 C "C5'" . DA B 5  ? 3.22084 3.57783 2.66662 0.54919  -0.35256 0.27144  5  DA B "C5'" 
514 C "C4'" . DA B 5  ? 2.62266 2.98857 2.19007 0.41727  -0.25419 0.25059  5  DA B "C4'" 
515 O "O4'" . DA B 5  ? 2.62338 2.92287 2.18510 0.32683  -0.30541 0.20607  5  DA B "O4'" 
516 C "C3'" . DA B 5  ? 2.41587 2.85093 2.00223 0.36074  -0.19789 0.23540  5  DA B "C3'" 
517 O "O3'" . DA B 5  ? 2.65977 3.12453 2.38134 0.28235  -0.06994 0.24195  5  DA B "O3'" 
518 C "C2'" . DA B 5  ? 2.70004 3.10321 2.22453 0.28136  -0.27409 0.18214  5  DA B "C2'" 
519 C "C1'" . DA B 5  ? 2.47141 2.79078 2.02216 0.23492  -0.30605 0.16524  5  DA B "C1'" 
520 N N9    . DA B 5  ? 2.57342 2.83437 2.01718 0.22517  -0.42586 0.12814  5  DA B N9    
521 C C8    . DA B 5  ? 2.46817 2.71790 1.77948 0.31617  -0.53021 0.12927  5  DA B C8    
522 N N7    . DA B 5  ? 2.50017 2.68909 1.73543 0.28220  -0.62250 0.09106  5  DA B N7    
523 C C5    . DA B 5  ? 2.50521 2.66503 1.82940 0.15978  -0.57694 0.06260  5  DA B C5    
524 C C6    . DA B 5  ? 2.65725 2.75206 1.96263 0.07049  -0.62939 0.01693  5  DA B C6    
525 N N6    . DA B 5  ? 2.76505 2.80872 1.94918 0.09353  -0.74298 -0.00836 5  DA B N6    
526 N N1    . DA B 5  ? 2.89047 2.97323 2.30632 -0.04420 -0.55882 -0.00207 5  DA B N1    
527 C C2    . DA B 5  ? 2.98124 3.11223 2.51758 -0.06666 -0.44252 0.02335  5  DA B C2    
528 N N3    . DA B 5  ? 2.31927 2.51096 1.88476 0.01011  -0.38176 0.06692  5  DA B N3    
529 C C4    . DA B 5  ? 2.36073 2.56454 1.81469 0.12295  -0.45567 0.08475  5  DA B C4    
530 P P     . DC B 6  ? 2.70498 3.25758 2.47126 0.24130  0.02094  0.24036  6  DC B P     
531 O OP1   . DC B 6  ? 2.77943 3.36515 2.65101 0.26165  0.14018  0.28177  6  DC B OP1   
532 O OP2   . DC B 6  ? 2.38491 2.97531 2.03135 0.30920  -0.05557 0.23628  6  DC B OP2   
533 O "O5'" . DC B 6  ? 2.53346 3.07778 2.35707 0.08809  0.05045  0.18932  6  DC B "O5'" 
534 C "C5'" . DC B 6  ? 2.06911 2.57446 2.00499 0.00084  0.11798  0.18203  6  DC B "C5'" 
535 C "C4'" . DC B 6  ? 2.21885 2.68422 2.15396 -0.11821 0.07926  0.12811  6  DC B "C4'" 
536 O "O4'" . DC B 6  ? 2.04321 2.45797 1.85332 -0.07712 -0.05650 0.10893  6  DC B "O4'" 
537 C "C3'" . DC B 6  ? 2.14092 2.66580 2.09952 -0.21902 0.12375  0.09271  6  DC B "C3'" 
538 O "O3'" . DC B 6  ? 1.76595 2.27833 1.84204 -0.34260 0.20776  0.07110  6  DC B "O3'" 
539 C "C2'" . DC B 6  ? 1.76840 2.26892 1.60586 -0.22686 0.00027  0.05526  6  DC B "C2'" 
540 C "C1'" . DC B 6  ? 1.98737 2.39760 1.77803 -0.17936 -0.08597 0.05965  6  DC B "C1'" 
541 N N1    . DC B 6  ? 1.87957 2.25345 1.52798 -0.12744 -0.22114 0.04188  6  DC B N1    
542 C C2    . DC B 6  ? 2.03194 2.34892 1.64589 -0.20736 -0.28712 -0.00308 6  DC B C2    
543 O O2    . DC B 6  ? 2.81810 3.12040 2.52087 -0.32090 -0.23237 -0.02788 6  DC B O2    
544 N N3    . DC B 6  ? 2.04240 2.32133 1.52545 -0.15875 -0.40785 -0.01860 6  DC B N3    
545 C C4    . DC B 6  ? 2.21027 2.50714 1.60079 -0.03574 -0.46217 0.00883  6  DC B C4    
546 N N4    . DC B 6  ? 2.15770 2.41329 1.41990 0.00847  -0.57888 -0.00800 6  DC B N4    
547 C C5    . DC B 6  ? 2.56971 2.92627 1.99462 0.04711  -0.39774 0.05462  6  DC B C5    
548 C C6    . DC B 6  ? 2.15678 2.54895 1.70997 -0.00194 -0.27868 0.06986  6  DC B C6    
549 P P     . DA B 7  ? 2.01270 2.60367 2.18374 -0.43880 0.32918  0.05728  7  DA B P     
550 O OP1   . DA B 7  ? 2.10529 2.68596 2.40971 -0.47453 0.44609  0.07866  7  DA B OP1   
551 O OP2   . DA B 7  ? 1.67505 2.34537 1.78418 -0.37372 0.32627  0.07004  7  DA B OP2   
552 O "O5'" . DA B 7  ? 2.15706 2.73324 2.32440 -0.56856 0.29688  -0.00081 7  DA B "O5'" 
553 C "C5'" . DA B 7  ? 2.23586 2.72673 2.36246 -0.59255 0.20737  -0.02427 7  DA B "C5'" 
554 C "C4'" . DA B 7  ? 1.76081 2.25389 1.82049 -0.66602 0.13742  -0.07328 7  DA B "C4'" 
555 O "O4'" . DA B 7  ? 1.73233 2.18330 1.65244 -0.58113 0.00244  -0.07469 7  DA B "O4'" 
556 C "C3'" . DA B 7  ? 1.86869 2.45747 1.92410 -0.70328 0.17843  -0.08801 7  DA B "C3'" 
557 O "O3'" . DA B 7  ? 1.43317 2.02056 1.49384 -0.82241 0.16401  -0.13699 7  DA B "O3'" 
558 C "C2'" . DA B 7  ? 2.08514 2.68947 2.00338 -0.58607 0.07899  -0.07347 7  DA B "C2'" 
559 C "C1'" . DA B 7  ? 1.90299 2.41269 1.74718 -0.58041 -0.03381 -0.09205 7  DA B "C1'" 
560 N N9    . DA B 7  ? 1.76974 2.25819 1.47699 -0.46510 -0.14807 -0.07935 7  DA B N9    
561 C C8    . DA B 7  ? 2.05140 2.57442 1.70543 -0.34076 -0.16130 -0.04047 7  DA B C8    
562 N N7    . DA B 7  ? 2.57588 3.06609 2.10193 -0.25863 -0.27602 -0.04007 7  DA B N7    
563 C C5    . DA B 7  ? 2.30975 2.73882 1.80275 -0.33478 -0.34093 -0.08129 7  DA B C5    
564 C C6    . DA B 7  ? 2.66922 3.03753 2.04052 -0.30660 -0.46431 -0.10185 7  DA B C6    
565 N N6    . DA B 7  ? 2.94576 3.30603 2.20252 -0.18893 -0.54715 -0.08302 7  DA B N6    
566 N N1    . DA B 7  ? 2.63833 2.95269 2.00984 -0.40556 -0.49786 -0.14328 7  DA B N1    
567 C C2    . DA B 7  ? 2.68624 3.00981 2.17379 -0.52456 -0.41355 -0.16272 7  DA B C2    
568 N N3    . DA B 7  ? 2.14005 2.51861 1.74887 -0.56329 -0.29440 -0.14720 7  DA B N3    
569 C C4    . DA B 7  ? 2.05310 2.48189 1.65688 -0.46211 -0.26369 -0.10569 7  DA B C4    
570 P P     . DG C 1  ? 1.87272 3.22986 2.32972 0.23617  -0.19356 0.18258  8  DG C P     
571 O OP1   . DG C 1  ? 1.12914 2.52971 1.54386 0.41872  -0.36472 0.08637  8  DG C OP1   
572 O OP2   . DG C 1  ? 1.28512 2.76600 1.70129 0.16767  -0.06863 0.29636  8  DG C OP2   
573 O "O5'" . DG C 1  ? 1.49785 2.66761 2.25399 0.09597  -0.17232 0.11431  8  DG C "O5'" 
574 C "C5'" . DG C 1  ? 1.67426 2.68145 2.46590 0.04156  -0.16920 0.07498  8  DG C "C5'" 
575 C "C4'" . DG C 1  ? 1.63395 2.49417 2.69245 0.02760  -0.25704 -0.05291 8  DG C "C4'" 
576 O "O4'" . DG C 1  ? 1.48230 2.40431 2.53366 0.19890  -0.42970 -0.14859 8  DG C "O4'" 
577 C "C3'" . DG C 1  ? 1.77603 2.46090 2.87162 -0.01301 -0.26616 -0.10507 8  DG C "C3'" 
578 O "O3'" . DG C 1  ? 1.86635 2.42502 3.07788 -0.19872 -0.11439 -0.05238 8  DG C "O3'" 
579 C "C2'" . DG C 1  ? 2.11625 2.72103 3.42110 0.05725  -0.41433 -0.24895 8  DG C "C2'" 
580 C "C1'" . DG C 1  ? 1.74626 2.51979 2.94981 0.22185  -0.53321 -0.27050 8  DG C "C1'" 
581 N N9    . DG C 1  ? 1.94694 2.76211 2.95277 0.39637  -0.66925 -0.32154 8  DG C N9    
582 C C8    . DG C 1  ? 2.43276 3.40925 3.17974 0.53507  -0.71175 -0.27670 8  DG C C8    
583 N N7    . DG C 1  ? 2.25394 3.22626 2.86509 0.67685  -0.83446 -0.33891 8  DG C N7    
584 C C5    . DG C 1  ? 2.39784 3.19811 3.19095 0.62994  -0.88034 -0.43267 8  DG C C5    
585 C C6    . DG C 1  ? 2.50523 3.22390 3.26495 0.73059  -1.00693 -0.52915 8  DG C C6    
586 O O6    . DG C 1  ? 2.81001 3.55470 3.33734 0.85518  -1.06477 -0.53894 8  DG C O6    
587 N N1    . DG C 1  ? 2.39545 2.93622 3.39528 0.63387  -1.00824 -0.60467 8  DG C N1    
588 C C2    . DG C 1  ? 2.17302 2.62181 3.41352 0.46248  -0.89773 -0.58840 8  DG C C2    
589 N N2    . DG C 1  ? 2.74493 3.01672 4.19897 0.39205  -0.91120 -0.66993 8  DG C N2    
590 N N3    . DG C 1  ? 1.62853 2.15032 2.89877 0.36620  -0.77766 -0.49737 8  DG C N3    
591 C C4    . DG C 1  ? 1.90123 2.60124 2.94063 0.45808  -0.77832 -0.42362 8  DG C C4    
592 P P     . DG C 2  ? 2.10979 2.62703 3.11773 -0.27674 0.00790  0.04872  9  DG C P     
593 O OP1   . DG C 2  ? 2.01768 2.47725 3.12774 -0.45670 0.17478  0.13032  9  DG C OP1   
594 O OP2   . DG C 2  ? 2.10842 2.79140 2.82672 -0.14770 -0.03232 0.10368  9  DG C OP2   
595 O "O5'" . DG C 2  ? 1.72175 2.04886 2.77988 -0.28275 -0.03913 -0.03395 9  DG C "O5'" 
596 C "C5'" . DG C 2  ? 2.02765 2.17076 3.36071 -0.39002 -0.01406 -0.10300 9  DG C "C5'" 
597 C "C4'" . DG C 2  ? 2.43303 2.47336 3.84277 -0.30126 -0.15159 -0.23001 9  DG C "C4'" 
598 O "O4'" . DG C 2  ? 2.48891 2.66714 3.85392 -0.12842 -0.31234 -0.29516 9  DG C "O4'" 
599 C "C3'" . DG C 2  ? 2.24048 2.20457 3.45863 -0.27307 -0.15750 -0.22296 9  DG C "C3'" 
600 O "O3'" . DG C 2  ? 2.61223 2.36994 3.94369 -0.41921 -0.05093 -0.21985 9  DG C "O3'" 
601 C "C2'" . DG C 2  ? 2.43575 2.40224 3.67284 -0.11627 -0.33968 -0.34574 9  DG C "C2'" 
602 C "C1'" . DG C 2  ? 2.32716 2.46307 3.59383 -0.01346 -0.43017 -0.36820 9  DG C "C1'" 
603 N N9    . DG C 2  ? 2.52049 2.83165 3.51188 0.13752  -0.50083 -0.33219 9  DG C N9    
604 C C8    . DG C 2  ? 2.31097 2.79168 3.13441 0.15443  -0.44131 -0.22871 9  DG C C8    
605 N N7    . DG C 2  ? 2.22588 2.83415 2.82022 0.30687  -0.52483 -0.22112 9  DG C N7    
606 C C5    . DG C 2  ? 2.43236 2.95032 3.03919 0.39673  -0.65042 -0.32650 9  DG C C5    
607 C C6    . DG C 2  ? 2.31633 2.89720 2.72966 0.56918  -0.77736 -0.36813 9  DG C C6    
608 O O6    . DG C 2  ? 2.25040 2.98267 2.43650 0.68154  -0.80192 -0.31796 9  DG C O6    
609 N N1    . DG C 2  ? 2.51169 2.95586 3.02012 0.60789  -0.87912 -0.48024 9  DG C N1    
610 C C2    . DG C 2  ? 2.60976 2.87848 3.37361 0.49461  -0.85808 -0.54409 9  DG C C2    
611 N N2    . DG C 2  ? 3.18423 3.34007 4.00856 0.55475  -0.96621 -0.65072 9  DG C N2    
612 N N3    . DG C 2  ? 2.16174 2.36661 3.11012 0.33337  -0.73542 -0.50534 9  DG C N3    
613 C C4    . DG C 2  ? 2.44467 2.78134 3.29792 0.29359  -0.63819 -0.39634 9  DG C C4    
614 P P     . DC C 3  ? 2.77408 2.44204 3.88443 -0.46484 0.03019  -0.15122 10 DC C P     
615 O OP1   . DC C 3  ? 3.41945 2.86672 4.66811 -0.51408 0.02513  -0.23089 10 DC C OP1   
616 O OP2   . DC C 3  ? 3.21097 2.91279 4.22717 -0.58267 0.18723  -0.02155 10 DC C OP2   
617 O "O5'" . DC C 3  ? 2.58147 2.40418 3.42052 -0.28974 -0.08678 -0.14835 10 DC C "O5'" 
618 C "C5'" . DC C 3  ? 2.96215 2.70202 3.65459 -0.24380 -0.12382 -0.16825 10 DC C "C5'" 
619 C "C4'" . DC C 3  ? 2.92029 2.57383 3.75044 -0.15750 -0.26337 -0.30602 10 DC C "C4'" 
620 O "O4'" . DC C 3  ? 2.72444 2.52352 3.60889 -0.02923 -0.39339 -0.36741 10 DC C "O4'" 
621 C "C3'" . DC C 3  ? 3.05179 2.65683 3.70462 -0.06893 -0.33479 -0.33652 10 DC C "C3'" 
622 O "O3'" . DC C 3  ? 3.53237 2.91141 4.30601 -0.16479 -0.28811 -0.37909 10 DC C "O3'" 
623 C "C2'" . DC C 3  ? 2.92288 2.62002 3.58656 0.10647  -0.51713 -0.43979 10 DC C "C2'" 
624 C "C1'" . DC C 3  ? 2.80859 2.66301 3.54495 0.13458  -0.53515 -0.42586 10 DC C "C1'" 
625 N N1    . DC C 3  ? 2.65955 2.72561 3.14165 0.23963  -0.55306 -0.34841 10 DC C N1    
626 C C2    . DC C 3  ? 2.94830 3.10503 3.25735 0.41502  -0.68745 -0.39109 10 DC C C2    
627 O O2    . DC C 3  ? 3.01940 3.08335 3.38168 0.48213  -0.79452 -0.49265 10 DC C O2    
628 N N3    . DC C 3  ? 2.88780 3.22905 2.97502 0.50661  -0.69238 -0.31852 10 DC C N3    
629 C C4    . DC C 3  ? 2.65596 3.09426 2.69767 0.43046  -0.57489 -0.21048 10 DC C C4    
630 N N4    . DC C 3  ? 2.67303 3.29129 2.50201 0.52666  -0.58111 -0.14273 10 DC C N4    
631 C C5    . DC C 3  ? 2.33903 2.69063 2.55251 0.25288  -0.44265 -0.16693 10 DC C C5    
632 C C6    . DC C 3  ? 2.49729 2.66321 2.92386 0.16411  -0.43556 -0.23757 10 DC C C6    
633 P P     . DT C 4  ? 3.69554 2.96224 4.26597 -0.18716 -0.24013 -0.33820 11 DT C P     
634 O OP1   . DT C 4  ? 3.76547 2.92613 4.39101 -0.10754 -0.35509 -0.45208 11 DT C OP1   
635 O OP2   . DT C 4  ? 4.20923 3.33824 4.81047 -0.36371 -0.06804 -0.25837 11 DT C OP2   
636 O "O5'" . DT C 4  ? 3.38394 2.85008 3.64830 -0.08408 -0.26418 -0.25373 11 DT C "O5'" 
637 C "C5'" . DT C 4  ? 3.70016 3.13381 3.73853 -0.04628 -0.26777 -0.22285 11 DT C "C5'" 
638 C "C4'" . DT C 4  ? 3.69394 3.15304 3.68107 0.11424  -0.42851 -0.31972 11 DT C "C4'" 
639 O "O4'" . DT C 4  ? 3.02540 2.63176 3.08952 0.22424  -0.53777 -0.37534 11 DT C "O4'" 
640 C "C3'" . DT C 4  ? 3.60074 3.14572 3.30013 0.21370  -0.46418 -0.27297 11 DT C "C3'" 
641 O "O3'" . DT C 4  ? 3.97423 3.33988 3.61266 0.16571  -0.43290 -0.27969 11 DT C "O3'" 
642 C "C2'" . DT C 4  ? 3.39791 3.06813 3.06380 0.39576  -0.62902 -0.35469 11 DT C "C2'" 
643 C "C1'" . DT C 4  ? 3.38370 3.12383 3.24777 0.39192  -0.65259 -0.38999 11 DT C "C1'" 
644 N N1    . DT C 4  ? 3.35271 3.30730 3.10099 0.44728  -0.64246 -0.31545 11 DT C N1    
645 C C2    . DT C 4  ? 3.65441 3.75872 3.25342 0.61901  -0.75913 -0.33862 11 DT C C2    
646 O O2    . DT C 4  ? 4.35564 4.42932 3.90524 0.73022  -0.87378 -0.41663 11 DT C O2    
647 N N3    . DT C 4  ? 3.12898 3.41706 2.63346 0.65744  -0.73329 -0.26565 11 DT C N3    
648 C C4    . DT C 4  ? 3.23306 3.57396 2.78153 0.54276  -0.60838 -0.17502 11 DT C C4    
649 O O4    . DT C 4  ? 3.46064 3.97020 2.91788 0.59017  -0.59309 -0.11416 11 DT C O4    
650 C C5    . DT C 4  ? 2.77771 2.95589 2.48409 0.36444  -0.49368 -0.15648 11 DT C C5    
651 C C7    . DT C 4  ? 2.27466 2.48758 2.03745 0.22880  -0.35269 -0.06077 11 DT C C7    
652 C C6    . DT C 4  ? 2.84565 2.83820 2.64205 0.32642  -0.51455 -0.22657 11 DT C C6    
653 P P     . DG C 5  ? 4.28046 3.55288 3.91014 0.26986  -0.55897 -0.38820 12 DG C P     
654 O OP1   . DG C 5  ? 4.92561 4.17457 4.78281 0.32087  -0.66294 -0.50837 12 DG C OP1   
655 O OP2   . DG C 5  ? 4.79206 3.86422 4.38230 0.17009  -0.47623 -0.36777 12 DG C OP2   
656 O "O5'" . DG C 5  ? 3.94813 3.39602 3.31173 0.42787  -0.64475 -0.35978 12 DG C "O5'" 
657 C "C5'" . DG C 5  ? 4.16013 3.67418 3.50748 0.58923  -0.80017 -0.45258 12 DG C "C5'" 
658 C "C4'" . DG C 5  ? 4.29051 4.01932 3.41279 0.72053  -0.84742 -0.39846 12 DG C "C4'" 
659 O "O4'" . DG C 5  ? 3.54641 3.42019 2.70349 0.69846  -0.79959 -0.33991 12 DG C "O4'" 
660 C "C3'" . DG C 5  ? 4.18480 3.93951 3.06605 0.71377  -0.78434 -0.30273 12 DG C "C3'" 
661 O "O3'" . DG C 5  ? 4.84318 4.68362 3.56942 0.86403  -0.87837 -0.32752 12 DG C "O3'" 
662 C "C2'" . DG C 5  ? 3.75343 3.65269 2.57179 0.65980  -0.68303 -0.18759 12 DG C "C2'" 
663 C "C1'" . DG C 5  ? 3.41117 3.42895 2.34772 0.72667  -0.74808 -0.23293 12 DG C "C1'" 
664 N N9    . DG C 5  ? 3.38356 3.49624 2.36537 0.64223  -0.64727 -0.14966 12 DG C N9    
665 C C8    . DG C 5  ? 3.29843 3.31661 2.40166 0.47233  -0.51940 -0.09981 12 DG C C8    
666 N N7    . DG C 5  ? 3.41845 3.56160 2.53042 0.43358  -0.45108 -0.02708 12 DG C N7    
667 C C5    . DG C 5  ? 3.68814 4.01923 2.67413 0.58814  -0.53651 -0.02745 12 DG C C5    
668 C C6    . DG C 5  ? 3.45714 3.96021 2.42744 0.60649  -0.49592 0.03383  12 DG C C6    
669 O O6    . DG C 5  ? 3.47145 4.03714 2.46619 0.52781  -0.41231 0.10547  12 DG C O6    
670 N N1    . DG C 5  ? 3.13262 3.68641 2.13020 0.67852  -0.51057 0.00344  12 DG C N1    
671 C C2    . DG C 5  ? 3.80383 4.30430 2.77903 0.75823  -0.57688 -0.06446 12 DG C C2    
672 N N2    . DG C 5  ? 4.29508 4.85216 3.27752 0.81979  -0.56780 -0.07993 12 DG C N2    
673 N N3    . DG C 5  ? 3.63197 4.01770 2.57304 0.77732  -0.64576 -0.11745 12 DG C N3    
674 C C4    . DG C 5  ? 3.64806 3.95681 2.56240 0.71045  -0.64837 -0.10103 12 DG C C4    
675 P P     . DC C 6  ? 4.70626 4.59635 3.32079 0.82592  -0.76106 -0.22853 13 DC C P     
676 O OP1   . DC C 6  ? 5.40983 5.28350 4.02365 0.91296  -0.81083 -0.28710 13 DC C OP1   
677 O OP2   . DC C 6  ? 4.33229 4.09257 2.83018 0.72346  -0.70567 -0.17204 13 DC C OP2   
678 O "O5'" . DC C 6  ? 3.88058 3.96852 2.54346 0.79578  -0.65681 -0.13924 13 DC C "O5'" 
679 C "C5'" . DC C 6  ? 3.91332 4.09971 2.65514 0.87070  -0.68516 -0.17789 13 DC C "C5'" 
680 C "C4'" . DC C 6  ? 4.18519 4.50617 2.95150 0.82724  -0.58548 -0.09503 13 DC C "C4'" 
681 O "O4'" . DC C 6  ? 4.30445 4.66450 3.10500 0.75828  -0.54552 -0.04823 13 DC C "O4'" 
682 C "C3'" . DC C 6  ? 3.84195 4.17899 2.57297 0.75902  -0.50333 -0.02069 13 DC C "C3'" 
683 O "O3'" . DC C 6  ? 4.39928 4.80989 3.14186 0.82795  -0.48793 -0.03122 13 DC C "O3'" 
684 C "C2'" . DC C 6  ? 3.75171 4.12015 2.50501 0.64477  -0.42052 0.06113  13 DC C "C2'" 
685 C "C1'" . DC C 6  ? 3.95547 4.37740 2.76243 0.67679  -0.44382 0.03823  13 DC C "C1'" 
686 N N1    . DC C 6  ? 4.30448 4.72700 3.12343 0.58060  -0.38902 0.09550  13 DC C N1    
687 C C2    . DC C 6  ? 4.22945 4.73683 3.11337 0.55141  -0.33317 0.13268  13 DC C C2    
688 O O2    . DC C 6  ? 3.10783 3.68369 2.02868 0.60833  -0.33156 0.11690  13 DC C O2    
689 N N3    . DC C 6  ? 4.10693 4.60908 3.00596 0.46325  -0.27630 0.18284  13 DC C N3    
690 C C4    . DC C 6  ? 4.07771 4.49351 2.91626 0.40167  -0.26373 0.20328  13 DC C C4    
691 N N4    . DC C 6  ? 4.07862 4.48647 2.93537 0.30693  -0.18468 0.25930  13 DC C N4    
692 C C5    . DC C 6  ? 3.80320 4.12063 2.55729 0.43524  -0.32128 0.16477  13 DC C C5    
693 C C6    . DC C 6  ? 3.91629 4.24217 2.67308 0.52560  -0.38827 0.10774  13 DC C C6    
694 P P     . DT C 7  ? 4.23848 4.67480 2.93247 0.85747  -0.43996 -0.00725 14 DT C P     
695 O OP1   . DT C 7  ? 4.54910 5.02299 3.21830 0.99379  -0.46955 -0.06773 14 DT C OP1   
696 O OP2   . DT C 7  ? 4.04686 4.37662 2.70080 0.76308  -0.44242 0.02058  14 DT C OP2   
697 O "O5'" . DT C 7  ? 3.60232 4.15025 2.33631 0.83173  -0.34997 0.05520  14 DT C "O5'" 
698 C "C5'" . DT C 7  ? 3.53664 4.21031 2.30689 0.92292  -0.32253 0.04250  14 DT C "C5'" 
699 C "C4'" . DT C 7  ? 3.75419 4.53406 2.58268 0.88768  -0.23795 0.10540  14 DT C "C4'" 
700 O "O4'" . DT C 7  ? 3.81037 4.59354 2.68887 0.80804  -0.21858 0.13450  14 DT C "O4'" 
701 C "C3'" . DT C 7  ? 4.10040 4.85053 2.92170 0.81454  -0.20199 0.15363  14 DT C "C3'" 
702 O "O3'" . DT C 7  ? 4.50767 5.31062 3.30979 0.89735  -0.19328 0.14299  14 DT C "O3'" 
703 C "C2'" . DT C 7  ? 3.85689 4.69124 2.76188 0.75334  -0.13510 0.20900  14 DT C "C2'" 
704 C "C1'" . DT C 7  ? 3.48851 4.31930 2.41921 0.73604  -0.15022 0.19633  14 DT C "C1'" 
705 N N1    . DT C 7  ? 3.42607 4.14885 2.35265 0.60554  -0.14693 0.22565  14 DT C N1    
706 C C2    . DT C 7  ? 3.35449 4.13297 2.35649 0.55051  -0.09764 0.26255  14 DT C C2    
707 O O2    . DT C 7  ? 3.19741 4.12029 2.28000 0.60169  -0.06058 0.27503  14 DT C O2    
708 N N3    . DT C 7  ? 3.32587 3.98259 2.30674 0.43401  -0.09068 0.28354  14 DT C N3    
709 C C4    . DT C 7  ? 3.30567 3.79373 2.19374 0.36619  -0.12548 0.27403  14 DT C C4    
710 O O4    . DT C 7  ? 3.14676 3.51947 2.00843 0.26290  -0.10273 0.29368  14 DT C O4    
711 C C5    . DT C 7  ? 3.19563 3.65036 2.02154 0.42730  -0.18314 0.23800  14 DT C C5    
712 C C7    . DT C 7  ? 2.96963 3.26900 1.71209 0.36195  -0.22653 0.22674  14 DT C C7    
713 C C6    . DT C 7  ? 3.28992 3.85945 2.13885 0.54436  -0.19109 0.21407  14 DT C C6    
714 O OP3   . DC D 1  ? 5.58303 4.56064 3.94959 0.32548  -0.53282 1.13657  1  DC D OP3   
715 P P     . DC D 1  ? 5.87501 4.95050 4.12932 0.30714  -0.59218 1.12111  1  DC D P     
716 O OP1   . DC D 1  ? 6.71373 5.71153 4.81484 0.31586  -0.52299 1.16967  1  DC D OP1   
717 O OP2   . DC D 1  ? 4.64979 3.85216 2.90875 0.25333  -0.65587 1.01440  1  DC D OP2   
718 O "O5'" . DC D 1  ? 4.97178 4.10816 3.34211 0.34000  -0.65704 1.16377  1  DC D "O5'" 
719 C "C5'" . DC D 1  ? 5.18867 4.23283 3.56453 0.39585  -0.60820 1.26480  1  DC D "C5'" 
720 C "C4'" . DC D 1  ? 5.09163 4.19912 3.70126 0.42085  -0.65342 1.28948  1  DC D "C4'" 
721 O "O4'" . DC D 1  ? 4.77720 4.04296 3.43985 0.38867  -0.76757 1.22801  1  DC D "O4'" 
722 C "C3'" . DC D 1  ? 4.12913 3.31028 3.04164 0.41800  -0.58797 1.23121  1  DC D "C3'" 
723 O "O3'" . DC D 1  ? 4.10170 3.29984 3.24799 0.46623  -0.53882 1.27823  1  DC D "O3'" 
724 C "C2'" . DC D 1  ? 4.09713 3.44192 3.11052 0.36836  -0.68644 1.13503  1  DC D "C2'" 
725 C "C1'" . DC D 1  ? 4.59027 3.98529 3.53725 0.37327  -0.78337 1.17282  1  DC D "C1'" 
726 N N1    . DC D 1  ? 4.03600 3.57181 3.01308 0.32487  -0.89157 1.09667  1  DC D N1    
727 C C2    . DC D 1  ? 3.59498 3.25530 2.74701 0.33030  -0.95985 1.09284  1  DC D C2    
728 O O2    . DC D 1  ? 3.41814 3.06880 2.68284 0.37502  -0.93542 1.15482  1  DC D O2    
729 N N3    . DC D 1  ? 3.14742 2.93775 2.34878 0.28878  -1.02599 1.00436  1  DC D N3    
730 C C4    . DC D 1  ? 3.13478 2.93616 2.22670 0.24502  -1.02456 0.92547  1  DC D C4    
731 N N4    . DC D 1  ? 3.28312 3.20787 2.44074 0.20868  -1.06988 0.83897  1  DC D N4    
732 C C5    . DC D 1  ? 3.42374 3.10768 2.34293 0.23842  -0.96461 0.93074  1  DC D C5    
733 C C6    . DC D 1  ? 3.71690 3.26713 2.58034 0.27774  -0.90499 1.02005  1  DC D C6    
734 P P     . DT D 2  ? 4.04554 3.40597 3.55168 0.46167  -0.55708 1.21071  2  DT D P     
735 O OP1   . DT D 2  ? 4.11011 3.49564 3.71745 0.43287  -0.52496 1.12423  2  DT D OP1   
736 O OP2   . DT D 2  ? 3.83213 3.31661 3.36626 0.44747  -0.67078 1.19776  2  DT D OP2   
737 O "O5'" . DT D 2  ? 4.83401 4.15409 4.54612 0.52117  -0.46842 1.27950  2  DT D "O5'" 
738 C "C5'" . DT D 2  ? 4.25475 3.64440 4.28895 0.53142  -0.42240 1.23135  2  DT D "C5'" 
739 C "C4'" . DT D 2  ? 3.72875 3.28525 3.98744 0.52520  -0.50491 1.18583  2  DT D "C4'" 
740 O "O4'" . DT D 2  ? 3.16879 2.80327 3.27714 0.48553  -0.61809 1.15417  2  DT D "O4'" 
741 C "C3'" . DT D 2  ? 3.71998 3.36936 4.24501 0.51257  -0.50078 1.09068  2  DT D "C3'" 
742 O "O3'" . DT D 2  ? 3.88781 3.53306 4.68308 0.55785  -0.42865 1.11667  2  DT D "O3'" 
743 C "C2'" . DT D 2  ? 3.35776 3.15855 3.93601 0.48085  -0.61416 1.02607  2  DT D "C2'" 
744 C "C1'" . DT D 2  ? 3.31478 3.10090 3.62941 0.46426  -0.68194 1.07363  2  DT D "C1'" 
745 N N1    . DT D 2  ? 3.43703 3.27435 3.59395 0.40898  -0.76105 1.00228  2  DT D N1    
746 C C2    . DT D 2  ? 3.35839 3.33089 3.60002 0.38455  -0.85049 0.95028  2  DT D C2    
747 O O2    . DT D 2  ? 2.97662 3.03365 3.41538 0.40485  -0.87272 0.95742  2  DT D O2    
748 N N3    . DT D 2  ? 3.20924 3.21061 3.29587 0.33539  -0.90889 0.88989  2  DT D N3    
749 C C4    . DT D 2  ? 2.94240 2.85717 2.80422 0.30847  -0.89141 0.87562  2  DT D C4    
750 O O4    . DT D 2  ? 2.54892 2.49756 2.28866 0.26478  -0.94560 0.82042  2  DT D O4    
751 C C5    . DT D 2  ? 2.96406 2.74162 2.74641 0.33575  -0.79991 0.93106  2  DT D C5    
752 C C7    . DT D 2  ? 2.95303 2.62659 2.49527 0.31027  -0.77148 0.92089  2  DT D C7    
753 C C6    . DT D 2  ? 3.13454 2.87880 3.06768 0.38431  -0.73758 0.99112  2  DT D C6    
754 P P     . DG D 3  ? 3.77227 3.51377 4.77911 0.58855  -0.46116 1.14702  3  DG D P     
755 O OP1   . DG D 3  ? 3.98863 3.73028 4.80278 0.58935  -0.52158 1.21237  3  DG D OP1   
756 O OP2   . DG D 3  ? 4.21063 3.90107 5.44496 0.63625  -0.36055 1.18559  3  DG D OP2   
757 O "O5'" . DG D 3  ? 2.56122 2.45668 3.75554 0.56053  -0.54141 1.03885  3  DG D "O5'" 
758 C "C5'" . DG D 3  ? 3.04836 3.06179 4.31505 0.55740  -0.62379 1.03484  3  DG D "C5'" 
759 C "C4'" . DG D 3  ? 2.59471 2.72289 3.93488 0.52074  -0.69801 0.92700  3  DG D "C4'" 
760 O "O4'" . DG D 3  ? 2.56780 2.68042 3.64906 0.47382  -0.74456 0.89405  3  DG D "O4'" 
761 C "C3'" . DG D 3  ? 2.61315 2.75256 4.15946 0.52633  -0.66383 0.84463  3  DG D "C3'" 
762 O "O3'" . DG D 3  ? 2.15909 2.41864 3.87118 0.51977  -0.72762 0.77343  3  DG D "O3'" 
763 C "C2'" . DG D 3  ? 3.17794 3.25960 4.51714 0.48802  -0.66477 0.79588  3  DG D "C2'" 
764 C "C1'" . DG D 3  ? 2.39907 2.53810 3.54375 0.45172  -0.74994 0.79585  3  DG D "C1'" 
765 N N9    . DG D 3  ? 2.31838 2.41142 3.21005 0.40941  -0.76863 0.76514  3  DG D N9    
766 C C8    . DG D 3  ? 2.50448 2.47879 3.22679 0.40401  -0.71137 0.78781  3  DG D C8    
767 N N7    . DG D 3  ? 2.48452 2.44754 3.00030 0.36140  -0.74777 0.74633  3  DG D N7    
768 C C5    . DG D 3  ? 2.50573 2.58618 3.06302 0.33762  -0.83092 0.69253  3  DG D C5    
769 C C6    . DG D 3  ? 2.62930 2.75139 3.03750 0.29109  -0.89450 0.63337  3  DG D C6    
770 O O6    . DG D 3  ? 2.67473 2.73975 2.87575 0.25986  -0.89456 0.61523  3  DG D O6    
771 N N1    . DG D 3  ? 2.67448 2.91511 3.20062 0.28276  -0.95920 0.59418  3  DG D N1    
772 C C2    . DG D 3  ? 2.52211 2.83359 3.27825 0.31505  -0.96485 0.60926  3  DG D C2    
773 N N2    . DG D 3  ? 2.86376 3.28274 3.70530 0.30174  -1.02637 0.56631  3  DG D N2    
774 N N3    . DG D 3  ? 2.00738 2.28402 2.90377 0.35802  -0.90980 0.66364  3  DG D N3    
775 C C4    . DG D 3  ? 2.14690 2.30687 2.93416 0.36697  -0.84344 0.70308  3  DG D C4    
776 P P     . DA D 4  ? 2.72503 3.02726 4.67471 0.53197  -0.67513 0.72066  4  DA D P     
777 O OP1   . DA D 4  ? 2.62787 2.92249 4.61841 0.55935  -0.64434 0.80980  4  DA D OP1   
778 O OP2   . DA D 4  ? 2.67812 2.92558 4.72612 0.53444  -0.61645 0.65915  4  DA D OP2   
779 O "O5'" . DA D 4  ? 2.68086 3.08853 4.63577 0.49617  -0.73531 0.62644  4  DA D "O5'" 
780 C "C5'" . DA D 4  ? 2.44324 2.91170 4.27178 0.47648  -0.80602 0.64920  4  DA D "C5'" 
781 C "C4'" . DA D 4  ? 2.71917 3.23461 4.46435 0.43756  -0.85512 0.55598  4  DA D "C4'" 
782 O "O4'" . DA D 4  ? 2.63073 3.10246 4.20871 0.42301  -0.89202 0.57036  4  DA D "O4'" 
783 C "C3'" . DA D 4  ? 2.13564 2.65019 3.97910 0.42985  -0.82317 0.44900  4  DA D "C3'" 
784 O "O3'" . DA D 4  ? 2.15881 2.73562 3.96342 0.40245  -0.85294 0.38228  4  DA D "O3'" 
785 C "C2'" . DA D 4  ? 1.95172 2.40228 3.72496 0.42683  -0.82565 0.42457  4  DA D "C2'" 
786 C "C1'" . DA D 4  ? 2.09202 2.55248 3.67384 0.40726  -0.88899 0.47407  4  DA D "C1'" 
787 N N9    . DA D 4  ? 2.27156 2.65076 3.73198 0.40522  -0.89031 0.49462  4  DA D N9    
788 C C8    . DA D 4  ? 2.38208 2.66562 3.84578 0.42641  -0.81815 0.54117  4  DA D C8    
789 N N7    . DA D 4  ? 1.95876 2.16303 3.23128 0.40172  -0.79711 0.52895  4  DA D N7    
790 C C5    . DA D 4  ? 2.07695 2.32941 3.20966 0.36118  -0.86159 0.47019  4  DA D C5    
791 C C6    . DA D 4  ? 2.17446 2.38543 3.08270 0.32085  -0.87524 0.43152  4  DA D C6    
792 N N6    . DA D 4  ? 2.25871 2.36720 3.03870 0.31472  -0.82442 0.44693  4  DA D N6    
793 N N1    . DA D 4  ? 2.66458 2.94084 3.48959 0.28759  -0.93881 0.37712  4  DA D N1    
794 C C2    . DA D 4  ? 2.70978 3.08475 3.66855 0.29463  -0.98362 0.36295  4  DA D C2    
795 N N3    . DA D 4  ? 2.32847 2.75234 3.49910 0.33084  -0.97849 0.39503  4  DA D N3    
796 C C4    . DA D 4  ? 2.29119 2.64979 3.53860 0.36302  -0.91706 0.44865  4  DA D C4    
797 P P     . DT D 5  ? 2.54818 3.11856 4.42133 0.39439  -0.82576 0.27998  5  DT D P     
798 O OP1   . DT D 5  ? 2.46854 3.08842 4.41695 0.39532  -0.81556 0.27863  5  DT D OP1   
799 O OP2   . DT D 5  ? 2.85602 3.35335 4.80388 0.40816  -0.78488 0.25304  5  DT D OP2   
800 O "O5'" . DT D 5  ? 2.29011 2.87325 4.01990 0.36501  -0.86550 0.21815  5  DT D "O5'" 
801 C "C5'" . DT D 5  ? 2.13399 2.69943 3.72896 0.35198  -0.90083 0.23772  5  DT D "C5'" 
802 C "C4'" . DT D 5  ? 2.23329 2.81108 3.69735 0.32044  -0.92808 0.16981  5  DT D "C4'" 
803 O "O4'" . DT D 5  ? 2.21759 2.75406 3.54375 0.30597  -0.95546 0.17324  5  DT D "O4'" 
804 C "C3'" . DT D 5  ? 2.16852 2.71211 3.67146 0.32208  -0.90380 0.07874  5  DT D "C3'" 
805 O "O3'" . DT D 5  ? 2.21053 2.77993 3.61154 0.29723  -0.92111 0.03290  5  DT D "O3'" 
806 C "C2'" . DT D 5  ? 1.64241 2.10969 3.12043 0.32868  -0.90040 0.05148  5  DT D "C2'" 
807 C "C1'" . DT D 5  ? 2.12650 2.60077 3.45932 0.31077  -0.93940 0.10136  5  DT D "C1'" 
808 N N1    . DT D 5  ? 2.05688 2.46943 3.40489 0.32948  -0.93461 0.13875  5  DT D N1    
809 C C2    . DT D 5  ? 2.03646 2.40228 3.23721 0.31310  -0.96219 0.12262  5  DT D C2    
810 O O2    . DT D 5  ? 2.17686 2.55069 3.22469 0.27971  -0.98580 0.07642  5  DT D O2    
811 N N3    . DT D 5  ? 1.98609 2.28262 3.20678 0.33365  -0.94303 0.16353  5  DT D N3    
812 C C4    . DT D 5  ? 1.95145 2.22176 3.33522 0.37035  -0.89399 0.21956  5  DT D C4    
813 O O4    . DT D 5  ? 2.08506 2.27178 3.43684 0.37619  -0.83936 0.25024  5  DT D O4    
814 C C5    . DT D 5  ? 2.07484 2.40412 3.61383 0.38524  -0.87331 0.23128  5  DT D C5    
815 C C7    . DT D 5  ? 1.93453 2.23711 3.64027 0.41874  -0.81085 0.28644  5  DT D C7    
816 C C6    . DT D 5  ? 2.04559 2.44048 3.55020 0.36260  -0.89482 0.18929  5  DT D C6    
817 P P     . DG D 6  ? 2.20524 2.72688 3.60723 0.29997  -0.90533 -0.05896 6  DG D P     
818 O OP1   . DG D 6  ? 1.85718 2.43342 3.24583 0.28814  -0.90816 -0.06791 6  DG D OP1   
819 O OP2   . DG D 6  ? 1.95630 2.42032 3.48389 0.32566  -0.87623 -0.08269 6  DG D OP2   
820 O "O5'" . DG D 6  ? 1.77856 2.24886 3.02759 0.28280  -0.92392 -0.10385 6  DG D "O5'" 
821 C "C5'" . DG D 6  ? 2.28077 2.78779 3.37824 0.24909  -0.94669 -0.09004 6  DG D "C5'" 
822 C "C4'" . DG D 6  ? 1.89176 2.33496 2.84130 0.23319  -0.95483 -0.12910 6  DG D "C4'" 
823 O "O4'" . DG D 6  ? 1.71181 2.11965 2.67734 0.24433  -0.96301 -0.09586 6  DG D "O4'" 
824 C "C3'" . DG D 6  ? 1.59585 1.96178 2.52602 0.24701  -0.94043 -0.21722 6  DG D "C3'" 
825 O "O3'" . DG D 6  ? 1.72078 2.06505 2.47240 0.21795  -0.93941 -0.24936 6  DG D "O3'" 
826 C "C2'" . DG D 6  ? 1.40987 1.70676 2.40717 0.27182  -0.93775 -0.23213 6  DG D "C2'" 
827 C "C1'" . DG D 6  ? 1.67725 2.00138 2.63541 0.25812  -0.95459 -0.15888 6  DG D "C1'" 
828 N N9    . DG D 6  ? 1.76281 2.05878 2.86099 0.28793  -0.94617 -0.12966 6  DG D N9    
829 C C8    . DG D 6  ? 2.14040 2.44785 3.42060 0.31436  -0.91904 -0.11065 6  DG D C8    
830 N N7    . DG D 6  ? 2.42002 2.69152 3.79852 0.33516  -0.90113 -0.08196 6  DG D N7    
831 C C5    . DG D 6  ? 1.77794 2.01186 3.03755 0.32652  -0.92552 -0.08044 6  DG D C5    
832 C C6    . DG D 6  ? 1.73371 1.91249 3.03000 0.34493  -0.91668 -0.05037 6  DG D C6    
833 O O6    . DG D 6  ? 2.10987 2.26117 3.56107 0.37157  -0.87335 -0.01821 6  DG D O6    
834 N N1    . DG D 6  ? 1.82070 1.96369 2.93082 0.32334  -0.94772 -0.05950 6  DG D N1    
835 C C2    . DG D 6  ? 1.96095 2.12451 2.87612 0.28501  -0.98253 -0.09613 6  DG D C2    
836 N N2    . DG D 6  ? 2.80762 2.91321 3.51274 0.25181  -0.97534 -0.10189 6  DG D N2    
837 N N3    . DG D 6  ? 1.62802 1.84265 2.52018 0.26841  -0.97725 -0.12171 6  DG D N3    
838 C C4    . DG D 6  ? 1.62212 1.86998 2.69628 0.29379  -0.95458 -0.11177 6  DG D C4    
839 P P     . DT D 7  ? 2.28683 2.56094 2.98527 0.23238  -0.92320 -0.33401 7  DT D P     
840 O OP1   . DT D 7  ? 2.41093 2.72071 2.98958 0.19903  -0.91396 -0.33267 7  DT D OP1   
841 O OP2   . DT D 7  ? 3.01030 3.25788 3.86091 0.27380  -0.92152 -0.36942 7  DT D OP2   
842 O "O5'" . DT D 7  ? 1.66856 1.85230 2.27340 0.23639  -0.91683 -0.37122 7  DT D "O5'" 
843 C "C5'" . DT D 7  ? 1.82955 1.94884 2.54185 0.27342  -0.92288 -0.40320 7  DT D "C5'" 
844 C "C4'" . DT D 7  ? 1.69084 1.76429 2.32089 0.26234  -0.92458 -0.39901 7  DT D "C4'" 
845 O "O4'" . DT D 7  ? 1.68831 1.80559 2.39841 0.25721  -0.94233 -0.33279 7  DT D "O4'" 
846 C "C3'" . DT D 7  ? 1.55571 1.52969 2.22929 0.29834  -0.92391 -0.46271 7  DT D "C3'" 
847 O "O3'" . DT D 7  ? 1.39095 1.30506 1.94975 0.31132  -0.90251 -0.51661 7  DT D "O3'" 
848 C "C2'" . DT D 7  ? 1.62263 1.58613 2.24798 0.27924  -0.93204 -0.42908 7  DT D "C2'" 
849 C "C1'" . DT D 7  ? 1.84246 1.89293 2.56218 0.26923  -0.94832 -0.34914 7  DT D "C1'" 
850 N N1    . DT D 7  ? 1.77941 1.82506 2.72215 0.30407  -0.94739 -0.33594 7  DT D N1    
851 C C2    . DT D 7  ? 2.13144 2.13629 3.13431 0.31676  -0.94962 -0.32287 7  DT D C2    
852 O O2    . DT D 7  ? 3.73108 3.70344 4.60661 0.30204  -0.96478 -0.32383 7  DT D O2    
853 N N3    . DT D 7  ? 1.79940 1.79871 3.00763 0.34179  -0.92212 -0.30352 7  DT D N3    
854 C C4    . DT D 7  ? 1.68600 1.71404 3.02032 0.34840  -0.89845 -0.30087 7  DT D C4    
855 O O4    . DT D 7  ? 2.84731 2.86564 4.33797 0.35845  -0.86361 -0.28223 7  DT D O4    
856 C C5    . DT D 7  ? 1.55455 1.62281 2.81513 0.33836  -0.91064 -0.31905 7  DT D C5    
857 C C7    . DT D 7  ? 2.00097 2.09780 3.37854 0.34509  -0.89073 -0.31736 7  DT D C7    
858 C C6    . DT D 7  ? 1.50683 1.58295 2.58696 0.31931  -0.93244 -0.33447 7  DT D C6    
# 
loop_
_pdbx_poly_seq_scheme.asym_id 
_pdbx_poly_seq_scheme.entity_id 
_pdbx_poly_seq_scheme.seq_id 
_pdbx_poly_seq_scheme.mon_id 
_pdbx_poly_seq_scheme.ndb_seq_num 
_pdbx_poly_seq_scheme.pdb_seq_num 
_pdbx_poly_seq_scheme.auth_seq_num 
_pdbx_poly_seq_scheme.pdb_mon_id 
_pdbx_poly_seq_scheme.auth_mon_id 
_pdbx_poly_seq_scheme.pdb_strand_id 
_pdbx_poly_seq_scheme.pdb_ins_code 
_pdbx_poly_seq_scheme.hetero 
A 1 1  DG 1  1  1  DG DG A . n 
A 1 2  DA 2  2  2  DA DA A . n 
A 1 3  DG 3  3  3  DG DG A . n 
A 1 4  DC 4  4  4  DC DC A . n 
A 1 5  DA 5  5  5  DA DA A . n 
A 1 6  DG 6  6  6  DG DG A . n 
A 1 7  DC 7  7  7  DC DC A . n 
A 1 8  DC 8  8  8  DC DC A . n 
A 1 9  DT 9  9  9  DT DT A . n 
A 1 10 DG 10 10 10 DG DG A . n 
A 1 11 DT 11 11 11 DT DT A . n 
A 1 12 DT 12 12 12 DT DT A . n 
A 1 13 DT 13 13 13 DT DT A . n 
A 1 14 DG 14 14 14 DG DG A . n 
A 1 15 DG 15 15 15 DG DG A . n 
A 1 16 DA 16 16 16 DA DA A . n 
A 1 17 DC 17 17 17 DC DC A . n 
A 1 18 DA 18 18 18 DA DA A . n 
A 1 19 DT 19 19 19 DT DT A . n 
A 1 20 DC 20 20 20 DC DC A . n 
A 1 21 DA 21 21 21 DA DA A . n 
B 2 1  DC 1  1  1  DC DC B . n 
B 2 2  DC 2  2  2  DC DC B . n 
B 2 3  DA 3  3  3  DA DA B . n 
B 2 4  DT 4  4  4  DT DT B . n 
B 2 5  DA 5  5  5  DA DA B . n 
B 2 6  DC 6  6  6  DC DC B . n 
B 2 7  DA 7  7  7  DA DA B . n 
C 3 1  DG 1  8  8  DG DG C . n 
C 3 2  DG 2  9  9  DG DG C . n 
C 3 3  DC 3  10 10 DC DC C . n 
C 3 4  DT 4  11 11 DT DT C . n 
C 3 5  DG 5  12 12 DG DG C . n 
C 3 6  DC 6  13 13 DC DC C . n 
C 3 7  DT 7  14 14 DT DT C . n 
D 4 1  DC 1  1  1  DC DC D . n 
D 4 2  DT 2  2  2  DT DT D . n 
D 4 3  DG 3  3  3  DG DG D . n 
D 4 4  DA 4  4  4  DA DA D . n 
D 4 5  DT 5  5  5  DT DT D . n 
D 4 6  DG 6  6  6  DG DG D . n 
D 4 7  DT 7  7  7  DT DT D . n 
# 
_pdbx_contact_author.id                 3 
_pdbx_contact_author.email              ncs01@nyu.edu 
_pdbx_contact_author.name_first         Nadrian 
_pdbx_contact_author.name_last          Seeman 
_pdbx_contact_author.name_mi            ? 
_pdbx_contact_author.role               'principal investigator/group leader' 
_pdbx_contact_author.identifier_ORCID   0000-0002-9680-4649 
# 
_pdbx_struct_assembly.id                   1 
_pdbx_struct_assembly.details              author_defined_assembly 
_pdbx_struct_assembly.method_details       ? 
_pdbx_struct_assembly.oligomeric_details   dodecameric 
_pdbx_struct_assembly.oligomeric_count     12 
# 
_pdbx_struct_assembly_gen.assembly_id       1 
_pdbx_struct_assembly_gen.oper_expression   1,2,3 
_pdbx_struct_assembly_gen.asym_id_list      A,B,C,D 
# 
loop_
_pdbx_struct_oper_list.id 
_pdbx_struct_oper_list.type 
_pdbx_struct_oper_list.name 
_pdbx_struct_oper_list.symmetry_operation 
_pdbx_struct_oper_list.matrix[1][1] 
_pdbx_struct_oper_list.matrix[1][2] 
_pdbx_struct_oper_list.matrix[1][3] 
_pdbx_struct_oper_list.vector[1] 
_pdbx_struct_oper_list.matrix[2][1] 
_pdbx_struct_oper_list.matrix[2][2] 
_pdbx_struct_oper_list.matrix[2][3] 
_pdbx_struct_oper_list.vector[2] 
_pdbx_struct_oper_list.matrix[3][1] 
_pdbx_struct_oper_list.matrix[3][2] 
_pdbx_struct_oper_list.matrix[3][3] 
_pdbx_struct_oper_list.vector[3] 
1 'identity operation'         1_555 x,y,z     1.0000000000  0.0000000000  0.0000000000  0.0000000000   0.0000000000  1.0000000000 0.0000000000  0.0000000000  0.0000000000  0.0000000000  1.0000000000 0.0000000000  
2 'crystal symmetry operation' 2_555 -y,x-y,z  -0.4963670137 -0.5472045547 -0.6739339456 -1.0957588734  0.6533743492  0.2756721615 -0.7050580254 18.2680313222 0.5715957903  -0.7902986997 0.2206948522 18.8742055440 
3 'crystal symmetry operation' 3_555 -x+y,-x,z -0.4963670137 0.6533743492  0.5715957903  -23.2681780706 -0.5472045547 0.2756721615 -0.7902986997 9.2806681705  -0.6739339456 -0.7050580254 0.2206948522 7.9761129881 
# 
loop_
_pdbx_audit_revision_history.ordinal 
_pdbx_audit_revision_history.data_content_type 
_pdbx_audit_revision_history.major_revision 
_pdbx_audit_revision_history.minor_revision 
_pdbx_audit_revision_history.revision_date 
1 'Structure model' 1 0 2022-10-19 
2 'Structure model' 1 1 2023-04-19 
3 'Structure model' 1 2 2023-10-25 
# 
_pdbx_audit_revision_details.ordinal             1 
_pdbx_audit_revision_details.revision_ordinal    1 
_pdbx_audit_revision_details.data_content_type   'Structure model' 
_pdbx_audit_revision_details.provider            repository 
_pdbx_audit_revision_details.type                'Initial release' 
_pdbx_audit_revision_details.description         ? 
_pdbx_audit_revision_details.details             ? 
# 
loop_
_pdbx_audit_revision_group.ordinal 
_pdbx_audit_revision_group.revision_ordinal 
_pdbx_audit_revision_group.data_content_type 
_pdbx_audit_revision_group.group 
1 2 'Structure model' 'Database references'    
2 3 'Structure model' 'Data collection'        
3 3 'Structure model' 'Refinement description' 
# 
loop_
_pdbx_audit_revision_category.ordinal 
_pdbx_audit_revision_category.revision_ordinal 
_pdbx_audit_revision_category.data_content_type 
_pdbx_audit_revision_category.category 
1 2 'Structure model' citation                      
2 2 'Structure model' citation_author               
3 3 'Structure model' chem_comp_atom                
4 3 'Structure model' chem_comp_bond                
5 3 'Structure model' pdbx_initial_refinement_model 
# 
loop_
_pdbx_audit_revision_item.ordinal 
_pdbx_audit_revision_item.revision_ordinal 
_pdbx_audit_revision_item.data_content_type 
_pdbx_audit_revision_item.item 
1 2 'Structure model' '_citation.journal_abbrev'          
2 2 'Structure model' '_citation.journal_id_CSD'          
3 2 'Structure model' '_citation.journal_id_ISSN'         
4 2 'Structure model' '_citation.page_first'              
5 2 'Structure model' '_citation.page_last'               
6 2 'Structure model' '_citation.pdbx_database_id_DOI'    
7 2 'Structure model' '_citation.pdbx_database_id_PubMed' 
8 2 'Structure model' '_citation.title'                   
9 2 'Structure model' '_citation.year'                    
# 
loop_
_space_group_symop.id 
_space_group_symop.operation_xyz 
1 x,y,z                 
2 -y,x-y,z              
3 -x+y,-x,z             
4 x+1/3,y+2/3,z+2/3     
5 -y+1/3,x-y+2/3,z+2/3  
6 -x+y+1/3,-x+2/3,z+2/3 
7 x+2/3,y+1/3,z+1/3     
8 -y+2/3,x-y+1/3,z+1/3  
9 -x+y+2/3,-x+1/3,z+1/3 
# 
loop_
_pdbx_refine_tls.id 
_pdbx_refine_tls.pdbx_refine_id 
_pdbx_refine_tls.details 
_pdbx_refine_tls.method 
_pdbx_refine_tls.origin_x 
_pdbx_refine_tls.origin_y 
_pdbx_refine_tls.origin_z 
_pdbx_refine_tls.T[1][1] 
_pdbx_refine_tls.T[1][1]_esd 
_pdbx_refine_tls.T[1][2] 
_pdbx_refine_tls.T[1][2]_esd 
_pdbx_refine_tls.T[1][3] 
_pdbx_refine_tls.T[1][3]_esd 
_pdbx_refine_tls.T[2][2] 
_pdbx_refine_tls.T[2][2]_esd 
_pdbx_refine_tls.T[2][3] 
_pdbx_refine_tls.T[2][3]_esd 
_pdbx_refine_tls.T[3][3] 
_pdbx_refine_tls.T[3][3]_esd 
_pdbx_refine_tls.L[1][1] 
_pdbx_refine_tls.L[1][1]_esd 
_pdbx_refine_tls.L[1][2] 
_pdbx_refine_tls.L[1][2]_esd 
_pdbx_refine_tls.L[1][3] 
_pdbx_refine_tls.L[1][3]_esd 
_pdbx_refine_tls.L[2][2] 
_pdbx_refine_tls.L[2][2]_esd 
_pdbx_refine_tls.L[2][3] 
_pdbx_refine_tls.L[2][3]_esd 
_pdbx_refine_tls.L[3][3] 
_pdbx_refine_tls.L[3][3]_esd 
_pdbx_refine_tls.S[1][1] 
_pdbx_refine_tls.S[1][1]_esd 
_pdbx_refine_tls.S[1][2] 
_pdbx_refine_tls.S[1][2]_esd 
_pdbx_refine_tls.S[1][3] 
_pdbx_refine_tls.S[1][3]_esd 
_pdbx_refine_tls.S[2][1] 
_pdbx_refine_tls.S[2][1]_esd 
_pdbx_refine_tls.S[2][2] 
_pdbx_refine_tls.S[2][2]_esd 
_pdbx_refine_tls.S[2][3] 
_pdbx_refine_tls.S[2][3]_esd 
_pdbx_refine_tls.S[3][1] 
_pdbx_refine_tls.S[3][1]_esd 
_pdbx_refine_tls.S[3][2] 
_pdbx_refine_tls.S[3][2]_esd 
_pdbx_refine_tls.S[3][3] 
_pdbx_refine_tls.S[3][3]_esd 
1 'X-RAY DIFFRACTION' ? refined 1.253183186    -0.24210837083 0.8806226154    2.1607998709  ? 0.068417849942 ? -0.800324537821 ? 2.3759052291  ? 0.463822216366  ? 1.84677002363 ? 3.03428421378 ? -2.88971697609  ? -0.264130102869 ? -0.01645118995 ? 3.26564460652  ? 0.13295035156  ? 2.525556021941 ? 2.153794474312 ? -1.02763689634 ? 0.688946224504  ? 0.85462672691  ? -1.23106419830  ? 2.238904879878 ? 1.017513740143  ? -0.866695336545 ? 
2 'X-RAY DIFFRACTION' ? refined -1.4799204709  0.719168524460 -0.551050328    1.85794233986 ? 0.265238516433 ? -0.630936069116 ? 1.8731698499  ? 0.103868910155  ? 1.22747175207 ? 1.41681077682 ? 0.294941495490  ? -1.55528655961  ? 0.118084747494 ? 0.473034502971 ? 1.981975314859 ? 3.392098872356 ? 1.19262266532  ? 1.675923445894 ? -0.603756825648 ? -0.12883443942 ? -0.984476716802 ? 0.788363717065 ? -0.351969820416 ? 0.043524482889  ? 
3 'X-RAY DIFFRACTION' ? refined 16.8884793359  -5.3168765280  14.3735301026   1.94466961442 ? 0.443226766947 ? -0.514681931309 ? 2.27595298891 ? -0.118830212349 ? 1.53460520944 ? 0.78689027290 ? -2.028719153661 ? -0.64662623395  ? 7.719086634067 ? 0.810256227031 ? 0.19205194306  ? 3.3500851254   ? 3.579342486388 ? -2.54608825371 ? -0.515213666061 ? -0.2421789628  ? 2.41279872476   ? 2.311296251303 ? -0.81762183631  ? 2.726414209371  ? 
4 'X-RAY DIFFRACTION' ? refined -19.2157058788 5.2856247590   -16.55640710066 1.77386509549 ? 0.330857318219 ? -0.892123388551 ? 2.03005455883 ? 0.468320165733  ? 2.73739995896 ? 1.75014416874 ? -2.840960818728 ? -0.53611140078  ? 9.883522240756 ? 0.747026201768 ? 0.03978400932  ? 0.23917423483  ? 1.32473438963  ? 3.943747335847 ? -2.7191818700   ? -0.9825920610  ? -0.1922743145   ? 0.89961830146  ? -0.61476488154  ? -1.378150456383 ? 
# 
loop_
_pdbx_refine_tls_group.id 
_pdbx_refine_tls_group.pdbx_refine_id 
_pdbx_refine_tls_group.refine_tls_id 
_pdbx_refine_tls_group.beg_label_asym_id 
_pdbx_refine_tls_group.beg_label_seq_id 
_pdbx_refine_tls_group.beg_auth_asym_id 
_pdbx_refine_tls_group.beg_auth_seq_id 
_pdbx_refine_tls_group.beg_PDB_ins_code 
_pdbx_refine_tls_group.end_label_asym_id 
_pdbx_refine_tls_group.end_label_seq_id 
_pdbx_refine_tls_group.end_auth_asym_id 
_pdbx_refine_tls_group.end_auth_seq_id 
_pdbx_refine_tls_group.end_PDB_ins_code 
_pdbx_refine_tls_group.selection 
_pdbx_refine_tls_group.selection_details 
1 'X-RAY DIFFRACTION' 1 A ? A 1 ? A ? A 21 ? ? 
;(chain 'A' and resid 1 through 21)
;
2 'X-RAY DIFFRACTION' 2 B ? B 1 ? B ? B 7  ? ? 
;(chain 'B' and resid 1 through 7)
;
3 'X-RAY DIFFRACTION' 3 C ? C 8 ? C ? C 14 ? ? 
;(chain 'C' and resid 8 through 14)
;
4 'X-RAY DIFFRACTION' 4 D ? D 1 ? D ? D 7  ? ? 
;(chain 'D' and resid 1 through 7)
;
# 
loop_
_software.citation_id 
_software.classification 
_software.compiler_name 
_software.compiler_version 
_software.contact_author 
_software.contact_author_email 
_software.date 
_software.description 
_software.dependencies 
_software.hardware 
_software.language 
_software.location 
_software.mods 
_software.name 
_software.os 
_software.os_version 
_software.type 
_software.version 
_software.pdbx_ordinal 
? refinement       ? ? ? ? ? ? ? ? ? ? ? PHENIX    ? ? ? 1.18.2_3874 1 
? 'data reduction' ? ? ? ? ? ? ? ? ? ? ? autoPROC  ? ? ? .           2 
? 'data scaling'   ? ? ? ? ? ? ? ? ? ? ? STARANISO ? ? ? .           3 
? phasing          ? ? ? ? ? ? ? ? ? ? ? PHASER    ? ? ? .           4 
# 
_pdbx_validate_rmsd_bond.id                        1 
_pdbx_validate_rmsd_bond.PDB_model_num             1 
_pdbx_validate_rmsd_bond.auth_atom_id_1            P 
_pdbx_validate_rmsd_bond.auth_asym_id_1            D 
_pdbx_validate_rmsd_bond.auth_comp_id_1            DC 
_pdbx_validate_rmsd_bond.auth_seq_id_1             1 
_pdbx_validate_rmsd_bond.PDB_ins_code_1            ? 
_pdbx_validate_rmsd_bond.label_alt_id_1            ? 
_pdbx_validate_rmsd_bond.auth_atom_id_2            OP3 
_pdbx_validate_rmsd_bond.auth_asym_id_2            D 
_pdbx_validate_rmsd_bond.auth_comp_id_2            DC 
_pdbx_validate_rmsd_bond.auth_seq_id_2             1 
_pdbx_validate_rmsd_bond.PDB_ins_code_2            ? 
_pdbx_validate_rmsd_bond.label_alt_id_2            ? 
_pdbx_validate_rmsd_bond.bond_value                1.480 
_pdbx_validate_rmsd_bond.bond_target_value         1.607 
_pdbx_validate_rmsd_bond.bond_deviation            -0.127 
_pdbx_validate_rmsd_bond.bond_standard_deviation   0.012 
_pdbx_validate_rmsd_bond.linker_flag               N 
# 
loop_
_pdbx_validate_rmsd_angle.id 
_pdbx_validate_rmsd_angle.PDB_model_num 
_pdbx_validate_rmsd_angle.auth_atom_id_1 
_pdbx_validate_rmsd_angle.auth_asym_id_1 
_pdbx_validate_rmsd_angle.auth_comp_id_1 
_pdbx_validate_rmsd_angle.auth_seq_id_1 
_pdbx_validate_rmsd_angle.PDB_ins_code_1 
_pdbx_validate_rmsd_angle.label_alt_id_1 
_pdbx_validate_rmsd_angle.auth_atom_id_2 
_pdbx_validate_rmsd_angle.auth_asym_id_2 
_pdbx_validate_rmsd_angle.auth_comp_id_2 
_pdbx_validate_rmsd_angle.auth_seq_id_2 
_pdbx_validate_rmsd_angle.PDB_ins_code_2 
_pdbx_validate_rmsd_angle.label_alt_id_2 
_pdbx_validate_rmsd_angle.auth_atom_id_3 
_pdbx_validate_rmsd_angle.auth_asym_id_3 
_pdbx_validate_rmsd_angle.auth_comp_id_3 
_pdbx_validate_rmsd_angle.auth_seq_id_3 
_pdbx_validate_rmsd_angle.PDB_ins_code_3 
_pdbx_validate_rmsd_angle.label_alt_id_3 
_pdbx_validate_rmsd_angle.angle_value 
_pdbx_validate_rmsd_angle.angle_target_value 
_pdbx_validate_rmsd_angle.angle_deviation 
_pdbx_validate_rmsd_angle.angle_standard_deviation 
_pdbx_validate_rmsd_angle.linker_flag 
1 1 "O4'" A DA 2  ? ? "C1'" A DA 2  ? ? N9    A DA 2  ? ? 112.42 108.30 4.12  0.30 N 
2 1 "O4'" A DC 7  ? ? "C1'" A DC 7  ? ? N1    A DC 7  ? ? 110.32 108.30 2.02  0.30 N 
3 1 "O4'" A DT 11 ? ? "C1'" A DT 11 ? ? N1    A DT 11 ? ? 113.80 108.30 5.50  0.30 N 
4 1 "O4'" A DT 12 ? ? "C1'" A DT 12 ? ? N1    A DT 12 ? ? 110.99 108.30 2.69  0.30 N 
5 1 "C3'" B DA 7  ? ? "C2'" B DA 7  ? ? "C1'" B DA 7  ? ? 97.23  102.40 -5.17 0.80 N 
6 1 "O4'" B DA 7  ? ? "C1'" B DA 7  ? ? N9    B DA 7  ? ? 110.73 108.30 2.43  0.30 N 
7 1 "O4'" D DC 1  ? ? "C1'" D DC 1  ? ? N1    D DC 1  ? ? 112.14 108.30 3.84  0.30 N 
8 1 "O4'" D DG 3  ? ? "C1'" D DG 3  ? ? N9    D DG 3  ? ? 111.48 108.30 3.18  0.30 N 
9 1 "O4'" D DT 7  ? ? "C1'" D DT 7  ? ? N1    D DT 7  ? ? 110.22 108.30 1.92  0.30 N 
# 
loop_
_chem_comp_atom.comp_id 
_chem_comp_atom.atom_id 
_chem_comp_atom.type_symbol 
_chem_comp_atom.pdbx_aromatic_flag 
_chem_comp_atom.pdbx_stereo_config 
_chem_comp_atom.pdbx_ordinal 
DA OP3    O N N 1   
DA P      P N N 2   
DA OP1    O N N 3   
DA OP2    O N N 4   
DA "O5'"  O N N 5   
DA "C5'"  C N N 6   
DA "C4'"  C N R 7   
DA "O4'"  O N N 8   
DA "C3'"  C N S 9   
DA "O3'"  O N N 10  
DA "C2'"  C N N 11  
DA "C1'"  C N R 12  
DA N9     N Y N 13  
DA C8     C Y N 14  
DA N7     N Y N 15  
DA C5     C Y N 16  
DA C6     C Y N 17  
DA N6     N N N 18  
DA N1     N Y N 19  
DA C2     C Y N 20  
DA N3     N Y N 21  
DA C4     C Y N 22  
DA HOP3   H N N 23  
DA HOP2   H N N 24  
DA "H5'"  H N N 25  
DA "H5''" H N N 26  
DA "H4'"  H N N 27  
DA "H3'"  H N N 28  
DA "HO3'" H N N 29  
DA "H2'"  H N N 30  
DA "H2''" H N N 31  
DA "H1'"  H N N 32  
DA H8     H N N 33  
DA H61    H N N 34  
DA H62    H N N 35  
DA H2     H N N 36  
DC OP3    O N N 37  
DC P      P N N 38  
DC OP1    O N N 39  
DC OP2    O N N 40  
DC "O5'"  O N N 41  
DC "C5'"  C N N 42  
DC "C4'"  C N R 43  
DC "O4'"  O N N 44  
DC "C3'"  C N S 45  
DC "O3'"  O N N 46  
DC "C2'"  C N N 47  
DC "C1'"  C N R 48  
DC N1     N N N 49  
DC C2     C N N 50  
DC O2     O N N 51  
DC N3     N N N 52  
DC C4     C N N 53  
DC N4     N N N 54  
DC C5     C N N 55  
DC C6     C N N 56  
DC HOP3   H N N 57  
DC HOP2   H N N 58  
DC "H5'"  H N N 59  
DC "H5''" H N N 60  
DC "H4'"  H N N 61  
DC "H3'"  H N N 62  
DC "HO3'" H N N 63  
DC "H2'"  H N N 64  
DC "H2''" H N N 65  
DC "H1'"  H N N 66  
DC H41    H N N 67  
DC H42    H N N 68  
DC H5     H N N 69  
DC H6     H N N 70  
DG OP3    O N N 71  
DG P      P N N 72  
DG OP1    O N N 73  
DG OP2    O N N 74  
DG "O5'"  O N N 75  
DG "C5'"  C N N 76  
DG "C4'"  C N R 77  
DG "O4'"  O N N 78  
DG "C3'"  C N S 79  
DG "O3'"  O N N 80  
DG "C2'"  C N N 81  
DG "C1'"  C N R 82  
DG N9     N Y N 83  
DG C8     C Y N 84  
DG N7     N Y N 85  
DG C5     C Y N 86  
DG C6     C N N 87  
DG O6     O N N 88  
DG N1     N N N 89  
DG C2     C N N 90  
DG N2     N N N 91  
DG N3     N N N 92  
DG C4     C Y N 93  
DG HOP3   H N N 94  
DG HOP2   H N N 95  
DG "H5'"  H N N 96  
DG "H5''" H N N 97  
DG "H4'"  H N N 98  
DG "H3'"  H N N 99  
DG "HO3'" H N N 100 
DG "H2'"  H N N 101 
DG "H2''" H N N 102 
DG "H1'"  H N N 103 
DG H8     H N N 104 
DG H1     H N N 105 
DG H21    H N N 106 
DG H22    H N N 107 
DT OP3    O N N 108 
DT P      P N N 109 
DT OP1    O N N 110 
DT OP2    O N N 111 
DT "O5'"  O N N 112 
DT "C5'"  C N N 113 
DT "C4'"  C N R 114 
DT "O4'"  O N N 115 
DT "C3'"  C N S 116 
DT "O3'"  O N N 117 
DT "C2'"  C N N 118 
DT "C1'"  C N R 119 
DT N1     N N N 120 
DT C2     C N N 121 
DT O2     O N N 122 
DT N3     N N N 123 
DT C4     C N N 124 
DT O4     O N N 125 
DT C5     C N N 126 
DT C7     C N N 127 
DT C6     C N N 128 
DT HOP3   H N N 129 
DT HOP2   H N N 130 
DT "H5'"  H N N 131 
DT "H5''" H N N 132 
DT "H4'"  H N N 133 
DT "H3'"  H N N 134 
DT "HO3'" H N N 135 
DT "H2'"  H N N 136 
DT "H2''" H N N 137 
DT "H1'"  H N N 138 
DT H3     H N N 139 
DT H71    H N N 140 
DT H72    H N N 141 
DT H73    H N N 142 
DT H6     H N N 143 
# 
loop_
_chem_comp_bond.comp_id 
_chem_comp_bond.atom_id_1 
_chem_comp_bond.atom_id_2 
_chem_comp_bond.value_order 
_chem_comp_bond.pdbx_aromatic_flag 
_chem_comp_bond.pdbx_stereo_config 
_chem_comp_bond.pdbx_ordinal 
DA OP3   P      sing N N 1   
DA OP3   HOP3   sing N N 2   
DA P     OP1    doub N N 3   
DA P     OP2    sing N N 4   
DA P     "O5'"  sing N N 5   
DA OP2   HOP2   sing N N 6   
DA "O5'" "C5'"  sing N N 7   
DA "C5'" "C4'"  sing N N 8   
DA "C5'" "H5'"  sing N N 9   
DA "C5'" "H5''" sing N N 10  
DA "C4'" "O4'"  sing N N 11  
DA "C4'" "C3'"  sing N N 12  
DA "C4'" "H4'"  sing N N 13  
DA "O4'" "C1'"  sing N N 14  
DA "C3'" "O3'"  sing N N 15  
DA "C3'" "C2'"  sing N N 16  
DA "C3'" "H3'"  sing N N 17  
DA "O3'" "HO3'" sing N N 18  
DA "C2'" "C1'"  sing N N 19  
DA "C2'" "H2'"  sing N N 20  
DA "C2'" "H2''" sing N N 21  
DA "C1'" N9     sing N N 22  
DA "C1'" "H1'"  sing N N 23  
DA N9    C8     sing Y N 24  
DA N9    C4     sing Y N 25  
DA C8    N7     doub Y N 26  
DA C8    H8     sing N N 27  
DA N7    C5     sing Y N 28  
DA C5    C6     sing Y N 29  
DA C5    C4     doub Y N 30  
DA C6    N6     sing N N 31  
DA C6    N1     doub Y N 32  
DA N6    H61    sing N N 33  
DA N6    H62    sing N N 34  
DA N1    C2     sing Y N 35  
DA C2    N3     doub Y N 36  
DA C2    H2     sing N N 37  
DA N3    C4     sing Y N 38  
DC OP3   P      sing N N 39  
DC OP3   HOP3   sing N N 40  
DC P     OP1    doub N N 41  
DC P     OP2    sing N N 42  
DC P     "O5'"  sing N N 43  
DC OP2   HOP2   sing N N 44  
DC "O5'" "C5'"  sing N N 45  
DC "C5'" "C4'"  sing N N 46  
DC "C5'" "H5'"  sing N N 47  
DC "C5'" "H5''" sing N N 48  
DC "C4'" "O4'"  sing N N 49  
DC "C4'" "C3'"  sing N N 50  
DC "C4'" "H4'"  sing N N 51  
DC "O4'" "C1'"  sing N N 52  
DC "C3'" "O3'"  sing N N 53  
DC "C3'" "C2'"  sing N N 54  
DC "C3'" "H3'"  sing N N 55  
DC "O3'" "HO3'" sing N N 56  
DC "C2'" "C1'"  sing N N 57  
DC "C2'" "H2'"  sing N N 58  
DC "C2'" "H2''" sing N N 59  
DC "C1'" N1     sing N N 60  
DC "C1'" "H1'"  sing N N 61  
DC N1    C2     sing N N 62  
DC N1    C6     sing N N 63  
DC C2    O2     doub N N 64  
DC C2    N3     sing N N 65  
DC N3    C4     doub N N 66  
DC C4    N4     sing N N 67  
DC C4    C5     sing N N 68  
DC N4    H41    sing N N 69  
DC N4    H42    sing N N 70  
DC C5    C6     doub N N 71  
DC C5    H5     sing N N 72  
DC C6    H6     sing N N 73  
DG OP3   P      sing N N 74  
DG OP3   HOP3   sing N N 75  
DG P     OP1    doub N N 76  
DG P     OP2    sing N N 77  
DG P     "O5'"  sing N N 78  
DG OP2   HOP2   sing N N 79  
DG "O5'" "C5'"  sing N N 80  
DG "C5'" "C4'"  sing N N 81  
DG "C5'" "H5'"  sing N N 82  
DG "C5'" "H5''" sing N N 83  
DG "C4'" "O4'"  sing N N 84  
DG "C4'" "C3'"  sing N N 85  
DG "C4'" "H4'"  sing N N 86  
DG "O4'" "C1'"  sing N N 87  
DG "C3'" "O3'"  sing N N 88  
DG "C3'" "C2'"  sing N N 89  
DG "C3'" "H3'"  sing N N 90  
DG "O3'" "HO3'" sing N N 91  
DG "C2'" "C1'"  sing N N 92  
DG "C2'" "H2'"  sing N N 93  
DG "C2'" "H2''" sing N N 94  
DG "C1'" N9     sing N N 95  
DG "C1'" "H1'"  sing N N 96  
DG N9    C8     sing Y N 97  
DG N9    C4     sing Y N 98  
DG C8    N7     doub Y N 99  
DG C8    H8     sing N N 100 
DG N7    C5     sing Y N 101 
DG C5    C6     sing N N 102 
DG C5    C4     doub Y N 103 
DG C6    O6     doub N N 104 
DG C6    N1     sing N N 105 
DG N1    C2     sing N N 106 
DG N1    H1     sing N N 107 
DG C2    N2     sing N N 108 
DG C2    N3     doub N N 109 
DG N2    H21    sing N N 110 
DG N2    H22    sing N N 111 
DG N3    C4     sing N N 112 
DT OP3   P      sing N N 113 
DT OP3   HOP3   sing N N 114 
DT P     OP1    doub N N 115 
DT P     OP2    sing N N 116 
DT P     "O5'"  sing N N 117 
DT OP2   HOP2   sing N N 118 
DT "O5'" "C5'"  sing N N 119 
DT "C5'" "C4'"  sing N N 120 
DT "C5'" "H5'"  sing N N 121 
DT "C5'" "H5''" sing N N 122 
DT "C4'" "O4'"  sing N N 123 
DT "C4'" "C3'"  sing N N 124 
DT "C4'" "H4'"  sing N N 125 
DT "O4'" "C1'"  sing N N 126 
DT "C3'" "O3'"  sing N N 127 
DT "C3'" "C2'"  sing N N 128 
DT "C3'" "H3'"  sing N N 129 
DT "O3'" "HO3'" sing N N 130 
DT "C2'" "C1'"  sing N N 131 
DT "C2'" "H2'"  sing N N 132 
DT "C2'" "H2''" sing N N 133 
DT "C1'" N1     sing N N 134 
DT "C1'" "H1'"  sing N N 135 
DT N1    C2     sing N N 136 
DT N1    C6     sing N N 137 
DT C2    O2     doub N N 138 
DT C2    N3     sing N N 139 
DT N3    C4     sing N N 140 
DT N3    H3     sing N N 141 
DT C4    O4     doub N N 142 
DT C4    C5     sing N N 143 
DT C5    C7     sing N N 144 
DT C5    C6     doub N N 145 
DT C7    H71    sing N N 146 
DT C7    H72    sing N N 147 
DT C7    H73    sing N N 148 
DT C6    H6     sing N N 149 
# 
loop_
_ndb_struct_conf_na.entry_id 
_ndb_struct_conf_na.feature 
7SG8 'double helix'        
7SG8 'a-form double helix' 
7SG8 'b-form double helix' 
# 
loop_
_ndb_struct_na_base_pair.model_number 
_ndb_struct_na_base_pair.i_label_asym_id 
_ndb_struct_na_base_pair.i_label_comp_id 
_ndb_struct_na_base_pair.i_label_seq_id 
_ndb_struct_na_base_pair.i_symmetry 
_ndb_struct_na_base_pair.j_label_asym_id 
_ndb_struct_na_base_pair.j_label_comp_id 
_ndb_struct_na_base_pair.j_label_seq_id 
_ndb_struct_na_base_pair.j_symmetry 
_ndb_struct_na_base_pair.shear 
_ndb_struct_na_base_pair.stretch 
_ndb_struct_na_base_pair.stagger 
_ndb_struct_na_base_pair.buckle 
_ndb_struct_na_base_pair.propeller 
_ndb_struct_na_base_pair.opening 
_ndb_struct_na_base_pair.pair_number 
_ndb_struct_na_base_pair.pair_name 
_ndb_struct_na_base_pair.i_auth_asym_id 
_ndb_struct_na_base_pair.i_auth_seq_id 
_ndb_struct_na_base_pair.i_PDB_ins_code 
_ndb_struct_na_base_pair.j_auth_asym_id 
_ndb_struct_na_base_pair.j_auth_seq_id 
_ndb_struct_na_base_pair.j_PDB_ins_code 
_ndb_struct_na_base_pair.hbond_type_28 
_ndb_struct_na_base_pair.hbond_type_12 
1 A DA 2  1_555 C DT 7 1_555 0.113  0.209  0.743  1.138   2.060   -12.913 1  A_DA2:DT14_C A 2  ? C 14 ? 20 1 
1 A DG 3  1_555 C DC 6 1_555 -0.185 -0.079 0.338  -3.567  -5.727  0.591   2  A_DG3:DC13_C A 3  ? C 13 ? 19 1 
1 A DC 4  1_555 C DG 5 1_555 -0.111 0.391  0.411  -7.636  -6.496  -13.058 3  A_DC4:DG12_C A 4  ? C 12 ? ?  1 
1 A DA 5  1_555 C DT 4 1_555 1.524  0.060  0.103  -5.168  -1.248  -14.881 4  A_DA5:DT11_C A 5  ? C 11 ? 20 1 
1 A DG 6  1_555 C DC 3 1_555 -0.073 -0.231 0.675  4.383   -9.285  -1.627  5  A_DG6:DC10_C A 6  ? C 10 ? 19 1 
1 A DC 7  1_555 C DG 2 1_555 0.266  -0.194 0.314  6.764   -8.749  0.729   6  A_DC7:DG9_C  A 7  ? C 9  ? 19 1 
1 A DC 8  1_555 C DG 1 1_555 0.073  -0.161 0.523  -7.361  -14.812 -3.075  7  A_DC8:DG8_C  A 8  ? C 8  ? 19 1 
1 A DT 9  1_555 B DA 7 1_555 -0.391 -0.209 0.437  -2.153  -1.447  -3.954  8  A_DT9:DA7_B  A 9  ? B 7  ? 20 1 
1 A DG 10 1_555 B DC 6 1_555 -0.149 -0.207 0.967  0.938   -1.100  4.704   9  A_DG10:DC6_B A 10 ? B 6  ? 19 1 
1 A DT 11 1_555 B DA 5 1_555 -2.270 0.210  0.308  3.846   4.097   -2.456  10 A_DT11:DA5_B A 11 ? B 5  ? 20 1 
1 A DT 12 1_555 B DT 4 1_555 -0.697 -0.990 -0.282 1.509   -4.986  -15.541 11 A_DT12:DT4_B A 12 ? B 4  ? ?  ? 
1 A DT 13 1_555 B DA 3 1_555 -0.024 -0.092 0.400  0.370   -5.693  0.819   12 A_DT13:DA3_B A 13 ? B 3  ? 20 1 
1 A DG 14 1_555 B DC 2 1_555 -0.093 -0.147 0.515  -7.086  -13.563 -6.791  13 A_DG14:DC2_B A 14 ? B 2  ? 19 1 
1 A DG 15 1_555 B DC 1 1_555 -0.159 -0.143 -0.228 -10.676 -7.982  -0.391  14 A_DG15:DC1_B A 15 ? B 1  ? 19 1 
1 A DA 16 1_555 D DT 7 1_555 0.185  -0.310 1.345  3.700   -8.900  -0.294  15 A_DA16:DT7_D A 16 ? D 7  ? 20 1 
1 A DC 17 1_555 D DG 6 1_555 0.173  -0.233 0.664  -1.557  -5.185  0.005   16 A_DC17:DG6_D A 17 ? D 6  ? 19 1 
1 A DA 18 1_555 D DT 5 1_555 0.130  -0.258 0.690  5.961   -4.033  0.460   17 A_DA18:DT5_D A 18 ? D 5  ? 20 1 
1 A DT 19 1_555 D DA 4 1_555 -0.027 -0.067 0.261  2.687   -10.312 -3.585  18 A_DT19:DA4_D A 19 ? D 4  ? 20 1 
1 A DC 20 1_555 D DG 3 1_555 0.120  -0.211 0.104  -7.723  -7.924  -0.140  19 A_DC20:DG3_D A 20 ? D 3  ? 19 1 
1 A DA 21 1_555 D DT 2 1_555 0.305  -0.078 -0.197 -3.335  -5.048  -5.544  20 A_DA21:DT2_D A 21 ? D 2  ? 20 1 
# 
loop_
_ndb_struct_na_base_pair_step.model_number 
_ndb_struct_na_base_pair_step.i_label_asym_id_1 
_ndb_struct_na_base_pair_step.i_label_comp_id_1 
_ndb_struct_na_base_pair_step.i_label_seq_id_1 
_ndb_struct_na_base_pair_step.i_symmetry_1 
_ndb_struct_na_base_pair_step.j_label_asym_id_1 
_ndb_struct_na_base_pair_step.j_label_comp_id_1 
_ndb_struct_na_base_pair_step.j_label_seq_id_1 
_ndb_struct_na_base_pair_step.j_symmetry_1 
_ndb_struct_na_base_pair_step.i_label_asym_id_2 
_ndb_struct_na_base_pair_step.i_label_comp_id_2 
_ndb_struct_na_base_pair_step.i_label_seq_id_2 
_ndb_struct_na_base_pair_step.i_symmetry_2 
_ndb_struct_na_base_pair_step.j_label_asym_id_2 
_ndb_struct_na_base_pair_step.j_label_comp_id_2 
_ndb_struct_na_base_pair_step.j_label_seq_id_2 
_ndb_struct_na_base_pair_step.j_symmetry_2 
_ndb_struct_na_base_pair_step.shift 
_ndb_struct_na_base_pair_step.slide 
_ndb_struct_na_base_pair_step.rise 
_ndb_struct_na_base_pair_step.tilt 
_ndb_struct_na_base_pair_step.roll 
_ndb_struct_na_base_pair_step.twist 
_ndb_struct_na_base_pair_step.x_displacement 
_ndb_struct_na_base_pair_step.y_displacement 
_ndb_struct_na_base_pair_step.helical_rise 
_ndb_struct_na_base_pair_step.inclination 
_ndb_struct_na_base_pair_step.tip 
_ndb_struct_na_base_pair_step.helical_twist 
_ndb_struct_na_base_pair_step.step_number 
_ndb_struct_na_base_pair_step.step_name 
_ndb_struct_na_base_pair_step.i_auth_asym_id_1 
_ndb_struct_na_base_pair_step.i_auth_seq_id_1 
_ndb_struct_na_base_pair_step.i_PDB_ins_code_1 
_ndb_struct_na_base_pair_step.j_auth_asym_id_1 
_ndb_struct_na_base_pair_step.j_auth_seq_id_1 
_ndb_struct_na_base_pair_step.j_PDB_ins_code_1 
_ndb_struct_na_base_pair_step.i_auth_asym_id_2 
_ndb_struct_na_base_pair_step.i_auth_seq_id_2 
_ndb_struct_na_base_pair_step.i_PDB_ins_code_2 
_ndb_struct_na_base_pair_step.j_auth_asym_id_2 
_ndb_struct_na_base_pair_step.j_auth_seq_id_2 
_ndb_struct_na_base_pair_step.j_PDB_ins_code_2 
1 A DA 2  1_555 C DT 7 1_555 A DG 3  1_555 C DC 6 1_555 0.304  -0.726 3.461 -2.589  8.452   39.461 -2.033 -0.741 3.219 12.331  
3.776   40.401 1  AA_DA2DG3:DC13DT14_CC A 2  ? C 14 ? A 3  ? C 13 ? 
1 A DG 3  1_555 C DC 6 1_555 A DC 4  1_555 C DG 5 1_555 -0.815 -1.525 3.299 -3.032  0.712   27.389 -3.378 0.959  3.328 1.498   
6.376   27.562 2  AA_DG3DC4:DG12DC13_CC A 3  ? C 13 ? A 4  ? C 12 ? 
1 A DC 4  1_555 C DG 5 1_555 A DA 5  1_555 C DT 4 1_555 -0.893 -0.424 3.253 -2.559  6.359   43.437 -1.164 0.953  3.208 8.529   
3.433   43.948 3  AA_DC4DA5:DT11DG12_CC A 4  ? C 12 ? A 5  ? C 11 ? 
1 A DA 5  1_555 C DT 4 1_555 A DG 6  1_555 C DC 3 1_555 0.328  -1.381 2.914 -9.802  11.888  25.957 -4.577 -2.214 1.878 23.967  
19.761  30.118 4  AA_DA5DG6:DC10DT11_CC A 5  ? C 11 ? A 6  ? C 10 ? 
1 A DG 6  1_555 C DC 3 1_555 A DC 7  1_555 C DG 2 1_555 -0.007 -1.611 3.272 -2.362  -0.492  27.365 -3.270 -0.568 3.288 -1.037  
4.980   27.469 5  AA_DG6DC7:DG9DC10_CC  A 6  ? C 10 ? A 7  ? C 9  ? 
1 A DC 7  1_555 C DG 2 1_555 A DC 8  1_555 C DG 1 1_555 -0.516 -0.765 3.663 -7.547  -8.065  42.548 -0.139 -0.138 3.775 -10.896 
10.195  43.894 6  AA_DC7DC8:DG8DG9_CC   A 7  ? C 9  ? A 8  ? C 8  ? 
1 A DC 8  1_555 C DG 1 1_555 A DT 9  1_555 B DA 7 1_555 -2.055 -0.938 3.417 -1.736  -11.828 21.565 1.953  4.210  3.587 -28.926 
4.245   24.623 7  AA_DC8DT9:DA7DG8_BC   A 8  ? C 8  ? A 9  ? B 7  ? 
1 A DT 9  1_555 B DA 7 1_555 A DG 10 1_555 B DC 6 1_555 0.366  -0.662 3.307 -3.698  4.122   31.369 -1.952 -1.336 3.135 7.550   
6.774   31.842 8  AA_DT9DG10:DC6DA7_BB  A 9  ? B 7  ? A 10 ? B 6  ? 
1 A DG 10 1_555 B DC 6 1_555 A DT 11 1_555 B DA 5 1_555 -0.658 -0.712 3.273 6.442   4.659   23.569 -2.993 3.380  2.806 11.013  
-15.226 24.856 9  AA_DG10DT11:DA5DC6_BB A 10 ? B 6  ? A 11 ? B 5  ? 
1 A DT 11 1_555 B DA 5 1_555 A DT 12 1_555 B DT 4 1_555 -1.076 -0.598 3.565 0.803   2.626   45.475 -1.022 1.466  3.508 3.393   
-1.038  45.553 10 AA_DT11DT12:DT4DA5_BB A 11 ? B 5  ? A 12 ? B 4  ? 
1 A DT 12 1_555 B DT 4 1_555 A DT 13 1_555 B DA 3 1_555 0.552  -0.841 3.653 1.142   5.483   33.446 -2.411 -0.745 3.492 9.445   
-1.967  33.898 11 AA_DT12DT13:DA3DT4_BB A 12 ? B 4  ? A 13 ? B 3  ? 
1 A DT 13 1_555 B DA 3 1_555 A DG 14 1_555 B DC 2 1_555 -0.587 2.574  3.551 -4.164  -6.880  45.706 3.874  0.379  3.191 -8.777  
5.312   46.371 12 AA_DT13DG14:DC2DA3_BB A 13 ? B 3  ? A 14 ? B 2  ? 
1 A DG 14 1_555 B DC 2 1_555 A DG 15 1_555 B DC 1 1_555 0.199  1.247  3.829 -5.034  2.952   44.353 1.321  -0.803 3.857 3.890   
6.633   44.716 13 AA_DG14DG15:DC1DC2_BB A 14 ? B 2  ? A 15 ? B 1  ? 
1 A DG 15 1_555 B DC 1 1_555 A DA 16 1_555 D DT 7 1_555 -1.339 -0.395 2.735 -17.913 -2.394  25.102 -0.286 -0.891 3.030 -4.795  
35.879  30.846 14 AA_DG15DA16:DT7DC1_DB A 15 ? B 1  ? A 16 ? D 7  ? 
1 A DA 16 1_555 D DT 7 1_555 A DC 17 1_555 D DG 6 1_555 -0.349 -1.191 3.426 2.101   -1.335  26.955 -2.188 1.305  3.443 -2.856  
-4.496  27.067 15 AA_DA16DC17:DG6DT7_DD A 16 ? D 7  ? A 17 ? D 6  ? 
1 A DC 17 1_555 D DG 6 1_555 A DA 18 1_555 D DT 5 1_555 -0.222 0.171  2.958 -1.523  -8.674  38.959 1.152  0.167  2.863 -12.807 
2.248   39.905 16 AA_DC17DA18:DT5DG6_DD A 17 ? D 6  ? A 18 ? D 5  ? 
1 A DA 18 1_555 D DT 5 1_555 A DT 19 1_555 D DA 4 1_555 0.054  -0.888 3.333 2.145   -0.533  35.683 -1.368 0.228  3.343 -0.869  
-3.497  35.749 17 AA_DA18DT19:DA4DT5_DD A 18 ? D 5  ? A 19 ? D 4  ? 
1 A DT 19 1_555 D DA 4 1_555 A DC 20 1_555 D DG 3 1_555 0.307  -0.085 3.377 1.146   -5.726  42.362 0.477  -0.303 3.367 -7.879  
-1.576  42.744 18 AA_DT19DC20:DG3DA4_DD A 19 ? D 4  ? A 20 ? D 3  ? 
1 A DC 20 1_555 D DG 3 1_555 A DA 21 1_555 D DT 2 1_555 -0.535 -0.479 3.462 3.652   3.299   30.389 -1.575 1.752  3.308 6.243   
-6.910  30.776 19 AA_DC20DA21:DT2DG3_DD A 20 ? D 3  ? A 21 ? D 2  ? 
# 
loop_
_pdbx_audit_support.funding_organization 
_pdbx_audit_support.country 
_pdbx_audit_support.grant_number 
_pdbx_audit_support.ordinal 
'Office of Naval Research (ONR)'                                 'United States' N000141912596                      1 
'Department of Energy (DOE, United States)'                      'United States' DE-SC0007991                       2 
'National Science Foundation (NSF, United States)'               'United States' 2106790                            3 
'Human Frontier Science Program (HFSP)'                          'United States' RPG0010/2017                       4 
'National Science Foundation (NSF, United States)'               'United States' DMR-1420073                        5 
'National Aeronautic Space Administration (NASA, United States)' 'United States' '2020 NASA Center Innovation Fund' 6 
# 
_pdbx_initial_refinement_model.id               1 
_pdbx_initial_refinement_model.entity_id_list   ? 
_pdbx_initial_refinement_model.type             'experimental model' 
_pdbx_initial_refinement_model.source_name      PDB 
_pdbx_initial_refinement_model.accession_code   5W6W 
_pdbx_initial_refinement_model.details          ? 
# 
_pdbx_struct_assembly_auth_evidence.id                     1 
_pdbx_struct_assembly_auth_evidence.assembly_id            1 
_pdbx_struct_assembly_auth_evidence.experimental_support   'native gel electrophoresis' 
_pdbx_struct_assembly_auth_evidence.details                ? 
# 
_space_group.name_H-M_alt     'R 3 :H' 
_space_group.name_Hall        'R 3' 
_space_group.IT_number        146 
_space_group.crystal_system   trigonal 
_space_group.id               1 
# 
